data_5PGM
#
_entry.id   5PGM
#
_cell.length_a   82.497
_cell.length_b   93.262
_cell.length_c   147.329
_cell.angle_alpha   90.00
_cell.angle_beta   90.15
_cell.angle_gamma   90.00
#
_symmetry.space_group_name_H-M   'P 1 21 1'
#
loop_
_entity.id
_entity.type
_entity.pdbx_description
1 polymer 'PHOSPHOGLYCERATE MUTASE 1'
2 non-polymer 'SULFATE ION'
3 non-polymer ALANINE
4 water water
#
_entity_poly.entity_id   1
_entity_poly.type   'polypeptide(L)'
_entity_poly.pdbx_seq_one_letter_code
;PKLVLVRHGQSEWNEKNLFTGWVDVKLSAKGQQEAARAGELLKEKKVYPDVLYTSKLSRAIQTANIALEKADRLWIPVNR
SWRLNERHYGDLQGKDKAETLKKFGEEKFNTYRRSFDVPPPPIDASSPFSQKGDERYKYVDPNVLPETESLALVIDRLLP
YWQDVIAKDLLSGKTVMIAAHGNSLRGLVKHLEGISDADIAKLNIPTGIPLVFELDENLKPSKPSYYLDPEAAAAGAAAV
ANQGKK
;
_entity_poly.pdbx_strand_id   D,C,A,B,E,F,G,H
#
loop_
_chem_comp.id
_chem_comp.type
_chem_comp.name
_chem_comp.formula
SO4 non-polymer 'SULFATE ION' 'O4 S -2'
#
# COMPACT_ATOMS: atom_id res chain seq x y z
N PRO A 1 10.46 38.96 -23.55
CA PRO A 1 11.60 38.16 -24.06
C PRO A 1 12.83 39.06 -24.17
N LYS A 2 14.03 38.48 -24.06
CA LYS A 2 15.27 39.23 -24.15
C LYS A 2 16.19 38.51 -25.09
N LEU A 3 16.78 39.27 -25.98
CA LEU A 3 17.65 38.76 -27.00
C LEU A 3 18.97 39.56 -27.02
N VAL A 4 20.09 38.84 -27.15
CA VAL A 4 21.41 39.43 -27.18
C VAL A 4 22.09 39.04 -28.47
N LEU A 5 22.55 40.06 -29.19
CA LEU A 5 23.24 39.85 -30.46
C LEU A 5 24.73 40.15 -30.34
N VAL A 6 25.57 39.23 -30.81
CA VAL A 6 26.99 39.49 -30.75
C VAL A 6 27.62 39.29 -32.12
N ARG A 7 28.23 40.33 -32.64
CA ARG A 7 28.90 40.22 -33.93
C ARG A 7 30.37 39.91 -33.67
N HIS A 8 30.91 38.94 -34.39
CA HIS A 8 32.27 38.56 -34.19
C HIS A 8 33.24 39.62 -34.72
N GLY A 9 34.39 39.74 -34.07
CA GLY A 9 35.42 40.68 -34.49
C GLY A 9 36.09 40.13 -35.74
N GLN A 10 37.08 40.83 -36.24
CA GLN A 10 37.73 40.41 -37.47
C GLN A 10 38.31 39.02 -37.59
N SER A 11 38.18 38.49 -38.79
CA SER A 11 38.74 37.23 -39.17
C SER A 11 40.18 37.57 -39.70
N GLU A 12 40.93 36.54 -40.07
CA GLU A 12 42.26 36.69 -40.60
C GLU A 12 42.26 37.28 -41.99
N TRP A 13 41.17 37.08 -42.75
CA TRP A 13 41.04 37.64 -44.10
C TRP A 13 40.73 39.14 -44.21
N ASN A 14 40.19 39.73 -43.15
CA ASN A 14 39.86 41.15 -43.16
C ASN A 14 41.15 41.94 -43.33
N GLU A 15 42.16 41.59 -42.54
CA GLU A 15 43.45 42.22 -42.63
C GLU A 15 44.01 42.01 -44.06
N LYS A 16 43.86 40.80 -44.59
CA LYS A 16 44.37 40.45 -45.93
C LYS A 16 43.59 41.06 -47.12
N ASN A 17 42.50 41.77 -46.81
CA ASN A 17 41.62 42.41 -47.81
C ASN A 17 40.99 41.39 -48.78
N LEU A 18 40.33 40.36 -48.25
CA LEU A 18 39.69 39.37 -49.13
C LEU A 18 38.26 39.19 -48.69
N PHE A 19 37.36 38.94 -49.64
CA PHE A 19 35.95 38.72 -49.29
C PHE A 19 35.86 37.30 -48.75
N THR A 20 35.24 37.19 -47.57
CA THR A 20 35.04 35.95 -46.82
C THR A 20 33.72 35.19 -47.12
N GLY A 21 32.61 35.82 -46.73
CA GLY A 21 31.30 35.22 -46.94
C GLY A 21 31.20 33.92 -46.17
N TRP A 22 30.89 32.82 -46.87
CA TRP A 22 30.77 31.53 -46.22
C TRP A 22 32.10 30.81 -46.00
N VAL A 23 33.22 31.30 -46.55
CA VAL A 23 34.51 30.64 -46.33
C VAL A 23 34.75 30.62 -44.83
N ASP A 24 35.15 29.48 -44.30
CA ASP A 24 35.34 29.35 -42.85
C ASP A 24 36.69 29.80 -42.35
N VAL A 25 36.88 31.11 -42.38
CA VAL A 25 38.12 31.74 -41.98
C VAL A 25 38.20 31.92 -40.47
N LYS A 26 39.37 31.66 -39.87
CA LYS A 26 39.50 31.83 -38.40
C LYS A 26 39.48 33.24 -37.89
N LEU A 27 38.98 33.40 -36.67
CA LEU A 27 38.88 34.68 -36.00
C LEU A 27 40.36 35.12 -35.80
N SER A 28 40.62 36.42 -35.91
CA SER A 28 41.97 36.93 -35.75
C SER A 28 42.27 37.11 -34.26
N ALA A 29 43.54 37.31 -33.94
CA ALA A 29 43.91 37.54 -32.56
C ALA A 29 43.08 38.68 -31.98
N LYS A 30 42.86 39.73 -32.77
CA LYS A 30 42.06 40.86 -32.33
C LYS A 30 40.57 40.45 -32.22
N GLY A 31 40.17 39.48 -33.03
CA GLY A 31 38.79 39.02 -32.95
C GLY A 31 38.64 38.31 -31.60
N GLN A 32 39.64 37.51 -31.22
CA GLN A 32 39.62 36.80 -29.94
C GLN A 32 39.50 37.71 -28.72
N GLN A 33 40.13 38.89 -28.79
CA GLN A 33 40.12 39.85 -27.68
C GLN A 33 38.78 40.55 -27.60
N GLU A 34 38.21 40.86 -28.75
CA GLU A 34 36.87 41.52 -28.78
C GLU A 34 35.83 40.53 -28.21
N ALA A 35 36.03 39.23 -28.48
CA ALA A 35 35.17 38.13 -27.98
C ALA A 35 35.22 38.12 -26.44
N ALA A 36 36.43 38.18 -25.90
CA ALA A 36 36.65 38.20 -24.45
C ALA A 36 36.01 39.43 -23.86
N ARG A 37 36.12 40.56 -24.56
CA ARG A 37 35.52 41.81 -24.10
C ARG A 37 33.98 41.72 -24.15
N ALA A 38 33.43 41.06 -25.19
CA ALA A 38 31.97 40.86 -25.36
C ALA A 38 31.39 40.04 -24.17
N GLY A 39 32.12 39.00 -23.78
CA GLY A 39 31.68 38.21 -22.65
C GLY A 39 31.84 38.93 -21.32
N GLU A 40 32.89 39.74 -21.20
CA GLU A 40 33.13 40.52 -19.99
C GLU A 40 31.98 41.52 -19.82
N LEU A 41 31.50 42.08 -20.93
CA LEU A 41 30.36 43.03 -20.88
C LEU A 41 29.05 42.37 -20.41
N LEU A 42 28.78 41.15 -20.89
CA LEU A 42 27.57 40.39 -20.51
C LEU A 42 27.51 40.24 -18.98
N LYS A 43 28.64 39.88 -18.36
CA LYS A 43 28.71 39.71 -16.91
C LYS A 43 28.58 41.03 -16.18
N GLU A 44 29.39 41.99 -16.61
CA GLU A 44 29.44 43.34 -16.04
C GLU A 44 28.03 43.91 -16.02
N LYS A 45 27.38 43.84 -17.19
CA LYS A 45 26.04 44.35 -17.37
C LYS A 45 24.85 43.44 -16.99
N LYS A 46 25.14 42.28 -16.41
CA LYS A 46 24.12 41.34 -15.95
C LYS A 46 23.12 40.82 -17.01
N VAL A 47 23.66 40.39 -18.13
CA VAL A 47 22.86 39.81 -19.21
C VAL A 47 23.33 38.38 -19.25
N TYR A 48 22.47 37.50 -18.75
CA TYR A 48 22.74 36.07 -18.63
C TYR A 48 21.98 35.19 -19.64
N PRO A 49 22.63 34.83 -20.76
CA PRO A 49 21.97 33.99 -21.76
C PRO A 49 21.61 32.59 -21.22
N ASP A 50 20.44 32.09 -21.65
CA ASP A 50 19.95 30.78 -21.22
C ASP A 50 20.23 29.76 -22.30
N VAL A 51 20.50 30.22 -23.50
CA VAL A 51 20.71 29.32 -24.61
C VAL A 51 21.44 30.13 -25.69
N LEU A 52 22.22 29.42 -26.49
CA LEU A 52 22.99 30.07 -27.51
C LEU A 52 22.68 29.50 -28.87
N TYR A 53 22.71 30.40 -29.86
CA TYR A 53 22.51 30.08 -31.27
C TYR A 53 23.72 30.65 -31.98
N THR A 54 24.29 29.86 -32.86
CA THR A 54 25.42 30.33 -33.63
C THR A 54 25.20 29.89 -35.04
N SER A 55 26.01 30.44 -35.95
CA SER A 55 25.98 30.04 -37.33
C SER A 55 26.87 28.81 -37.40
N LYS A 56 27.08 28.30 -38.60
CA LYS A 56 27.99 27.20 -38.77
C LYS A 56 29.43 27.62 -39.14
N LEU A 57 29.76 28.91 -38.94
CA LEU A 57 31.11 29.40 -39.26
C LEU A 57 31.96 29.57 -38.01
N SER A 58 33.18 29.03 -38.06
CA SER A 58 34.10 29.07 -36.91
C SER A 58 34.29 30.39 -36.18
N ARG A 59 34.46 31.50 -36.90
CA ARG A 59 34.66 32.82 -36.26
C ARG A 59 33.54 33.23 -35.30
N ALA A 60 32.28 32.94 -35.65
CA ALA A 60 31.16 33.27 -34.77
C ALA A 60 31.14 32.31 -33.60
N ILE A 61 31.38 31.03 -33.90
CA ILE A 61 31.41 30.00 -32.87
C ILE A 61 32.49 30.30 -31.83
N GLN A 62 33.72 30.49 -32.29
CA GLN A 62 34.80 30.79 -31.36
C GLN A 62 34.53 32.05 -30.58
N THR A 63 33.86 33.01 -31.20
CA THR A 63 33.57 34.25 -30.51
C THR A 63 32.64 33.91 -29.35
N ALA A 64 31.67 33.05 -29.64
CA ALA A 64 30.70 32.65 -28.61
C ALA A 64 31.37 31.90 -27.45
N ASN A 65 32.18 30.91 -27.80
CA ASN A 65 32.91 30.12 -26.81
C ASN A 65 33.77 31.04 -25.92
N ILE A 66 34.55 31.93 -26.53
CA ILE A 66 35.36 32.86 -25.77
C ILE A 66 34.50 33.75 -24.88
N ALA A 67 33.41 34.27 -25.44
CA ALA A 67 32.52 35.16 -24.69
C ALA A 67 31.87 34.48 -23.49
N LEU A 68 31.47 33.22 -23.67
CA LEU A 68 30.78 32.52 -22.58
C LEU A 68 31.76 32.08 -21.49
N GLU A 69 32.99 31.81 -21.91
CA GLU A 69 34.02 31.47 -20.95
C GLU A 69 34.14 32.69 -20.03
N LYS A 70 34.21 33.90 -20.59
CA LYS A 70 34.33 35.09 -19.74
C LYS A 70 33.09 35.41 -18.93
N ALA A 71 31.91 35.01 -19.45
CA ALA A 71 30.66 35.29 -18.76
C ALA A 71 30.31 34.23 -17.70
N ASP A 72 31.05 33.11 -17.73
CA ASP A 72 30.87 31.98 -16.79
C ASP A 72 29.51 31.29 -17.05
N ARG A 73 29.20 31.10 -18.33
CA ARG A 73 27.97 30.49 -18.76
C ARG A 73 28.26 29.58 -19.94
N LEU A 74 29.38 28.88 -19.85
CA LEU A 74 29.85 27.99 -20.87
C LEU A 74 28.95 26.75 -20.97
N TRP A 75 28.22 26.51 -19.91
CA TRP A 75 27.37 25.35 -19.80
C TRP A 75 26.04 25.37 -20.53
N ILE A 76 25.57 26.54 -20.97
CA ILE A 76 24.27 26.67 -21.64
C ILE A 76 24.13 25.85 -22.94
N PRO A 77 22.88 25.47 -23.29
CA PRO A 77 22.73 24.69 -24.53
C PRO A 77 23.07 25.50 -25.78
N VAL A 78 23.65 24.84 -26.78
CA VAL A 78 24.01 25.51 -28.01
C VAL A 78 23.41 24.85 -29.25
N ASN A 79 22.85 25.69 -30.13
CA ASN A 79 22.25 25.25 -31.41
C ASN A 79 22.93 26.04 -32.53
N ARG A 80 23.25 25.37 -33.63
CA ARG A 80 23.90 26.02 -34.78
C ARG A 80 23.03 25.81 -36.05
N SER A 81 23.03 26.81 -36.96
CA SER A 81 22.27 26.72 -38.21
C SER A 81 22.95 27.49 -39.31
N TRP A 82 22.97 26.92 -40.52
CA TRP A 82 23.54 27.59 -41.67
C TRP A 82 22.75 28.86 -41.95
N ARG A 83 21.54 28.95 -41.42
CA ARG A 83 20.65 30.09 -41.65
C ARG A 83 21.05 31.35 -40.91
N LEU A 84 22.02 31.21 -39.98
CA LEU A 84 22.54 32.36 -39.25
C LEU A 84 23.89 32.74 -39.91
N ASN A 85 24.31 31.97 -40.92
CA ASN A 85 25.54 32.25 -41.65
C ASN A 85 25.61 33.69 -42.23
N GLU A 86 26.84 34.12 -42.48
CA GLU A 86 27.13 35.39 -43.11
C GLU A 86 26.55 35.30 -44.52
N ARG A 87 26.35 36.46 -45.14
CA ARG A 87 25.89 36.49 -46.52
C ARG A 87 26.96 35.83 -47.39
N HIS A 88 26.53 34.87 -48.22
CA HIS A 88 27.40 34.19 -49.15
C HIS A 88 27.82 35.27 -50.14
N TYR A 89 29.10 35.29 -50.49
CA TYR A 89 29.63 36.35 -51.37
C TYR A 89 29.75 36.00 -52.83
N GLY A 90 29.36 34.80 -53.20
CA GLY A 90 29.44 34.39 -54.56
C GLY A 90 30.84 34.22 -55.09
N ASP A 91 31.08 34.60 -56.33
CA ASP A 91 32.40 34.47 -56.96
C ASP A 91 33.41 35.39 -56.28
N LEU A 92 32.91 36.36 -55.53
CA LEU A 92 33.74 37.29 -54.81
C LEU A 92 34.42 36.64 -53.57
N GLN A 93 34.03 35.43 -53.19
CA GLN A 93 34.61 34.76 -52.03
C GLN A 93 36.06 34.42 -52.27
N GLY A 94 36.96 34.98 -51.45
CA GLY A 94 38.37 34.67 -51.58
C GLY A 94 39.07 35.51 -52.63
N LYS A 95 38.45 36.63 -52.99
CA LYS A 95 38.99 37.54 -53.97
C LYS A 95 39.35 38.80 -53.27
N ASP A 96 40.36 39.46 -53.83
CA ASP A 96 40.90 40.72 -53.30
C ASP A 96 39.96 41.90 -53.52
N LYS A 97 39.65 42.60 -52.44
CA LYS A 97 38.73 43.72 -52.51
C LYS A 97 39.21 44.87 -53.38
N ALA A 98 40.51 45.08 -53.43
CA ALA A 98 41.07 46.15 -54.27
C ALA A 98 40.91 45.77 -55.76
N GLU A 99 41.32 44.56 -56.13
CA GLU A 99 41.21 44.05 -57.50
C GLU A 99 39.80 43.91 -58.02
N THR A 100 38.88 43.71 -57.09
CA THR A 100 37.47 43.59 -57.39
C THR A 100 36.92 44.95 -57.80
N LEU A 101 37.36 46.02 -57.13
CA LEU A 101 36.94 47.38 -57.45
C LEU A 101 37.45 47.79 -58.85
N LYS A 102 38.68 47.42 -59.17
CA LYS A 102 39.28 47.69 -60.45
C LYS A 102 38.53 46.93 -61.53
N LYS A 103 38.10 45.71 -61.20
CA LYS A 103 37.42 44.87 -62.18
C LYS A 103 35.98 45.25 -62.52
N PHE A 104 35.25 45.66 -61.50
CA PHE A 104 33.84 46.00 -61.67
C PHE A 104 33.52 47.49 -61.71
N GLY A 105 34.38 48.29 -61.07
CA GLY A 105 34.21 49.71 -61.01
C GLY A 105 33.44 50.10 -59.79
N GLU A 106 33.60 51.35 -59.38
CA GLU A 106 32.96 51.93 -58.22
C GLU A 106 31.48 51.54 -58.06
N GLU A 107 30.65 51.89 -59.04
CA GLU A 107 29.21 51.62 -58.99
C GLU A 107 28.82 50.14 -58.76
N LYS A 108 29.30 49.26 -59.63
CA LYS A 108 29.02 47.85 -59.52
C LYS A 108 29.59 47.24 -58.23
N PHE A 109 30.78 47.70 -57.82
CA PHE A 109 31.41 47.22 -56.59
C PHE A 109 30.55 47.62 -55.38
N ASN A 110 30.06 48.86 -55.36
CA ASN A 110 29.21 49.30 -54.25
C ASN A 110 27.94 48.50 -54.30
N THR A 111 27.50 48.16 -55.51
CA THR A 111 26.27 47.37 -55.71
C THR A 111 26.37 46.00 -55.05
N TYR A 112 27.37 45.23 -55.45
CA TYR A 112 27.62 43.91 -54.88
C TYR A 112 27.86 43.93 -53.38
N ARG A 113 28.45 45.01 -52.88
CA ARG A 113 28.74 45.15 -51.46
C ARG A 113 27.57 45.62 -50.60
N ARG A 114 26.87 46.66 -51.03
CA ARG A 114 25.80 47.22 -50.22
C ARG A 114 24.35 47.42 -50.75
N SER A 115 24.02 46.87 -51.92
CA SER A 115 22.62 46.97 -52.37
C SER A 115 21.80 45.90 -51.65
N PHE A 116 20.53 46.16 -51.43
CA PHE A 116 19.66 45.21 -50.77
C PHE A 116 19.36 43.92 -51.56
N ASP A 117 19.16 44.02 -52.87
CA ASP A 117 18.77 42.84 -53.65
C ASP A 117 19.54 42.38 -54.89
N VAL A 118 20.71 42.95 -55.11
CA VAL A 118 21.52 42.53 -56.26
C VAL A 118 22.68 41.75 -55.64
N PRO A 119 22.71 40.43 -55.87
CA PRO A 119 23.77 39.61 -55.33
C PRO A 119 25.00 39.62 -56.21
N PRO A 120 26.13 39.15 -55.68
CA PRO A 120 27.38 39.08 -56.42
C PRO A 120 27.14 38.04 -57.48
N PRO A 121 28.05 37.87 -58.44
CA PRO A 121 27.83 36.83 -59.45
C PRO A 121 27.95 35.52 -58.66
N PRO A 122 27.30 34.44 -59.11
CA PRO A 122 27.40 33.17 -58.37
C PRO A 122 28.76 32.52 -58.50
N ILE A 123 29.13 31.76 -57.48
CA ILE A 123 30.42 31.08 -57.51
C ILE A 123 30.18 29.70 -58.10
N ASP A 124 31.19 29.19 -58.78
CA ASP A 124 31.16 27.88 -59.39
C ASP A 124 31.49 26.80 -58.36
N ALA A 125 30.81 25.65 -58.47
CA ALA A 125 31.00 24.52 -57.56
C ALA A 125 32.42 23.94 -57.44
N SER A 126 33.26 24.20 -58.44
CA SER A 126 34.67 23.73 -58.48
C SER A 126 35.68 24.58 -57.73
N SER A 127 35.35 25.86 -57.58
CA SER A 127 36.19 26.84 -56.91
C SER A 127 36.63 26.36 -55.53
N PRO A 128 37.91 26.54 -55.19
CA PRO A 128 38.29 26.09 -53.85
C PRO A 128 37.63 26.99 -52.77
N PHE A 129 36.86 27.99 -53.21
CA PHE A 129 36.14 28.94 -52.33
C PHE A 129 34.63 28.75 -52.30
N SER A 130 34.20 27.60 -52.87
CA SER A 130 32.80 27.17 -52.89
C SER A 130 32.57 26.22 -51.71
N GLN A 131 31.47 26.39 -50.96
CA GLN A 131 31.16 25.49 -49.84
C GLN A 131 30.25 24.31 -50.21
N LYS A 132 29.96 24.18 -51.51
CA LYS A 132 29.09 23.09 -51.95
C LYS A 132 29.69 21.72 -51.65
N GLY A 133 28.93 20.89 -50.95
CA GLY A 133 29.41 19.56 -50.60
C GLY A 133 30.18 19.51 -49.30
N ASP A 134 30.32 20.67 -48.63
CA ASP A 134 31.03 20.74 -47.36
C ASP A 134 30.22 19.93 -46.32
N GLU A 135 30.95 19.21 -45.48
CA GLU A 135 30.35 18.35 -44.48
C GLU A 135 29.36 18.98 -43.51
N ARG A 136 29.60 20.22 -43.11
CA ARG A 136 28.70 20.84 -42.15
C ARG A 136 27.31 21.16 -42.69
N TYR A 137 27.13 20.91 -43.98
CA TYR A 137 25.83 21.21 -44.64
C TYR A 137 25.22 19.95 -45.28
N LYS A 138 25.85 18.82 -45.07
CA LYS A 138 25.43 17.58 -45.69
C LYS A 138 24.01 17.09 -45.38
N TYR A 139 23.42 17.60 -44.31
CA TYR A 139 22.06 17.19 -43.96
C TYR A 139 21.00 18.21 -44.37
N VAL A 140 21.41 19.26 -45.09
CA VAL A 140 20.47 20.27 -45.55
C VAL A 140 20.16 19.96 -47.00
N ASP A 141 18.93 20.25 -47.42
CA ASP A 141 18.48 20.09 -48.82
C ASP A 141 19.52 20.81 -49.71
N PRO A 142 20.24 20.06 -50.57
CA PRO A 142 21.25 20.65 -51.45
C PRO A 142 20.74 21.79 -52.33
N ASN A 143 19.46 21.71 -52.70
CA ASN A 143 18.83 22.69 -53.57
C ASN A 143 18.71 24.06 -52.96
N VAL A 144 18.62 24.15 -51.65
CA VAL A 144 18.46 25.45 -51.01
C VAL A 144 19.75 26.24 -50.68
N LEU A 145 20.89 25.54 -50.57
CA LEU A 145 22.17 26.19 -50.25
C LEU A 145 22.62 27.13 -51.40
N PRO A 146 22.81 28.41 -51.07
CA PRO A 146 23.21 29.50 -52.00
C PRO A 146 24.59 29.45 -52.65
N GLU A 147 24.69 29.99 -53.86
CA GLU A 147 25.98 30.08 -54.53
C GLU A 147 26.39 31.54 -54.66
N THR A 148 25.58 32.39 -54.01
CA THR A 148 25.75 33.84 -53.90
C THR A 148 24.54 34.40 -53.18
N GLU A 149 24.66 35.51 -52.48
CA GLU A 149 23.47 36.07 -51.86
C GLU A 149 23.54 37.57 -51.81
N SER A 150 22.39 38.16 -51.56
CA SER A 150 22.25 39.57 -51.36
C SER A 150 21.65 39.60 -49.95
N LEU A 151 21.64 40.75 -49.31
CA LEU A 151 21.07 40.84 -47.98
C LEU A 151 19.58 40.45 -47.98
N ALA A 152 18.87 40.70 -49.07
CA ALA A 152 17.43 40.37 -49.16
C ALA A 152 17.30 38.86 -48.98
N LEU A 153 18.11 38.13 -49.73
CA LEU A 153 18.15 36.67 -49.68
C LEU A 153 18.54 36.13 -48.30
N VAL A 154 19.51 36.76 -47.66
CA VAL A 154 19.95 36.34 -46.34
C VAL A 154 18.73 36.41 -45.42
N ILE A 155 18.06 37.55 -45.44
CA ILE A 155 16.89 37.70 -44.60
C ILE A 155 15.82 36.64 -44.95
N ASP A 156 15.73 36.25 -46.22
CA ASP A 156 14.73 35.25 -46.67
C ASP A 156 14.97 33.87 -45.97
N ARG A 157 16.22 33.40 -45.98
CA ARG A 157 16.55 32.11 -45.37
C ARG A 157 16.78 32.13 -43.89
N LEU A 158 16.84 33.33 -43.31
CA LEU A 158 17.06 33.45 -41.88
C LEU A 158 15.76 33.41 -41.12
N LEU A 159 14.78 34.15 -41.60
CA LEU A 159 13.50 34.25 -40.92
C LEU A 159 12.80 32.94 -40.48
N PRO A 160 12.76 31.90 -41.33
CA PRO A 160 12.10 30.64 -40.91
C PRO A 160 12.72 30.05 -39.65
N TYR A 161 14.04 30.21 -39.49
CA TYR A 161 14.78 29.73 -38.32
C TYR A 161 14.43 30.55 -37.09
N TRP A 162 14.33 31.87 -37.27
CA TRP A 162 13.91 32.78 -36.21
C TRP A 162 12.46 32.48 -35.76
N GLN A 163 11.57 32.36 -36.76
CA GLN A 163 10.13 32.10 -36.56
C GLN A 163 9.72 30.84 -35.76
N ASP A 164 10.39 29.72 -36.04
CA ASP A 164 10.11 28.43 -35.41
C ASP A 164 11.08 28.02 -34.31
N VAL A 165 12.37 28.17 -34.56
CA VAL A 165 13.35 27.74 -33.57
C VAL A 165 13.72 28.76 -32.47
N ILE A 166 14.34 29.89 -32.84
CA ILE A 166 14.72 30.89 -31.87
C ILE A 166 13.48 31.44 -31.17
N ALA A 167 12.39 31.66 -31.93
CA ALA A 167 11.16 32.18 -31.35
C ALA A 167 10.57 31.29 -30.24
N LYS A 168 10.77 29.96 -30.37
CA LYS A 168 10.25 29.02 -29.37
C LYS A 168 10.87 29.34 -28.02
N ASP A 169 12.20 29.46 -28.00
CA ASP A 169 12.96 29.82 -26.79
C ASP A 169 12.62 31.18 -26.21
N LEU A 170 12.48 32.19 -27.06
CA LEU A 170 12.12 33.53 -26.57
C LEU A 170 10.72 33.52 -25.96
N LEU A 171 9.78 32.85 -26.64
CA LEU A 171 8.39 32.74 -26.18
C LEU A 171 8.21 31.80 -24.98
N SER A 172 9.27 31.06 -24.65
CA SER A 172 9.31 30.18 -23.49
C SER A 172 9.93 30.95 -22.33
N GLY A 173 10.31 32.19 -22.58
CA GLY A 173 10.94 33.01 -21.55
C GLY A 173 12.45 32.88 -21.38
N LYS A 174 13.11 32.29 -22.36
CA LYS A 174 14.56 32.08 -22.36
C LYS A 174 15.32 33.31 -22.97
N THR A 175 16.42 33.73 -22.34
CA THR A 175 17.24 34.84 -22.84
C THR A 175 18.10 34.20 -23.88
N VAL A 176 17.93 34.64 -25.12
CA VAL A 176 18.65 34.06 -26.24
C VAL A 176 19.83 34.93 -26.68
N MET A 177 20.97 34.30 -26.91
CA MET A 177 22.16 35.00 -27.39
C MET A 177 22.40 34.40 -28.76
N ILE A 178 22.61 35.26 -29.73
CA ILE A 178 22.94 34.80 -31.08
C ILE A 178 24.34 35.31 -31.41
N ALA A 179 25.18 34.44 -31.93
CA ALA A 179 26.51 34.84 -32.27
C ALA A 179 26.53 34.61 -33.74
N ALA A 180 26.48 35.70 -34.49
CA ALA A 180 26.48 35.56 -35.91
C ALA A 180 27.38 36.59 -36.62
N HIS A 181 26.93 37.05 -37.78
CA HIS A 181 27.71 37.92 -38.62
C HIS A 181 27.06 39.23 -39.02
N GLY A 182 27.80 40.07 -39.72
CA GLY A 182 27.29 41.37 -40.11
C GLY A 182 25.99 41.35 -40.90
N ASN A 183 25.97 40.60 -41.99
CA ASN A 183 24.77 40.54 -42.79
C ASN A 183 23.59 39.88 -42.08
N SER A 184 23.83 38.73 -41.46
CA SER A 184 22.80 38.01 -40.79
C SER A 184 22.16 38.75 -39.61
N LEU A 185 22.95 39.51 -38.85
CA LEU A 185 22.44 40.26 -37.70
C LEU A 185 21.73 41.54 -38.16
N ARG A 186 22.25 42.14 -39.23
CA ARG A 186 21.69 43.37 -39.78
C ARG A 186 20.36 42.97 -40.41
N GLY A 187 20.34 41.84 -41.08
CA GLY A 187 19.09 41.32 -41.64
C GLY A 187 18.07 41.12 -40.51
N LEU A 188 18.49 40.55 -39.38
CA LEU A 188 17.56 40.36 -38.30
C LEU A 188 17.10 41.69 -37.69
N VAL A 189 18.02 42.66 -37.51
CA VAL A 189 17.66 43.97 -36.93
C VAL A 189 16.69 44.71 -37.87
N LYS A 190 16.91 44.57 -39.18
CA LYS A 190 16.05 45.21 -40.18
C LYS A 190 14.64 44.74 -39.97
N HIS A 191 14.52 43.42 -39.78
CA HIS A 191 13.23 42.77 -39.54
C HIS A 191 12.60 43.18 -38.21
N LEU A 192 13.41 43.24 -37.16
CA LEU A 192 12.88 43.60 -35.84
C LEU A 192 12.40 45.04 -35.71
N GLU A 193 13.12 45.94 -36.37
CA GLU A 193 12.82 47.35 -36.29
C GLU A 193 11.99 47.97 -37.43
N GLY A 194 11.89 47.23 -38.53
CA GLY A 194 11.11 47.71 -39.66
C GLY A 194 11.86 48.76 -40.47
N ILE A 195 13.14 48.49 -40.68
CA ILE A 195 14.02 49.39 -41.42
C ILE A 195 13.79 49.13 -42.92
N SER A 196 13.70 50.23 -43.69
CA SER A 196 13.41 50.16 -45.11
C SER A 196 14.48 49.50 -45.98
N ASP A 197 14.05 48.86 -47.08
CA ASP A 197 14.97 48.19 -48.02
C ASP A 197 16.06 49.22 -48.39
N ALA A 198 15.76 50.49 -48.16
CA ALA A 198 16.62 51.64 -48.48
C ALA A 198 17.58 52.17 -47.38
N ASP A 199 17.23 52.05 -46.10
CA ASP A 199 18.08 52.54 -44.99
C ASP A 199 18.98 51.50 -44.29
N ILE A 200 18.76 50.22 -44.55
CA ILE A 200 19.55 49.19 -43.89
C ILE A 200 21.01 49.20 -44.32
N ALA A 201 21.29 49.63 -45.55
CA ALA A 201 22.69 49.67 -46.00
C ALA A 201 23.56 50.58 -45.08
N LYS A 202 22.88 51.49 -44.37
CA LYS A 202 23.48 52.43 -43.45
C LYS A 202 23.74 51.86 -42.06
N LEU A 203 22.98 50.84 -41.63
CA LEU A 203 23.17 50.26 -40.28
C LEU A 203 24.47 49.50 -40.14
N ASN A 204 25.28 49.88 -39.16
CA ASN A 204 26.54 49.18 -38.91
C ASN A 204 26.40 48.59 -37.53
N ILE A 205 26.69 47.30 -37.44
CA ILE A 205 26.65 46.66 -36.15
C ILE A 205 28.11 46.47 -35.73
N PRO A 206 28.50 47.15 -34.64
CA PRO A 206 29.84 47.12 -34.04
C PRO A 206 30.25 45.73 -33.70
N THR A 207 31.47 45.38 -34.01
CA THR A 207 31.99 44.07 -33.67
C THR A 207 32.32 44.02 -32.16
N GLY A 208 32.17 42.84 -31.56
CA GLY A 208 32.52 42.63 -30.16
C GLY A 208 31.75 43.35 -29.08
N ILE A 209 30.59 43.89 -29.41
CA ILE A 209 29.76 44.55 -28.40
C ILE A 209 28.34 43.96 -28.47
N PRO A 210 27.85 43.40 -27.35
CA PRO A 210 26.51 42.83 -27.31
C PRO A 210 25.41 43.89 -27.56
N LEU A 211 24.42 43.59 -28.40
CA LEU A 211 23.28 44.50 -28.71
C LEU A 211 22.10 43.78 -28.07
N VAL A 212 21.46 44.40 -27.09
CA VAL A 212 20.36 43.77 -26.38
C VAL A 212 18.99 44.25 -26.81
N PHE A 213 18.13 43.29 -27.12
CA PHE A 213 16.77 43.65 -27.50
C PHE A 213 15.77 43.14 -26.49
N GLU A 214 15.05 44.03 -25.85
CA GLU A 214 13.98 43.60 -24.99
C GLU A 214 12.75 43.57 -25.96
N LEU A 215 12.13 42.39 -26.11
CA LEU A 215 11.00 42.20 -27.01
C LEU A 215 9.66 41.96 -26.27
N ASP A 216 8.53 42.31 -26.91
CA ASP A 216 7.20 42.07 -26.31
C ASP A 216 6.67 40.68 -26.74
N GLU A 217 5.48 40.31 -26.30
CA GLU A 217 4.89 39.01 -26.70
C GLU A 217 4.79 38.79 -28.26
N ASN A 218 5.05 39.83 -29.07
CA ASN A 218 5.03 39.68 -30.53
C ASN A 218 6.44 39.67 -31.09
N LEU A 219 7.42 39.65 -30.18
CA LEU A 219 8.83 39.66 -30.57
C LEU A 219 9.19 40.95 -31.33
N LYS A 220 8.51 42.03 -30.95
CA LYS A 220 8.77 43.33 -31.52
C LYS A 220 9.30 44.11 -30.32
N PRO A 221 10.28 44.99 -30.54
CA PRO A 221 10.90 45.81 -29.50
C PRO A 221 9.93 46.56 -28.59
N SER A 222 10.11 46.41 -27.28
CA SER A 222 9.28 47.08 -26.30
C SER A 222 9.95 48.39 -25.82
N LYS A 223 11.21 48.58 -26.21
CA LYS A 223 12.02 49.77 -25.91
C LYS A 223 13.20 49.66 -26.89
N PRO A 224 13.81 50.80 -27.28
CA PRO A 224 14.92 50.65 -28.23
C PRO A 224 16.07 49.75 -27.78
N SER A 225 16.65 49.05 -28.73
CA SER A 225 17.78 48.21 -28.46
C SER A 225 18.88 49.05 -27.77
N TYR A 226 19.90 48.40 -27.25
CA TYR A 226 20.97 49.11 -26.58
C TYR A 226 22.15 48.21 -26.54
N TYR A 227 23.30 48.78 -26.90
CA TYR A 227 24.56 48.05 -26.88
C TYR A 227 25.04 48.02 -25.43
N LEU A 228 25.84 47.03 -25.04
CA LEU A 228 26.28 46.98 -23.65
C LEU A 228 27.41 47.99 -23.30
N ASP A 229 28.03 48.55 -24.34
CA ASP A 229 29.05 49.60 -24.24
C ASP A 229 28.52 50.66 -25.24
N PRO A 230 27.58 51.50 -24.79
CA PRO A 230 26.99 52.54 -25.63
C PRO A 230 28.02 53.46 -26.32
N GLU A 231 29.10 53.84 -25.62
CA GLU A 231 30.14 54.73 -26.19
C GLU A 231 31.03 54.03 -27.21
N ALA A 232 31.51 52.84 -26.89
CA ALA A 232 32.36 52.07 -27.81
C ALA A 232 31.60 51.76 -29.09
N ALA A 233 30.27 51.68 -28.98
CA ALA A 233 29.38 51.37 -30.10
C ALA A 233 29.01 52.59 -30.96
N ALA A 234 28.84 53.75 -30.31
CA ALA A 234 28.48 54.99 -31.00
C ALA A 234 29.68 55.91 -31.33
N ALA A 235 30.89 55.35 -31.30
CA ALA A 235 32.11 56.13 -31.59
C ALA A 235 32.47 56.04 -33.08
N PRO B 1 31.65 1.61 -35.14
CA PRO B 1 31.57 2.90 -34.43
C PRO B 1 32.88 3.28 -33.72
N LYS B 2 33.19 4.57 -33.76
CA LYS B 2 34.43 5.12 -33.19
C LYS B 2 34.19 6.16 -32.13
N LEU B 3 34.79 5.95 -30.95
CA LEU B 3 34.64 6.87 -29.82
C LEU B 3 35.97 7.51 -29.40
N VAL B 4 35.94 8.83 -29.10
CA VAL B 4 37.16 9.51 -28.65
C VAL B 4 36.90 10.17 -27.33
N LEU B 5 37.69 9.80 -26.32
CA LEU B 5 37.59 10.38 -24.98
C LEU B 5 38.75 11.38 -24.79
N VAL B 6 38.46 12.50 -24.15
CA VAL B 6 39.45 13.52 -23.90
C VAL B 6 39.29 14.02 -22.49
N ARG B 7 40.32 13.73 -21.68
CA ARG B 7 40.34 14.14 -20.30
C ARG B 7 40.95 15.52 -20.25
N HIS B 8 40.28 16.44 -19.57
CA HIS B 8 40.82 17.78 -19.53
C HIS B 8 42.12 17.86 -18.78
N GLY B 9 42.94 18.85 -19.10
CA GLY B 9 44.20 19.10 -18.40
C GLY B 9 43.87 19.68 -17.04
N GLN B 10 44.87 20.08 -16.29
CA GLN B 10 44.55 20.57 -14.95
C GLN B 10 43.82 21.89 -14.84
N SER B 11 43.09 22.02 -13.73
CA SER B 11 42.35 23.21 -13.41
C SER B 11 43.16 24.07 -12.43
N GLU B 12 42.61 25.24 -12.12
CA GLU B 12 43.22 26.18 -11.22
C GLU B 12 43.30 25.60 -9.83
N TRP B 13 42.39 24.68 -9.51
CA TRP B 13 42.34 24.03 -8.21
C TRP B 13 43.31 22.85 -8.18
N ASN B 14 43.50 22.15 -9.30
CA ASN B 14 44.45 21.06 -9.27
C ASN B 14 45.83 21.69 -8.96
N GLU B 15 46.11 22.84 -9.59
CA GLU B 15 47.37 23.59 -9.41
C GLU B 15 47.68 23.98 -7.97
N LYS B 16 46.63 24.35 -7.25
CA LYS B 16 46.71 24.76 -5.87
C LYS B 16 46.48 23.59 -4.88
N ASN B 17 46.46 22.34 -5.34
CA ASN B 17 46.19 21.18 -4.45
C ASN B 17 44.82 21.18 -3.69
N LEU B 18 43.71 21.49 -4.41
CA LEU B 18 42.36 21.50 -3.80
C LEU B 18 41.46 20.46 -4.49
N PHE B 19 40.66 19.73 -3.71
CA PHE B 19 39.73 18.73 -4.27
C PHE B 19 38.61 19.50 -5.01
N THR B 20 38.41 19.18 -6.28
CA THR B 20 37.42 19.90 -7.09
C THR B 20 36.00 19.32 -7.12
N GLY B 21 35.88 18.12 -7.65
CA GLY B 21 34.57 17.52 -7.76
C GLY B 21 33.69 18.30 -8.73
N TRP B 22 32.54 18.69 -8.21
CA TRP B 22 31.56 19.41 -9.00
C TRP B 22 31.76 20.89 -8.97
N VAL B 23 32.73 21.37 -8.20
CA VAL B 23 32.99 22.83 -8.19
C VAL B 23 33.39 23.22 -9.60
N ASP B 24 32.74 24.26 -10.14
CA ASP B 24 32.99 24.63 -11.53
C ASP B 24 34.24 25.48 -11.67
N VAL B 25 35.38 24.84 -11.44
CA VAL B 25 36.68 25.51 -11.48
C VAL B 25 37.22 25.67 -12.91
N LYS B 26 37.78 26.85 -13.18
CA LYS B 26 38.34 27.18 -14.45
C LYS B 26 39.61 26.37 -14.76
N LEU B 27 39.73 25.97 -16.00
CA LEU B 27 40.90 25.28 -16.47
C LEU B 27 42.15 26.23 -16.27
N SER B 28 43.33 25.66 -16.00
CA SER B 28 44.53 26.47 -15.79
C SER B 28 45.14 26.76 -17.14
N ALA B 29 46.12 27.67 -17.15
CA ALA B 29 46.82 28.05 -18.37
C ALA B 29 47.53 26.84 -18.95
N LYS B 30 48.07 25.96 -18.09
CA LYS B 30 48.72 24.78 -18.64
C LYS B 30 47.62 23.85 -19.17
N GLY B 31 46.45 23.92 -18.52
CA GLY B 31 45.29 23.12 -18.92
C GLY B 31 44.80 23.53 -20.32
N GLN B 32 44.82 24.83 -20.60
CA GLN B 32 44.43 25.34 -21.93
C GLN B 32 45.40 24.87 -23.02
N GLN B 33 46.69 24.76 -22.69
CA GLN B 33 47.71 24.29 -23.64
C GLN B 33 47.51 22.81 -23.96
N GLU B 34 47.13 22.05 -22.93
CA GLU B 34 46.92 20.61 -23.11
C GLU B 34 45.74 20.39 -24.07
N ALA B 35 44.69 21.21 -23.89
CA ALA B 35 43.46 21.28 -24.74
C ALA B 35 43.86 21.48 -26.20
N ALA B 36 44.68 22.49 -26.43
CA ALA B 36 45.18 22.81 -27.77
C ALA B 36 45.92 21.64 -28.33
N ARG B 37 46.80 21.07 -27.51
CA ARG B 37 47.56 19.90 -27.90
C ARG B 37 46.61 18.71 -28.22
N ALA B 38 45.55 18.54 -27.42
CA ALA B 38 44.58 17.46 -27.70
C ALA B 38 44.00 17.67 -29.10
N GLY B 39 43.66 18.91 -29.42
CA GLY B 39 43.11 19.24 -30.74
C GLY B 39 44.05 19.01 -31.93
N GLU B 40 45.33 19.40 -31.76
CA GLU B 40 46.33 19.20 -32.82
C GLU B 40 46.50 17.68 -33.11
N LEU B 41 46.34 16.88 -32.06
CA LEU B 41 46.48 15.42 -32.14
C LEU B 41 45.31 14.82 -32.94
N LEU B 42 44.09 15.31 -32.69
CA LEU B 42 42.89 14.86 -33.42
C LEU B 42 43.10 15.12 -34.91
N LYS B 43 43.49 16.35 -35.23
CA LYS B 43 43.74 16.77 -36.60
C LYS B 43 44.83 15.95 -37.26
N GLU B 44 45.98 15.97 -36.60
CA GLU B 44 47.16 15.26 -37.07
C GLU B 44 46.88 13.78 -37.30
N LYS B 45 46.14 13.14 -36.39
CA LYS B 45 45.87 11.71 -36.54
C LYS B 45 44.61 11.33 -37.35
N LYS B 46 43.93 12.33 -37.88
CA LYS B 46 42.74 12.13 -38.71
C LYS B 46 41.58 11.44 -38.00
N VAL B 47 41.20 12.04 -36.86
CA VAL B 47 40.12 11.55 -36.06
C VAL B 47 39.19 12.72 -36.06
N TYR B 48 38.12 12.57 -36.82
CA TYR B 48 37.12 13.60 -37.04
C TYR B 48 35.80 13.41 -36.33
N PRO B 49 35.67 13.96 -35.13
CA PRO B 49 34.41 13.81 -34.39
C PRO B 49 33.24 14.44 -35.17
N ASP B 50 32.09 13.77 -35.17
CA ASP B 50 30.88 14.26 -35.85
C ASP B 50 29.95 14.95 -34.88
N VAL B 51 30.12 14.63 -33.60
CA VAL B 51 29.30 15.17 -32.53
C VAL B 51 30.13 15.18 -31.23
N LEU B 52 29.84 16.14 -30.38
CA LEU B 52 30.53 16.27 -29.12
C LEU B 52 29.55 16.18 -27.96
N TYR B 53 30.03 15.47 -26.92
CA TYR B 53 29.31 15.34 -25.66
C TYR B 53 30.22 15.84 -24.56
N THR B 54 29.68 16.63 -23.64
CA THR B 54 30.48 17.11 -22.52
C THR B 54 29.67 17.06 -21.21
N SER B 55 30.34 17.31 -20.09
CA SER B 55 29.69 17.42 -18.78
C SER B 55 29.13 18.86 -18.75
N LYS B 56 28.66 19.31 -17.58
CA LYS B 56 28.18 20.67 -17.37
C LYS B 56 29.29 21.51 -16.65
N LEU B 57 30.55 21.04 -16.76
CA LEU B 57 31.66 21.73 -16.07
C LEU B 57 32.58 22.38 -17.08
N SER B 58 32.78 23.68 -16.85
CA SER B 58 33.59 24.57 -17.69
C SER B 58 34.93 24.04 -18.12
N ARG B 59 35.66 23.40 -17.18
CA ARG B 59 37.00 22.88 -17.47
C ARG B 59 36.95 21.88 -18.61
N ALA B 60 35.92 21.03 -18.61
CA ALA B 60 35.73 20.05 -19.71
C ALA B 60 35.14 20.76 -20.96
N ILE B 61 34.26 21.75 -20.74
CA ILE B 61 33.68 22.43 -21.90
C ILE B 61 34.75 23.29 -22.62
N GLN B 62 35.57 24.04 -21.86
CA GLN B 62 36.60 24.83 -22.49
C GLN B 62 37.58 23.93 -23.21
N THR B 63 37.86 22.75 -22.65
CA THR B 63 38.77 21.80 -23.30
C THR B 63 38.29 21.41 -24.71
N ALA B 64 36.98 21.07 -24.79
CA ALA B 64 36.39 20.67 -26.08
C ALA B 64 36.46 21.84 -27.11
N ASN B 65 36.09 23.05 -26.67
CA ASN B 65 36.11 24.26 -27.50
C ASN B 65 37.53 24.53 -28.06
N ILE B 66 38.56 24.53 -27.19
CA ILE B 66 39.92 24.77 -27.65
C ILE B 66 40.39 23.63 -28.56
N ALA B 67 40.10 22.39 -28.18
CA ALA B 67 40.52 21.26 -28.99
C ALA B 67 39.87 21.25 -30.38
N LEU B 68 38.56 21.50 -30.43
CA LEU B 68 37.83 21.50 -31.69
C LEU B 68 38.23 22.68 -32.59
N GLU B 69 38.67 23.79 -31.99
CA GLU B 69 39.11 24.94 -32.77
C GLU B 69 40.38 24.51 -33.54
N LYS B 70 41.27 23.83 -32.82
CA LYS B 70 42.52 23.30 -33.38
C LYS B 70 42.25 22.20 -34.39
N ALA B 71 41.15 21.50 -34.18
CA ALA B 71 40.78 20.43 -35.11
C ALA B 71 39.96 20.92 -36.32
N ASP B 72 39.54 22.19 -36.33
CA ASP B 72 38.74 22.80 -37.42
C ASP B 72 37.36 22.14 -37.53
N ARG B 73 36.80 21.82 -36.37
CA ARG B 73 35.49 21.17 -36.31
C ARG B 73 34.64 21.80 -35.27
N LEU B 74 34.69 23.13 -35.20
CA LEU B 74 33.90 23.82 -34.21
C LEU B 74 32.44 23.71 -34.48
N TRP B 75 32.09 23.50 -35.74
CA TRP B 75 30.69 23.46 -36.14
C TRP B 75 29.79 22.28 -35.69
N ILE B 76 30.39 21.19 -35.18
CA ILE B 76 29.67 19.99 -34.78
C ILE B 76 28.70 20.18 -33.67
N PRO B 77 27.57 19.43 -33.71
CA PRO B 77 26.51 19.49 -32.70
C PRO B 77 27.13 19.26 -31.32
N VAL B 78 26.58 19.86 -30.28
CA VAL B 78 27.12 19.60 -28.97
C VAL B 78 26.00 19.37 -27.98
N ASN B 79 26.19 18.37 -27.12
CA ASN B 79 25.21 18.05 -26.04
C ASN B 79 25.97 17.92 -24.74
N ARG B 80 25.37 18.39 -23.66
CA ARG B 80 25.97 18.38 -22.33
C ARG B 80 25.06 17.64 -21.37
N SER B 81 25.64 16.98 -20.38
CA SER B 81 24.88 16.23 -19.39
C SER B 81 25.59 16.20 -18.06
N TRP B 82 24.84 16.39 -17.00
CA TRP B 82 25.37 16.29 -15.66
C TRP B 82 25.93 14.84 -15.44
N ARG B 83 25.44 13.86 -16.21
CA ARG B 83 25.85 12.48 -16.05
C ARG B 83 27.26 12.20 -16.48
N LEU B 84 27.88 13.15 -17.17
CA LEU B 84 29.27 12.97 -17.58
C LEU B 84 30.19 13.78 -16.66
N ASN B 85 29.61 14.39 -15.64
CA ASN B 85 30.34 15.18 -14.68
C ASN B 85 31.41 14.35 -13.90
N GLU B 86 32.38 15.07 -13.36
CA GLU B 86 33.37 14.42 -12.52
C GLU B 86 32.60 13.93 -11.28
N ARG B 87 33.21 12.98 -10.60
CA ARG B 87 32.68 12.48 -9.35
C ARG B 87 32.58 13.61 -8.32
N HIS B 88 31.42 13.73 -7.69
CA HIS B 88 31.18 14.73 -6.67
C HIS B 88 32.05 14.33 -5.47
N TYR B 89 32.83 15.27 -4.94
CA TYR B 89 33.71 14.93 -3.84
C TYR B 89 33.17 15.16 -2.45
N GLY B 90 31.90 15.46 -2.37
CA GLY B 90 31.29 15.67 -1.07
C GLY B 90 31.97 16.71 -0.23
N ASP B 91 32.24 16.38 1.03
CA ASP B 91 32.89 17.31 1.98
C ASP B 91 34.33 17.61 1.65
N LEU B 92 34.91 16.79 0.79
CA LEU B 92 36.28 16.96 0.36
C LEU B 92 36.43 18.11 -0.64
N GLN B 93 35.33 18.51 -1.30
CA GLN B 93 35.32 19.61 -2.28
C GLN B 93 35.78 20.93 -1.66
N GLY B 94 36.87 21.46 -2.25
CA GLY B 94 37.45 22.72 -1.82
C GLY B 94 38.43 22.64 -0.67
N LYS B 95 38.84 21.41 -0.32
CA LYS B 95 39.74 21.14 0.80
C LYS B 95 41.12 20.86 0.22
N ASP B 96 42.16 21.15 1.00
CA ASP B 96 43.55 20.94 0.58
C ASP B 96 43.80 19.45 0.59
N LYS B 97 44.34 18.89 -0.50
CA LYS B 97 44.61 17.46 -0.52
C LYS B 97 45.65 16.98 0.50
N ALA B 98 46.79 17.70 0.63
CA ALA B 98 47.79 17.30 1.61
C ALA B 98 47.24 17.42 3.05
N GLU B 99 46.47 18.48 3.32
CA GLU B 99 45.86 18.67 4.65
C GLU B 99 44.89 17.54 5.00
N THR B 100 44.36 16.91 3.95
CA THR B 100 43.40 15.81 4.04
C THR B 100 44.19 14.50 4.28
N LEU B 101 45.40 14.37 3.70
CA LEU B 101 46.22 13.18 3.92
C LEU B 101 46.56 13.08 5.42
N LYS B 102 46.64 14.23 6.08
CA LYS B 102 46.94 14.28 7.52
C LYS B 102 45.67 14.03 8.36
N LYS B 103 44.64 14.84 8.14
CA LYS B 103 43.38 14.73 8.89
C LYS B 103 42.68 13.36 8.80
N PHE B 104 43.20 12.43 7.98
CA PHE B 104 42.61 11.09 7.82
C PHE B 104 43.62 9.93 7.88
N GLY B 105 44.86 10.19 7.48
CA GLY B 105 45.87 9.13 7.48
C GLY B 105 45.94 8.43 6.13
N GLU B 106 47.12 7.94 5.75
CA GLU B 106 47.29 7.27 4.46
C GLU B 106 46.25 6.26 3.99
N GLU B 107 45.58 5.59 4.92
CA GLU B 107 44.59 4.60 4.55
C GLU B 107 43.13 5.04 4.49
N LYS B 108 42.73 6.06 5.24
CA LYS B 108 41.32 6.50 5.15
C LYS B 108 41.17 7.45 3.96
N PHE B 109 42.25 8.19 3.71
CA PHE B 109 42.38 9.18 2.62
C PHE B 109 42.37 8.41 1.32
N ASN B 110 43.14 7.34 1.27
CA ASN B 110 43.17 6.51 0.08
C ASN B 110 41.75 5.92 -0.22
N THR B 111 40.97 5.60 0.82
CA THR B 111 39.63 5.08 0.62
C THR B 111 38.80 6.15 -0.13
N TYR B 112 38.64 7.34 0.45
CA TYR B 112 37.85 8.39 -0.19
C TYR B 112 38.34 8.71 -1.60
N ARG B 113 39.63 8.58 -1.85
CA ARG B 113 40.19 8.87 -3.17
C ARG B 113 40.13 7.75 -4.21
N ARG B 114 40.52 6.53 -3.81
CA ARG B 114 40.54 5.41 -4.75
C ARG B 114 39.75 4.09 -4.47
N SER B 115 38.77 4.15 -3.57
CA SER B 115 37.97 2.96 -3.30
C SER B 115 36.82 2.94 -4.30
N PHE B 116 36.32 1.76 -4.62
CA PHE B 116 35.24 1.66 -5.58
C PHE B 116 33.87 2.14 -5.14
N ASP B 117 33.42 1.69 -3.97
CA ASP B 117 32.06 1.98 -3.47
C ASP B 117 31.84 2.76 -2.20
N VAL B 118 32.90 3.25 -1.58
CA VAL B 118 32.70 4.01 -0.36
C VAL B 118 32.89 5.47 -0.71
N PRO B 119 31.81 6.26 -0.63
CA PRO B 119 31.87 7.68 -0.95
C PRO B 119 32.36 8.55 0.19
N PRO B 120 32.80 9.79 -0.11
CA PRO B 120 33.27 10.75 0.88
C PRO B 120 32.04 11.19 1.69
N PRO B 121 32.23 11.84 2.85
CA PRO B 121 31.02 12.26 3.58
C PRO B 121 30.31 13.32 2.69
N PRO B 122 28.98 13.47 2.79
CA PRO B 122 28.31 14.48 1.95
C PRO B 122 28.64 15.90 2.34
N ILE B 123 28.45 16.82 1.39
CA ILE B 123 28.73 18.23 1.67
C ILE B 123 27.42 18.85 2.12
N ASP B 124 27.49 19.76 3.10
CA ASP B 124 26.29 20.42 3.59
C ASP B 124 25.79 21.41 2.53
N ALA B 125 24.48 21.48 2.38
CA ALA B 125 23.82 22.34 1.41
C ALA B 125 24.33 23.79 1.38
N SER B 126 24.50 24.37 2.57
CA SER B 126 24.95 25.74 2.74
C SER B 126 26.48 25.95 2.71
N SER B 127 27.22 24.92 2.33
CA SER B 127 28.66 25.05 2.20
C SER B 127 28.93 25.83 0.91
N PRO B 128 29.97 26.68 0.89
CA PRO B 128 30.29 27.45 -0.30
C PRO B 128 30.58 26.54 -1.47
N PHE B 129 30.96 25.30 -1.19
CA PHE B 129 31.34 24.33 -2.22
C PHE B 129 30.29 23.27 -2.61
N SER B 130 29.05 23.55 -2.24
CA SER B 130 27.91 22.70 -2.57
C SER B 130 27.34 23.17 -3.91
N GLN B 131 26.93 22.24 -4.77
CA GLN B 131 26.30 22.63 -6.03
C GLN B 131 24.77 22.52 -5.91
N LYS B 132 24.24 22.48 -4.69
CA LYS B 132 22.80 22.35 -4.51
C LYS B 132 22.02 23.59 -4.94
N GLY B 133 21.12 23.44 -5.91
CA GLY B 133 20.34 24.62 -6.31
C GLY B 133 20.96 25.43 -7.44
N ASP B 134 22.07 24.91 -8.01
CA ASP B 134 22.75 25.59 -9.12
C ASP B 134 21.90 25.56 -10.40
N GLU B 135 21.90 26.70 -11.08
CA GLU B 135 21.13 26.93 -12.28
C GLU B 135 21.36 25.95 -13.39
N ARG B 136 22.56 25.44 -13.52
CA ARG B 136 22.77 24.50 -14.62
C ARG B 136 22.14 23.14 -14.41
N TYR B 137 21.57 22.92 -13.23
CA TYR B 137 20.94 21.63 -12.93
C TYR B 137 19.47 21.83 -12.54
N LYS B 138 18.90 23.01 -12.80
CA LYS B 138 17.51 23.34 -12.45
C LYS B 138 16.40 22.54 -13.18
N TYR B 139 16.75 21.85 -14.26
CA TYR B 139 15.78 21.05 -15.01
C TYR B 139 15.95 19.54 -14.78
N VAL B 140 16.85 19.18 -13.86
CA VAL B 140 17.11 17.79 -13.49
C VAL B 140 16.27 17.53 -12.22
N ASP B 141 15.82 16.31 -12.03
CA ASP B 141 15.04 15.98 -10.85
C ASP B 141 15.97 16.31 -9.68
N PRO B 142 15.55 17.21 -8.79
CA PRO B 142 16.40 17.57 -7.67
C PRO B 142 16.86 16.38 -6.82
N ASN B 143 16.03 15.32 -6.77
CA ASN B 143 16.31 14.17 -5.90
C ASN B 143 17.48 13.29 -6.29
N VAL B 144 17.80 13.25 -7.59
CA VAL B 144 18.89 12.41 -8.07
C VAL B 144 20.26 13.04 -7.97
N LEU B 145 20.29 14.37 -7.88
CA LEU B 145 21.54 15.10 -7.83
C LEU B 145 22.29 14.76 -6.54
N PRO B 146 23.51 14.25 -6.68
CA PRO B 146 24.37 13.82 -5.56
C PRO B 146 25.01 14.88 -4.69
N GLU B 147 25.20 14.56 -3.40
CA GLU B 147 25.86 15.45 -2.44
C GLU B 147 27.21 14.88 -2.01
N THR B 148 27.54 13.80 -2.71
CA THR B 148 28.79 13.07 -2.61
C THR B 148 28.69 11.84 -3.53
N GLU B 149 29.81 11.32 -3.98
CA GLU B 149 29.76 10.13 -4.82
C GLU B 149 30.99 9.28 -4.76
N SER B 150 30.82 8.03 -5.15
CA SER B 150 31.89 7.04 -5.25
C SER B 150 31.96 6.77 -6.75
N LEU B 151 32.98 6.07 -7.21
CA LEU B 151 33.08 5.78 -8.63
C LEU B 151 31.93 4.86 -9.03
N ALA B 152 31.54 3.97 -8.11
CA ALA B 152 30.47 3.01 -8.35
C ALA B 152 29.19 3.77 -8.70
N LEU B 153 28.91 4.80 -7.90
CA LEU B 153 27.77 5.67 -8.06
C LEU B 153 27.87 6.54 -9.36
N VAL B 154 29.07 7.00 -9.72
CA VAL B 154 29.28 7.80 -10.94
C VAL B 154 28.85 6.96 -12.11
N ILE B 155 29.34 5.74 -12.15
CA ILE B 155 29.04 4.80 -13.22
C ILE B 155 27.52 4.56 -13.30
N ASP B 156 26.86 4.48 -12.14
CA ASP B 156 25.42 4.24 -12.10
C ASP B 156 24.61 5.40 -12.75
N ARG B 157 25.03 6.65 -12.56
CA ARG B 157 24.29 7.77 -13.14
C ARG B 157 24.76 8.11 -14.56
N LEU B 158 25.93 7.60 -14.92
CA LEU B 158 26.49 7.81 -16.24
C LEU B 158 25.92 6.85 -17.26
N LEU B 159 25.90 5.56 -16.91
CA LEU B 159 25.43 4.55 -17.87
C LEU B 159 24.12 4.81 -18.66
N PRO B 160 23.05 5.29 -18.02
CA PRO B 160 21.79 5.56 -18.75
C PRO B 160 21.98 6.53 -19.93
N TYR B 161 22.81 7.57 -19.75
CA TYR B 161 23.06 8.55 -20.78
C TYR B 161 23.81 7.92 -21.94
N TRP B 162 24.75 7.06 -21.58
CA TRP B 162 25.55 6.36 -22.55
C TRP B 162 24.64 5.40 -23.33
N GLN B 163 23.79 4.71 -22.59
CA GLN B 163 22.92 3.68 -23.17
C GLN B 163 21.91 4.18 -24.18
N ASP B 164 21.30 5.30 -23.87
CA ASP B 164 20.26 5.88 -24.74
C ASP B 164 20.73 7.01 -25.64
N VAL B 165 21.43 7.98 -25.06
CA VAL B 165 21.84 9.13 -25.83
C VAL B 165 23.08 8.96 -26.67
N ILE B 166 24.21 8.66 -26.05
CA ILE B 166 25.44 8.51 -26.79
C ILE B 166 25.43 7.33 -27.72
N ALA B 167 24.84 6.22 -27.27
CA ALA B 167 24.73 5.00 -28.09
C ALA B 167 24.01 5.25 -29.43
N LYS B 168 22.99 6.09 -29.40
CA LYS B 168 22.23 6.39 -30.61
C LYS B 168 23.10 6.95 -31.69
N ASP B 169 23.96 7.93 -31.34
CA ASP B 169 24.91 8.54 -32.33
C ASP B 169 25.93 7.53 -32.84
N LEU B 170 26.55 6.76 -31.93
CA LEU B 170 27.50 5.71 -32.30
C LEU B 170 26.84 4.72 -33.25
N LEU B 171 25.69 4.21 -32.80
CA LEU B 171 24.91 3.24 -33.57
C LEU B 171 24.37 3.80 -34.90
N SER B 172 24.38 5.12 -35.09
CA SER B 172 23.97 5.71 -36.36
C SER B 172 25.22 5.95 -37.21
N GLY B 173 26.36 5.38 -36.81
CA GLY B 173 27.59 5.57 -37.56
C GLY B 173 28.37 6.88 -37.37
N LYS B 174 28.02 7.67 -36.36
CA LYS B 174 28.73 8.92 -36.13
C LYS B 174 29.91 8.79 -35.14
N THR B 175 31.05 9.37 -35.47
CA THR B 175 32.22 9.36 -34.56
C THR B 175 31.93 10.29 -33.37
N VAL B 176 31.98 9.76 -32.14
CA VAL B 176 31.64 10.55 -30.97
C VAL B 176 32.85 10.96 -30.14
N MET B 177 32.87 12.22 -29.75
CA MET B 177 33.90 12.73 -28.89
C MET B 177 33.28 13.09 -27.53
N ILE B 178 33.86 12.57 -26.46
CA ILE B 178 33.38 12.94 -25.13
C ILE B 178 34.51 13.71 -24.44
N ALA B 179 34.23 14.90 -23.95
CA ALA B 179 35.25 15.63 -23.23
C ALA B 179 34.68 15.61 -21.84
N ALA B 180 35.31 14.84 -20.94
CA ALA B 180 34.80 14.74 -19.58
C ALA B 180 35.87 14.79 -18.48
N HIS B 181 35.78 13.89 -17.51
CA HIS B 181 36.69 13.94 -16.37
C HIS B 181 37.30 12.62 -15.94
N GLY B 182 38.17 12.70 -14.96
CA GLY B 182 38.86 11.51 -14.46
C GLY B 182 37.96 10.33 -14.12
N ASN B 183 37.09 10.51 -13.13
CA ASN B 183 36.19 9.42 -12.71
C ASN B 183 35.12 9.01 -13.76
N SER B 184 34.49 9.99 -14.41
CA SER B 184 33.48 9.66 -15.41
C SER B 184 34.11 8.95 -16.60
N LEU B 185 35.31 9.31 -17.02
CA LEU B 185 35.88 8.57 -18.15
C LEU B 185 36.45 7.21 -17.71
N ARG B 186 37.01 7.14 -16.50
CA ARG B 186 37.51 5.85 -16.02
C ARG B 186 36.28 4.93 -15.92
N GLY B 187 35.19 5.50 -15.39
CA GLY B 187 33.93 4.77 -15.27
C GLY B 187 33.50 4.23 -16.63
N LEU B 188 33.51 5.06 -17.68
CA LEU B 188 33.11 4.57 -18.98
C LEU B 188 34.08 3.49 -19.45
N VAL B 189 35.37 3.68 -19.21
CA VAL B 189 36.37 2.69 -19.64
C VAL B 189 36.22 1.37 -18.85
N LYS B 190 35.87 1.47 -17.56
CA LYS B 190 35.61 0.26 -16.74
C LYS B 190 34.48 -0.54 -17.41
N HIS B 191 33.44 0.17 -17.84
CA HIS B 191 32.33 -0.46 -18.55
C HIS B 191 32.74 -1.02 -19.93
N LEU B 192 33.38 -0.20 -20.75
CA LEU B 192 33.76 -0.68 -22.09
C LEU B 192 34.64 -1.93 -22.12
N GLU B 193 35.60 -2.01 -21.21
CA GLU B 193 36.56 -3.11 -21.18
C GLU B 193 36.28 -4.27 -20.21
N GLY B 194 35.28 -4.09 -19.37
CA GLY B 194 34.91 -5.13 -18.42
C GLY B 194 35.93 -5.30 -17.31
N ILE B 195 36.56 -4.21 -16.92
CA ILE B 195 37.54 -4.19 -15.85
C ILE B 195 36.75 -4.46 -14.56
N SER B 196 37.29 -5.28 -13.66
CA SER B 196 36.59 -5.61 -12.43
C SER B 196 36.63 -4.47 -11.42
N ASP B 197 35.71 -4.50 -10.47
CA ASP B 197 35.63 -3.46 -9.44
C ASP B 197 36.95 -3.31 -8.72
N ALA B 198 37.67 -4.44 -8.60
CA ALA B 198 38.94 -4.53 -7.89
C ALA B 198 40.14 -3.89 -8.60
N ASP B 199 40.19 -4.08 -9.91
CA ASP B 199 41.25 -3.56 -10.77
C ASP B 199 41.04 -2.14 -11.31
N ILE B 200 39.89 -1.52 -11.04
CA ILE B 200 39.62 -0.18 -11.58
C ILE B 200 40.44 0.94 -11.00
N ALA B 201 40.80 0.85 -9.72
CA ALA B 201 41.61 1.88 -9.10
C ALA B 201 42.98 2.05 -9.79
N LYS B 202 43.45 0.95 -10.37
CA LYS B 202 44.73 0.92 -11.05
C LYS B 202 44.78 1.67 -12.40
N LEU B 203 43.62 1.91 -13.00
CA LEU B 203 43.59 2.61 -14.27
C LEU B 203 43.75 4.10 -14.18
N ASN B 204 44.56 4.61 -15.10
CA ASN B 204 44.77 6.04 -15.20
C ASN B 204 44.57 6.51 -16.63
N ILE B 205 43.92 7.66 -16.75
CA ILE B 205 43.70 8.23 -18.06
C ILE B 205 44.42 9.55 -18.02
N PRO B 206 45.49 9.66 -18.81
CA PRO B 206 46.31 10.87 -18.90
C PRO B 206 45.53 12.04 -19.50
N THR B 207 45.77 13.23 -18.96
CA THR B 207 45.12 14.44 -19.41
C THR B 207 45.61 14.86 -20.80
N GLY B 208 44.73 15.56 -21.53
CA GLY B 208 45.03 16.11 -22.84
C GLY B 208 45.52 15.23 -23.95
N ILE B 209 45.18 13.95 -23.93
CA ILE B 209 45.57 13.02 -25.00
C ILE B 209 44.35 12.16 -25.35
N PRO B 210 43.77 12.39 -26.54
CA PRO B 210 42.60 11.64 -26.99
C PRO B 210 42.84 10.14 -26.98
N LEU B 211 41.85 9.44 -26.43
CA LEU B 211 41.87 7.99 -26.31
C LEU B 211 40.76 7.50 -27.23
N VAL B 212 41.13 6.74 -28.24
CA VAL B 212 40.21 6.25 -29.24
C VAL B 212 39.86 4.77 -29.14
N PHE B 213 38.56 4.47 -29.09
CA PHE B 213 38.04 3.10 -29.05
C PHE B 213 37.33 2.87 -30.36
N GLU B 214 37.63 1.76 -31.00
CA GLU B 214 36.96 1.37 -32.22
C GLU B 214 36.05 0.29 -31.63
N LEU B 215 34.74 0.50 -31.76
CA LEU B 215 33.73 -0.41 -31.24
C LEU B 215 33.03 -1.24 -32.31
N ASP B 216 32.39 -2.33 -31.91
CA ASP B 216 31.65 -3.14 -32.85
C ASP B 216 30.18 -2.72 -32.74
N GLU B 217 29.29 -3.47 -33.38
CA GLU B 217 27.86 -3.21 -33.36
C GLU B 217 27.22 -3.43 -31.97
N ASN B 218 27.98 -4.09 -31.09
CA ASN B 218 27.54 -4.33 -29.70
C ASN B 218 28.15 -3.33 -28.76
N LEU B 219 28.86 -2.33 -29.32
CA LEU B 219 29.49 -1.26 -28.54
C LEU B 219 30.60 -1.77 -27.58
N LYS B 220 31.30 -2.81 -28.02
CA LYS B 220 32.40 -3.42 -27.27
C LYS B 220 33.62 -3.23 -28.15
N PRO B 221 34.80 -2.98 -27.53
CA PRO B 221 36.03 -2.77 -28.30
C PRO B 221 36.26 -3.90 -29.29
N SER B 222 36.50 -3.52 -30.54
CA SER B 222 36.75 -4.49 -31.60
C SER B 222 38.25 -4.71 -31.75
N LYS B 223 39.00 -3.89 -31.01
CA LYS B 223 40.45 -3.95 -30.95
C LYS B 223 40.84 -3.05 -29.78
N PRO B 224 42.03 -3.30 -29.18
CA PRO B 224 42.50 -2.50 -28.05
C PRO B 224 42.42 -0.97 -28.24
N SER B 225 41.95 -0.28 -27.22
CA SER B 225 41.84 1.17 -27.31
C SER B 225 43.24 1.73 -27.55
N TYR B 226 43.32 2.98 -27.98
CA TYR B 226 44.61 3.60 -28.22
C TYR B 226 44.62 5.11 -28.11
N TYR B 227 45.71 5.62 -27.54
CA TYR B 227 45.91 7.05 -27.41
C TYR B 227 46.45 7.61 -28.74
N LEU B 228 46.28 8.90 -28.96
CA LEU B 228 46.80 9.47 -30.20
C LEU B 228 48.27 9.85 -30.06
N ASP B 229 48.78 9.71 -28.84
CA ASP B 229 50.18 9.94 -28.52
C ASP B 229 50.56 8.79 -27.56
N PRO B 230 50.75 7.58 -28.11
CA PRO B 230 51.09 6.39 -27.33
C PRO B 230 52.21 6.57 -26.29
N GLU B 231 53.35 7.11 -26.74
CA GLU B 231 54.49 7.34 -25.86
C GLU B 231 54.16 8.25 -24.67
N ALA B 232 53.61 9.43 -24.95
CA ALA B 232 53.26 10.41 -23.90
C ALA B 232 52.18 9.96 -22.91
N ALA B 233 51.26 9.14 -23.40
CA ALA B 233 50.19 8.63 -22.56
C ALA B 233 50.72 7.57 -21.58
N ALA B 234 51.64 6.74 -22.08
CA ALA B 234 52.23 5.67 -21.27
C ALA B 234 53.42 6.14 -20.43
N ALA B 235 53.97 7.31 -20.77
CA ALA B 235 55.09 7.86 -20.01
C ALA B 235 54.58 8.77 -18.91
N PRO C 1 3.86 21.31 -10.55
CA PRO C 1 3.79 20.57 -11.84
C PRO C 1 2.64 19.56 -11.73
N LYS C 2 2.16 19.08 -12.88
CA LYS C 2 1.04 18.16 -12.90
C LYS C 2 1.36 16.99 -13.81
N LEU C 3 1.18 15.77 -13.29
CA LEU C 3 1.50 14.57 -14.03
C LEU C 3 0.21 13.72 -14.13
N VAL C 4 -0.07 13.19 -15.34
CA VAL C 4 -1.23 12.32 -15.54
C VAL C 4 -0.75 10.98 -16.04
N LEU C 5 -1.19 9.92 -15.35
CA LEU C 5 -0.79 8.57 -15.73
C LEU C 5 -2.00 7.78 -16.30
N VAL C 6 -1.76 7.02 -17.35
CA VAL C 6 -2.83 6.24 -17.92
C VAL C 6 -2.32 4.87 -18.25
N ARG C 7 -2.98 3.88 -17.65
CA ARG C 7 -2.65 2.48 -17.88
C ARG C 7 -3.56 2.00 -19.00
N HIS C 8 -3.01 1.42 -20.04
CA HIS C 8 -3.84 0.93 -21.11
C HIS C 8 -4.73 -0.22 -20.63
N GLY C 9 -5.85 -0.43 -21.32
CA GLY C 9 -6.77 -1.48 -21.00
C GLY C 9 -6.26 -2.74 -21.63
N GLN C 10 -6.99 -3.84 -21.44
CA GLN C 10 -6.56 -5.13 -21.94
C GLN C 10 -6.08 -5.27 -23.36
N SER C 11 -5.05 -6.09 -23.51
CA SER C 11 -4.53 -6.41 -24.81
C SER C 11 -5.23 -7.73 -25.21
N GLU C 12 -4.99 -8.15 -26.43
CA GLU C 12 -5.57 -9.36 -26.94
C GLU C 12 -5.14 -10.63 -26.18
N TRP C 13 -3.95 -10.56 -25.55
CA TRP C 13 -3.36 -11.65 -24.75
C TRP C 13 -3.93 -11.73 -23.36
N ASN C 14 -4.35 -10.61 -22.80
CA ASN C 14 -4.93 -10.64 -21.47
C ASN C 14 -6.21 -11.49 -21.51
N GLU C 15 -6.91 -11.52 -22.64
CA GLU C 15 -8.13 -12.34 -22.82
C GLU C 15 -7.72 -13.81 -23.01
N LYS C 16 -6.65 -14.01 -23.78
CA LYS C 16 -6.12 -15.33 -24.04
C LYS C 16 -5.33 -15.98 -22.85
N ASN C 17 -5.22 -15.24 -21.75
CA ASN C 17 -4.49 -15.69 -20.56
C ASN C 17 -3.00 -15.96 -20.83
N LEU C 18 -2.35 -15.09 -21.60
CA LEU C 18 -0.91 -15.23 -21.91
C LEU C 18 -0.15 -14.06 -21.30
N PHE C 19 1.03 -14.31 -20.72
CA PHE C 19 1.84 -13.22 -20.12
C PHE C 19 2.40 -12.44 -21.30
N THR C 20 2.21 -11.13 -21.26
CA THR C 20 2.66 -10.28 -22.36
C THR C 20 4.08 -9.76 -22.27
N GLY C 21 4.37 -8.96 -21.26
CA GLY C 21 5.72 -8.39 -21.14
C GLY C 21 6.03 -7.38 -22.25
N TRP C 22 7.12 -7.63 -22.97
CA TRP C 22 7.54 -6.75 -24.07
C TRP C 22 7.02 -7.19 -25.44
N VAL C 23 6.23 -8.27 -25.51
CA VAL C 23 5.69 -8.72 -26.81
C VAL C 23 4.71 -7.62 -27.20
N ASP C 24 4.87 -7.11 -28.40
CA ASP C 24 4.04 -5.99 -28.84
C ASP C 24 2.61 -6.36 -29.25
N VAL C 25 1.82 -6.77 -28.26
CA VAL C 25 0.46 -7.21 -28.50
C VAL C 25 -0.55 -6.06 -28.67
N LYS C 26 -1.50 -6.18 -29.61
CA LYS C 26 -2.46 -5.08 -29.82
C LYS C 26 -3.59 -5.00 -28.81
N LEU C 27 -4.02 -3.77 -28.58
CA LEU C 27 -5.10 -3.46 -27.67
C LEU C 27 -6.34 -4.19 -28.22
N SER C 28 -7.20 -4.68 -27.33
CA SER C 28 -8.39 -5.39 -27.75
C SER C 28 -9.46 -4.35 -27.93
N ALA C 29 -10.58 -4.76 -28.49
CA ALA C 29 -11.71 -3.88 -28.70
C ALA C 29 -12.10 -3.20 -27.40
N LYS C 30 -12.05 -3.96 -26.30
CA LYS C 30 -12.38 -3.43 -24.97
C LYS C 30 -11.27 -2.48 -24.48
N GLY C 31 -10.03 -2.77 -24.87
CA GLY C 31 -8.92 -1.90 -24.50
C GLY C 31 -9.12 -0.56 -25.20
N GLN C 32 -9.52 -0.60 -26.48
CA GLN C 32 -9.80 0.63 -27.24
C GLN C 32 -10.90 1.46 -26.60
N GLN C 33 -11.94 0.80 -26.06
CA GLN C 33 -13.02 1.50 -25.37
C GLN C 33 -12.55 2.20 -24.08
N GLU C 34 -11.70 1.52 -23.30
CA GLU C 34 -11.23 2.13 -22.06
C GLU C 34 -10.35 3.34 -22.40
N ALA C 35 -9.58 3.22 -23.50
CA ALA C 35 -8.73 4.29 -24.00
C ALA C 35 -9.59 5.50 -24.25
N ALA C 36 -10.72 5.27 -24.91
CA ALA C 36 -11.68 6.33 -25.22
C ALA C 36 -12.30 6.95 -23.98
N ARG C 37 -12.57 6.15 -22.95
CA ARG C 37 -13.17 6.70 -21.72
C ARG C 37 -12.12 7.50 -20.92
N ALA C 38 -10.87 7.04 -21.00
CA ALA C 38 -9.75 7.71 -20.32
C ALA C 38 -9.66 9.13 -20.89
N GLY C 39 -9.68 9.24 -22.22
CA GLY C 39 -9.65 10.54 -22.87
C GLY C 39 -10.82 11.46 -22.50
N GLU C 40 -12.04 10.91 -22.51
CA GLU C 40 -13.26 11.64 -22.14
C GLU C 40 -13.17 12.15 -20.70
N LEU C 41 -12.53 11.37 -19.83
CA LEU C 41 -12.36 11.78 -18.45
C LEU C 41 -11.37 12.98 -18.37
N LEU C 42 -10.31 12.93 -19.20
CA LEU C 42 -9.32 14.00 -19.29
C LEU C 42 -10.02 15.31 -19.65
N LYS C 43 -10.92 15.25 -20.62
CA LYS C 43 -11.65 16.42 -21.08
C LYS C 43 -12.64 16.94 -20.06
N GLU C 44 -13.46 16.01 -19.60
CA GLU C 44 -14.54 16.25 -18.64
C GLU C 44 -13.98 16.90 -17.38
N LYS C 45 -12.86 16.35 -16.89
CA LYS C 45 -12.23 16.87 -15.69
C LYS C 45 -11.24 18.04 -15.87
N LYS C 46 -11.11 18.51 -17.11
CA LYS C 46 -10.25 19.65 -17.44
C LYS C 46 -8.75 19.44 -17.16
N VAL C 47 -8.26 18.24 -17.49
CA VAL C 47 -6.85 17.96 -17.32
C VAL C 47 -6.28 17.98 -18.73
N TYR C 48 -5.48 19.01 -19.04
CA TYR C 48 -4.92 19.19 -20.38
C TYR C 48 -3.43 19.00 -20.51
N PRO C 49 -3.02 17.83 -21.01
CA PRO C 49 -1.61 17.48 -21.21
C PRO C 49 -0.97 18.39 -22.25
N ASP C 50 0.23 18.89 -21.95
CA ASP C 50 0.95 19.73 -22.91
C ASP C 50 1.92 18.85 -23.67
N VAL C 51 2.26 17.70 -23.09
CA VAL C 51 3.20 16.81 -23.72
C VAL C 51 2.87 15.37 -23.34
N LEU C 52 3.23 14.46 -24.20
CA LEU C 52 2.95 13.06 -23.96
C LEU C 52 4.21 12.22 -24.01
N TYR C 53 4.27 11.22 -23.12
CA TYR C 53 5.37 10.23 -23.11
C TYR C 53 4.73 8.83 -23.16
N THR C 54 5.22 7.95 -24.04
CA THR C 54 4.67 6.61 -24.09
C THR C 54 5.87 5.65 -24.04
N SER C 55 5.55 4.38 -24.00
CA SER C 55 6.56 3.34 -24.04
C SER C 55 6.74 3.07 -25.52
N LYS C 56 7.49 2.02 -25.85
CA LYS C 56 7.68 1.67 -27.25
C LYS C 56 6.67 0.58 -27.63
N LEU C 57 5.71 0.34 -26.74
CA LEU C 57 4.70 -0.70 -26.97
C LEU C 57 3.35 -0.16 -27.54
N SER C 58 2.93 -0.70 -28.68
CA SER C 58 1.68 -0.31 -29.38
C SER C 58 0.46 -0.17 -28.53
N ARG C 59 0.24 -1.11 -27.61
CA ARG C 59 -0.95 -1.04 -26.77
C ARG C 59 -1.09 0.27 -25.97
N ALA C 60 0.04 0.80 -25.50
CA ALA C 60 0.08 2.05 -24.76
C ALA C 60 -0.04 3.26 -25.72
N ILE C 61 0.68 3.17 -26.85
CA ILE C 61 0.71 4.19 -27.88
C ILE C 61 -0.68 4.39 -28.46
N GLN C 62 -1.36 3.28 -28.75
CA GLN C 62 -2.73 3.37 -29.30
C GLN C 62 -3.67 3.91 -28.22
N THR C 63 -3.43 3.58 -26.96
CA THR C 63 -4.30 4.10 -25.92
C THR C 63 -4.16 5.65 -25.87
N ALA C 64 -2.93 6.15 -26.08
CA ALA C 64 -2.65 7.58 -26.05
C ALA C 64 -3.35 8.24 -27.23
N ASN C 65 -3.15 7.70 -28.43
CA ASN C 65 -3.76 8.20 -29.67
C ASN C 65 -5.29 8.31 -29.56
N ILE C 66 -5.91 7.28 -29.00
CA ILE C 66 -7.36 7.24 -28.81
C ILE C 66 -7.81 8.20 -27.74
N ALA C 67 -7.11 8.20 -26.62
CA ALA C 67 -7.46 9.06 -25.51
C ALA C 67 -7.34 10.54 -25.83
N LEU C 68 -6.25 10.87 -26.56
CA LEU C 68 -5.97 12.26 -26.95
C LEU C 68 -6.96 12.77 -28.02
N GLU C 69 -7.46 11.86 -28.88
CA GLU C 69 -8.46 12.23 -29.88
C GLU C 69 -9.74 12.65 -29.17
N LYS C 70 -10.15 11.91 -28.13
CA LYS C 70 -11.35 12.28 -27.36
C LYS C 70 -11.12 13.54 -26.49
N ALA C 71 -9.87 13.77 -26.07
CA ALA C 71 -9.60 14.97 -25.25
C ALA C 71 -9.31 16.21 -26.10
N ASP C 72 -9.24 16.03 -27.44
CA ASP C 72 -8.98 17.10 -28.45
C ASP C 72 -7.61 17.77 -28.27
N ARG C 73 -6.60 16.92 -27.99
CA ARG C 73 -5.24 17.37 -27.76
C ARG C 73 -4.28 16.54 -28.53
N LEU C 74 -4.73 16.09 -29.67
CA LEU C 74 -3.95 15.24 -30.52
C LEU C 74 -2.67 15.87 -31.06
N TRP C 75 -2.63 17.20 -31.07
CA TRP C 75 -1.47 17.95 -31.63
C TRP C 75 -0.22 18.01 -30.74
N ILE C 76 -0.35 17.72 -29.44
CA ILE C 76 0.78 17.76 -28.50
C ILE C 76 2.00 16.94 -28.86
N PRO C 77 3.19 17.45 -28.48
CA PRO C 77 4.41 16.70 -28.81
C PRO C 77 4.45 15.33 -28.13
N VAL C 78 5.09 14.37 -28.77
CA VAL C 78 5.16 13.07 -28.20
C VAL C 78 6.54 12.51 -28.25
N ASN C 79 6.93 11.89 -27.12
CA ASN C 79 8.22 11.21 -26.92
C ASN C 79 7.99 9.75 -26.43
N ARG C 80 8.75 8.83 -27.00
CA ARG C 80 8.64 7.43 -26.66
C ARG C 80 9.99 6.93 -26.12
N SER C 81 9.90 6.01 -25.15
CA SER C 81 11.07 5.41 -24.51
C SER C 81 10.84 3.95 -24.10
N TRP C 82 11.84 3.11 -24.35
CA TRP C 82 11.80 1.70 -23.91
C TRP C 82 11.79 1.67 -22.38
N ARG C 83 12.26 2.74 -21.75
CA ARG C 83 12.32 2.82 -20.29
C ARG C 83 10.97 2.91 -19.66
N LEU C 84 9.94 3.19 -20.47
CA LEU C 84 8.55 3.22 -19.96
C LEU C 84 7.81 1.87 -20.26
N ASN C 85 8.48 0.97 -20.97
CA ASN C 85 7.95 -0.36 -21.28
C ASN C 85 7.53 -1.12 -20.06
N GLU C 86 6.64 -2.06 -20.30
CA GLU C 86 6.11 -2.99 -19.31
C GLU C 86 7.30 -3.86 -18.85
N ARG C 87 7.21 -4.38 -17.63
CA ARG C 87 8.20 -5.34 -17.12
C ARG C 87 8.39 -6.47 -18.13
N HIS C 88 9.62 -6.73 -18.52
CA HIS C 88 9.89 -7.84 -19.43
C HIS C 88 9.64 -9.17 -18.62
N TYR C 89 8.79 -10.06 -19.15
CA TYR C 89 8.41 -11.29 -18.44
C TYR C 89 9.31 -12.50 -18.64
N GLY C 90 10.45 -12.29 -19.29
CA GLY C 90 11.38 -13.38 -19.53
C GLY C 90 10.72 -14.57 -20.20
N ASP C 91 11.09 -15.78 -19.79
CA ASP C 91 10.56 -17.02 -20.36
C ASP C 91 9.05 -17.18 -20.21
N LEU C 92 8.46 -16.40 -19.32
CA LEU C 92 7.02 -16.45 -19.18
C LEU C 92 6.27 -15.71 -20.32
N GLN C 93 7.00 -15.05 -21.22
CA GLN C 93 6.39 -14.29 -22.33
C GLN C 93 5.80 -15.26 -23.33
N GLY C 94 4.51 -15.15 -23.58
CA GLY C 94 3.87 -16.06 -24.51
C GLY C 94 3.31 -17.35 -23.88
N LYS C 95 3.43 -17.48 -22.56
CA LYS C 95 2.98 -18.64 -21.82
C LYS C 95 1.66 -18.42 -21.12
N ASP C 96 0.86 -19.48 -21.09
CA ASP C 96 -0.44 -19.45 -20.44
C ASP C 96 -0.27 -19.25 -18.94
N LYS C 97 -1.06 -18.35 -18.38
CA LYS C 97 -0.96 -18.09 -16.95
C LYS C 97 -1.46 -19.23 -16.09
N ALA C 98 -2.47 -19.97 -16.57
CA ALA C 98 -3.00 -21.08 -15.77
C ALA C 98 -2.02 -22.27 -15.78
N GLU C 99 -1.36 -22.52 -16.90
CA GLU C 99 -0.40 -23.59 -16.99
C GLU C 99 0.89 -23.23 -16.19
N THR C 100 1.22 -21.94 -16.16
CA THR C 100 2.38 -21.50 -15.44
C THR C 100 2.10 -21.71 -13.99
N LEU C 101 0.85 -21.49 -13.58
CA LEU C 101 0.49 -21.72 -12.17
C LEU C 101 0.53 -23.23 -11.79
N LYS C 102 0.26 -24.09 -12.76
CA LYS C 102 0.24 -25.53 -12.53
C LYS C 102 1.64 -26.10 -12.55
N LYS C 103 2.50 -25.43 -13.30
CA LYS C 103 3.86 -25.86 -13.41
C LYS C 103 4.78 -25.46 -12.23
N PHE C 104 4.59 -24.25 -11.69
CA PHE C 104 5.47 -23.74 -10.64
C PHE C 104 4.86 -23.71 -9.28
N GLY C 105 3.53 -23.91 -9.21
CA GLY C 105 2.87 -23.87 -7.91
C GLY C 105 2.59 -22.43 -7.57
N GLU C 106 1.72 -22.21 -6.59
CA GLU C 106 1.34 -20.88 -6.19
C GLU C 106 2.41 -19.91 -5.63
N GLU C 107 3.31 -20.43 -4.78
CA GLU C 107 4.33 -19.61 -4.19
C GLU C 107 5.30 -19.01 -5.21
N LYS C 108 5.83 -19.85 -6.11
CA LYS C 108 6.74 -19.45 -7.15
C LYS C 108 6.03 -18.56 -8.17
N PHE C 109 4.78 -18.91 -8.51
CA PHE C 109 3.99 -18.13 -9.44
C PHE C 109 3.78 -16.70 -8.85
N ASN C 110 3.40 -16.55 -7.57
CA ASN C 110 3.24 -15.21 -6.96
C ASN C 110 4.63 -14.47 -6.95
N THR C 111 5.70 -15.22 -6.73
CA THR C 111 7.03 -14.64 -6.71
C THR C 111 7.36 -14.06 -8.08
N TYR C 112 7.11 -14.82 -9.14
CA TYR C 112 7.38 -14.35 -10.48
C TYR C 112 6.52 -13.14 -10.86
N ARG C 113 5.25 -13.18 -10.51
CA ARG C 113 4.35 -12.10 -10.83
C ARG C 113 4.56 -10.85 -9.98
N ARG C 114 4.72 -11.07 -8.68
CA ARG C 114 4.75 -9.98 -7.74
C ARG C 114 5.84 -9.84 -6.69
N SER C 115 6.95 -10.56 -6.78
CA SER C 115 7.97 -10.31 -5.76
C SER C 115 8.58 -8.98 -6.19
N PHE C 116 9.16 -8.24 -5.25
CA PHE C 116 9.76 -7.00 -5.65
C PHE C 116 11.04 -7.19 -6.45
N ASP C 117 11.89 -8.13 -6.05
CA ASP C 117 13.18 -8.27 -6.73
C ASP C 117 13.61 -9.56 -7.37
N VAL C 118 12.73 -10.57 -7.38
CA VAL C 118 13.07 -11.86 -8.00
C VAL C 118 12.41 -11.88 -9.38
N PRO C 119 13.21 -11.90 -10.43
CA PRO C 119 12.63 -11.91 -11.76
C PRO C 119 12.33 -13.27 -12.32
N PRO C 120 11.43 -13.31 -13.30
CA PRO C 120 11.03 -14.53 -13.98
C PRO C 120 12.29 -15.12 -14.58
N PRO C 121 12.26 -16.43 -14.94
CA PRO C 121 13.44 -17.05 -15.54
C PRO C 121 13.76 -16.26 -16.82
N PRO C 122 15.03 -16.14 -17.21
CA PRO C 122 15.38 -15.39 -18.44
C PRO C 122 14.93 -16.12 -19.70
N ILE C 123 14.62 -15.34 -20.73
CA ILE C 123 14.20 -15.91 -21.99
C ILE C 123 15.43 -16.19 -22.89
N ASP C 124 15.33 -17.24 -23.71
CA ASP C 124 16.39 -17.59 -24.66
C ASP C 124 16.38 -16.54 -25.80
N ALA C 125 17.56 -16.03 -26.16
CA ALA C 125 17.68 -15.01 -27.22
C ALA C 125 17.11 -15.40 -28.61
N SER C 126 16.72 -16.66 -28.81
CA SER C 126 16.18 -17.14 -30.07
C SER C 126 14.76 -17.70 -29.95
N SER C 127 14.03 -17.24 -28.94
CA SER C 127 12.65 -17.68 -28.69
C SER C 127 11.69 -16.93 -29.60
N PRO C 128 10.51 -17.54 -29.91
CA PRO C 128 9.59 -16.80 -30.79
C PRO C 128 9.11 -15.51 -30.09
N PHE C 129 9.07 -15.54 -28.75
CA PHE C 129 8.65 -14.41 -27.93
C PHE C 129 9.77 -13.47 -27.36
N SER C 130 10.93 -13.46 -28.02
CA SER C 130 12.03 -12.61 -27.59
C SER C 130 12.12 -11.35 -28.44
N GLN C 131 12.25 -10.19 -27.78
CA GLN C 131 12.38 -8.93 -28.50
C GLN C 131 13.82 -8.60 -28.86
N LYS C 132 14.75 -9.55 -28.76
CA LYS C 132 16.16 -9.26 -29.08
C LYS C 132 16.38 -8.99 -30.57
N GLY C 133 16.99 -7.85 -30.87
CA GLY C 133 17.24 -7.44 -32.24
C GLY C 133 16.04 -6.74 -32.90
N ASP C 134 15.03 -6.44 -32.10
CA ASP C 134 13.86 -5.80 -32.66
C ASP C 134 14.22 -4.38 -33.05
N GLU C 135 13.76 -4.04 -34.25
CA GLU C 135 13.98 -2.75 -34.88
C GLU C 135 13.74 -1.53 -34.01
N ARG C 136 12.69 -1.55 -33.21
CA ARG C 136 12.41 -0.36 -32.39
C ARG C 136 13.43 -0.10 -31.26
N TYR C 137 14.42 -0.97 -31.11
CA TYR C 137 15.41 -0.81 -30.04
C TYR C 137 16.83 -0.74 -30.60
N LYS C 138 16.94 -0.68 -31.94
CA LYS C 138 18.21 -0.67 -32.63
C LYS C 138 19.20 0.43 -32.33
N TYR C 139 18.75 1.52 -31.72
CA TYR C 139 19.69 2.59 -31.41
C TYR C 139 20.01 2.62 -29.93
N VAL C 140 19.59 1.60 -29.19
CA VAL C 140 19.84 1.52 -27.74
C VAL C 140 21.04 0.59 -27.54
N ASP C 141 21.87 0.90 -26.54
CA ASP C 141 23.03 0.04 -26.21
C ASP C 141 22.48 -1.40 -26.10
N PRO C 142 22.88 -2.31 -27.01
CA PRO C 142 22.38 -3.69 -26.97
C PRO C 142 22.46 -4.37 -25.59
N ASN C 143 23.55 -4.10 -24.90
CA ASN C 143 23.86 -4.64 -23.60
C ASN C 143 22.87 -4.33 -22.47
N VAL C 144 22.16 -3.21 -22.54
CA VAL C 144 21.26 -2.90 -21.44
C VAL C 144 19.89 -3.59 -21.57
N LEU C 145 19.49 -3.89 -22.81
CA LEU C 145 18.18 -4.46 -23.14
C LEU C 145 17.95 -5.75 -22.32
N PRO C 146 16.86 -5.77 -21.53
CA PRO C 146 16.56 -6.93 -20.67
C PRO C 146 16.07 -8.22 -21.30
N GLU C 147 16.37 -9.34 -20.62
CA GLU C 147 15.94 -10.70 -21.02
C GLU C 147 14.94 -11.23 -19.97
N THR C 148 14.70 -10.39 -18.96
CA THR C 148 13.73 -10.61 -17.89
C THR C 148 13.81 -9.47 -16.92
N GLU C 149 12.78 -9.21 -16.15
CA GLU C 149 12.87 -8.13 -15.19
C GLU C 149 11.90 -8.36 -14.07
N SER C 150 12.26 -7.80 -12.92
CA SER C 150 11.45 -7.77 -11.70
C SER C 150 11.03 -6.29 -11.64
N LEU C 151 10.16 -5.91 -10.72
CA LEU C 151 9.72 -4.54 -10.61
C LEU C 151 10.94 -3.67 -10.23
N ALA C 152 11.77 -4.20 -9.34
CA ALA C 152 12.97 -3.52 -8.86
C ALA C 152 13.82 -3.10 -10.07
N LEU C 153 14.00 -4.04 -10.97
CA LEU C 153 14.73 -3.81 -12.19
C LEU C 153 14.05 -2.76 -13.11
N VAL C 154 12.71 -2.85 -13.25
CA VAL C 154 11.94 -1.90 -14.05
C VAL C 154 12.26 -0.47 -13.55
N ILE C 155 12.15 -0.28 -12.25
CA ILE C 155 12.42 1.00 -11.60
C ILE C 155 13.86 1.49 -11.87
N ASP C 156 14.82 0.56 -11.94
CA ASP C 156 16.20 0.95 -12.18
C ASP C 156 16.41 1.53 -13.58
N ARG C 157 15.79 0.93 -14.58
CA ARG C 157 15.94 1.45 -15.94
C ARG C 157 14.97 2.60 -16.28
N LEU C 158 13.94 2.77 -15.48
CA LEU C 158 12.99 3.84 -15.77
C LEU C 158 13.37 5.18 -15.17
N LEU C 159 13.86 5.19 -13.94
CA LEU C 159 14.19 6.39 -13.26
C LEU C 159 15.08 7.39 -13.99
N PRO C 160 16.09 6.92 -14.73
CA PRO C 160 16.95 7.86 -15.46
C PRO C 160 16.17 8.72 -16.44
N TYR C 161 15.20 8.11 -17.13
CA TYR C 161 14.34 8.83 -18.09
C TYR C 161 13.47 9.80 -17.35
N TRP C 162 12.94 9.38 -16.21
CA TRP C 162 12.10 10.25 -15.43
C TRP C 162 12.92 11.44 -14.96
N GLN C 163 14.16 11.15 -14.55
CA GLN C 163 15.05 12.13 -13.97
C GLN C 163 15.50 13.27 -14.83
N ASP C 164 15.91 12.92 -16.05
CA ASP C 164 16.40 13.85 -17.04
C ASP C 164 15.35 14.36 -18.04
N VAL C 165 14.58 13.45 -18.61
CA VAL C 165 13.61 13.82 -19.64
C VAL C 165 12.23 14.23 -19.17
N ILE C 166 11.55 13.39 -18.43
CA ILE C 166 10.22 13.78 -18.00
C ILE C 166 10.30 14.97 -17.06
N ALA C 167 11.29 14.97 -16.17
CA ALA C 167 11.47 16.04 -15.16
C ALA C 167 11.65 17.45 -15.77
N LYS C 168 12.37 17.54 -16.87
CA LYS C 168 12.61 18.82 -17.55
C LYS C 168 11.31 19.50 -17.90
N ASP C 169 10.39 18.74 -18.46
CA ASP C 169 9.06 19.25 -18.83
C ASP C 169 8.27 19.63 -17.60
N LEU C 170 8.28 18.76 -16.58
CA LEU C 170 7.54 19.08 -15.37
C LEU C 170 8.05 20.34 -14.73
N LEU C 171 9.36 20.46 -14.65
CA LEU C 171 10.04 21.62 -14.06
C LEU C 171 9.92 22.87 -14.99
N SER C 172 9.54 22.67 -16.25
CA SER C 172 9.31 23.76 -17.19
C SER C 172 7.84 24.21 -17.17
N GLY C 173 7.06 23.68 -16.22
CA GLY C 173 5.65 24.04 -16.14
C GLY C 173 4.64 23.36 -17.07
N LYS C 174 5.10 22.36 -17.82
CA LYS C 174 4.28 21.56 -18.73
C LYS C 174 3.50 20.42 -18.00
N THR C 175 2.21 20.22 -18.31
CA THR C 175 1.45 19.13 -17.70
C THR C 175 1.81 17.92 -18.50
N VAL C 176 2.43 16.91 -17.87
CA VAL C 176 2.85 15.71 -18.60
C VAL C 176 1.84 14.54 -18.46
N MET C 177 1.64 13.81 -19.54
CA MET C 177 0.80 12.63 -19.53
C MET C 177 1.73 11.52 -19.92
N ILE C 178 1.60 10.40 -19.19
CA ILE C 178 2.39 9.25 -19.51
C ILE C 178 1.42 8.12 -19.76
N ALA C 179 1.54 7.47 -20.92
CA ALA C 179 0.72 6.32 -21.27
C ALA C 179 1.68 5.15 -21.25
N ALA C 180 1.55 4.31 -20.21
CA ALA C 180 2.46 3.19 -20.11
C ALA C 180 1.74 1.94 -19.65
N HIS C 181 2.42 1.18 -18.79
CA HIS C 181 1.90 -0.11 -18.37
C HIS C 181 1.76 -0.35 -16.87
N GLY C 182 1.18 -1.51 -16.54
CA GLY C 182 0.94 -1.83 -15.13
C GLY C 182 2.17 -1.75 -14.26
N ASN C 183 3.24 -2.45 -14.67
CA ASN C 183 4.51 -2.50 -13.89
C ASN C 183 5.39 -1.24 -13.98
N SER C 184 5.47 -0.60 -15.14
CA SER C 184 6.26 0.65 -15.24
C SER C 184 5.58 1.78 -14.45
N LEU C 185 4.25 1.80 -14.41
CA LEU C 185 3.51 2.80 -13.65
C LEU C 185 3.46 2.50 -12.14
N ARG C 186 3.36 1.21 -11.78
CA ARG C 186 3.40 0.84 -10.37
C ARG C 186 4.83 1.25 -9.91
N GLY C 187 5.83 1.01 -10.76
CA GLY C 187 7.19 1.37 -10.43
C GLY C 187 7.36 2.85 -10.16
N LEU C 188 6.79 3.69 -11.02
CA LEU C 188 6.89 5.15 -10.88
C LEU C 188 6.12 5.62 -9.69
N VAL C 189 4.97 5.01 -9.46
CA VAL C 189 4.19 5.39 -8.30
C VAL C 189 4.93 4.99 -7.02
N LYS C 190 5.58 3.81 -7.02
CA LYS C 190 6.35 3.38 -5.82
C LYS C 190 7.38 4.50 -5.46
N HIS C 191 8.07 4.98 -6.51
CA HIS C 191 9.05 6.06 -6.39
C HIS C 191 8.42 7.37 -5.91
N LEU C 192 7.35 7.82 -6.55
CA LEU C 192 6.74 9.10 -6.12
C LEU C 192 6.19 9.05 -4.71
N GLU C 193 5.64 7.91 -4.29
CA GLU C 193 5.04 7.86 -2.95
C GLU C 193 5.89 7.27 -1.79
N GLY C 194 7.07 6.73 -2.11
CA GLY C 194 7.91 6.13 -1.09
C GLY C 194 7.29 4.85 -0.54
N ILE C 195 6.63 4.10 -1.41
CA ILE C 195 5.99 2.86 -1.01
C ILE C 195 7.10 1.82 -0.80
N SER C 196 7.01 1.05 0.29
CA SER C 196 8.01 0.05 0.61
C SER C 196 8.10 -1.14 -0.34
N ASP C 197 9.26 -1.78 -0.37
CA ASP C 197 9.49 -2.93 -1.21
C ASP C 197 8.46 -4.04 -0.92
N ALA C 198 8.06 -4.17 0.33
CA ALA C 198 7.09 -5.16 0.75
C ALA C 198 5.66 -4.77 0.34
N ASP C 199 5.30 -3.51 0.59
CA ASP C 199 3.97 -3.02 0.28
C ASP C 199 3.55 -2.91 -1.19
N ILE C 200 4.49 -2.59 -2.06
CA ILE C 200 4.21 -2.37 -3.47
C ILE C 200 3.50 -3.52 -4.20
N ALA C 201 3.75 -4.75 -3.76
CA ALA C 201 3.13 -5.97 -4.31
C ALA C 201 1.58 -5.84 -4.46
N LYS C 202 0.95 -5.16 -3.49
CA LYS C 202 -0.48 -4.96 -3.43
C LYS C 202 -1.03 -3.83 -4.30
N LEU C 203 -0.16 -2.98 -4.85
CA LEU C 203 -0.68 -1.87 -5.64
C LEU C 203 -1.23 -2.27 -7.02
N ASN C 204 -2.46 -1.84 -7.31
CA ASN C 204 -3.01 -2.08 -8.65
C ASN C 204 -3.50 -0.76 -9.23
N ILE C 205 -3.05 -0.48 -10.44
CA ILE C 205 -3.49 0.73 -11.11
C ILE C 205 -4.59 0.35 -12.11
N PRO C 206 -5.80 0.85 -11.87
CA PRO C 206 -6.96 0.56 -12.74
C PRO C 206 -6.67 1.00 -14.18
N THR C 207 -6.94 0.11 -15.13
CA THR C 207 -6.73 0.40 -16.54
C THR C 207 -7.74 1.45 -16.98
N GLY C 208 -7.33 2.27 -17.97
CA GLY C 208 -8.19 3.30 -18.54
C GLY C 208 -8.77 4.40 -17.67
N ILE C 209 -8.16 4.62 -16.50
CA ILE C 209 -8.61 5.68 -15.60
C ILE C 209 -7.36 6.53 -15.28
N PRO C 210 -7.38 7.79 -15.73
CA PRO C 210 -6.27 8.71 -15.50
C PRO C 210 -5.96 8.96 -14.05
N LEU C 211 -4.70 8.74 -13.66
CA LEU C 211 -4.25 9.00 -12.27
C LEU C 211 -3.49 10.35 -12.31
N VAL C 212 -3.95 11.33 -11.54
CA VAL C 212 -3.34 12.65 -11.55
C VAL C 212 -2.48 12.94 -10.33
N PHE C 213 -1.27 13.41 -10.57
CA PHE C 213 -0.36 13.81 -9.47
C PHE C 213 -0.05 15.30 -9.55
N GLU C 214 -0.35 16.01 -8.47
CA GLU C 214 0.02 17.42 -8.34
C GLU C 214 1.32 17.36 -7.48
N LEU C 215 2.41 17.75 -8.13
CA LEU C 215 3.76 17.74 -7.56
C LEU C 215 4.31 19.11 -7.19
N ASP C 216 5.25 19.14 -6.23
CA ASP C 216 5.89 20.39 -5.85
C ASP C 216 7.20 20.53 -6.64
N GLU C 217 8.01 21.55 -6.36
CA GLU C 217 9.27 21.77 -7.09
C GLU C 217 10.29 20.63 -6.98
N ASN C 218 10.15 19.79 -5.95
CA ASN C 218 11.05 18.64 -5.78
C ASN C 218 10.46 17.38 -6.37
N LEU C 219 9.39 17.58 -7.14
CA LEU C 219 8.64 16.52 -7.83
C LEU C 219 8.05 15.56 -6.83
N LYS C 220 7.61 16.11 -5.71
CA LYS C 220 7.03 15.28 -4.68
C LYS C 220 5.53 15.60 -4.52
N PRO C 221 4.69 14.57 -4.34
CA PRO C 221 3.26 14.87 -4.17
C PRO C 221 2.96 16.00 -3.22
N SER C 222 2.22 17.03 -3.67
CA SER C 222 1.87 18.13 -2.78
C SER C 222 0.59 17.81 -2.02
N LYS C 223 -0.06 16.74 -2.48
CA LYS C 223 -1.31 16.19 -1.96
C LYS C 223 -1.49 14.84 -2.64
N PRO C 224 -2.36 13.99 -2.07
CA PRO C 224 -2.69 12.64 -2.56
C PRO C 224 -3.04 12.64 -4.03
N SER C 225 -2.56 11.62 -4.73
CA SER C 225 -2.84 11.44 -6.15
C SER C 225 -4.34 11.21 -6.20
N TYR C 226 -4.93 11.41 -7.38
CA TYR C 226 -6.37 11.21 -7.50
C TYR C 226 -6.74 10.71 -8.89
N TYR C 227 -7.68 9.76 -8.93
CA TYR C 227 -8.12 9.20 -10.20
C TYR C 227 -9.22 10.10 -10.69
N LEU C 228 -9.37 10.17 -12.01
CA LEU C 228 -10.42 11.02 -12.56
C LEU C 228 -11.87 10.46 -12.38
N ASP C 229 -11.93 9.17 -12.06
CA ASP C 229 -13.21 8.54 -11.74
C ASP C 229 -12.83 7.85 -10.44
N PRO C 230 -12.93 8.59 -9.29
CA PRO C 230 -12.59 8.04 -7.97
C PRO C 230 -13.40 6.77 -7.63
N GLU C 231 -14.72 6.83 -7.88
CA GLU C 231 -15.66 5.73 -7.61
C GLU C 231 -15.34 4.46 -8.44
N ALA C 232 -14.88 4.65 -9.69
CA ALA C 232 -14.49 3.52 -10.55
C ALA C 232 -13.06 3.02 -10.28
N ALA C 233 -12.30 3.82 -9.54
CA ALA C 233 -10.94 3.47 -9.18
C ALA C 233 -10.93 2.53 -7.96
N ALA C 234 -11.90 2.69 -7.07
CA ALA C 234 -12.02 1.87 -5.87
C ALA C 234 -13.07 0.76 -6.02
N PRO D 1 17.10 8.10 -50.86
CA PRO D 1 16.04 8.21 -49.84
C PRO D 1 14.62 7.86 -50.34
N LYS D 2 13.71 7.61 -49.40
CA LYS D 2 12.33 7.25 -49.69
C LYS D 2 11.40 8.06 -48.79
N LEU D 3 10.36 8.58 -49.42
CA LEU D 3 9.37 9.46 -48.80
C LEU D 3 7.96 8.97 -49.19
N VAL D 4 7.05 8.95 -48.22
CA VAL D 4 5.66 8.52 -48.42
C VAL D 4 4.76 9.65 -47.97
N LEU D 5 3.84 10.05 -48.85
CA LEU D 5 2.89 11.12 -48.56
C LEU D 5 1.52 10.49 -48.37
N VAL D 6 0.82 10.89 -47.31
CA VAL D 6 -0.51 10.37 -47.08
C VAL D 6 -1.46 11.50 -46.84
N ARG D 7 -2.43 11.65 -47.75
CA ARG D 7 -3.46 12.68 -47.58
C ARG D 7 -4.64 12.07 -46.85
N HIS D 8 -5.12 12.77 -45.84
CA HIS D 8 -6.23 12.27 -45.08
C HIS D 8 -7.53 12.26 -45.90
N GLY D 9 -8.47 11.42 -45.50
CA GLY D 9 -9.76 11.32 -46.18
C GLY D 9 -10.65 12.41 -45.66
N GLN D 10 -11.93 12.38 -46.01
CA GLN D 10 -12.76 13.46 -45.57
C GLN D 10 -13.00 13.68 -44.11
N SER D 11 -13.11 14.96 -43.80
CA SER D 11 -13.36 15.41 -42.47
C SER D 11 -14.84 15.55 -42.36
N GLU D 12 -15.28 15.76 -41.12
CA GLU D 12 -16.67 15.98 -40.85
C GLU D 12 -17.19 17.18 -41.60
N TRP D 13 -16.37 18.19 -41.81
CA TRP D 13 -16.80 19.39 -42.51
C TRP D 13 -16.91 19.17 -43.99
N ASN D 14 -16.05 18.33 -44.55
CA ASN D 14 -16.12 18.11 -45.97
C ASN D 14 -17.51 17.54 -46.28
N GLU D 15 -17.92 16.58 -45.46
CA GLU D 15 -19.21 15.90 -45.58
C GLU D 15 -20.34 16.89 -45.52
N LYS D 16 -20.20 17.91 -44.68
CA LYS D 16 -21.21 18.96 -44.50
C LYS D 16 -20.99 20.14 -45.46
N ASN D 17 -20.08 19.99 -46.43
CA ASN D 17 -19.76 21.03 -47.43
C ASN D 17 -19.31 22.38 -46.83
N LEU D 18 -18.47 22.38 -45.79
CA LEU D 18 -17.95 23.62 -45.18
C LEU D 18 -16.46 23.70 -45.44
N PHE D 19 -15.98 24.90 -45.77
CA PHE D 19 -14.56 25.14 -46.03
C PHE D 19 -13.87 25.01 -44.68
N THR D 20 -12.82 24.21 -44.63
CA THR D 20 -12.09 23.96 -43.38
C THR D 20 -10.84 24.81 -43.11
N GLY D 21 -9.81 24.59 -43.93
CA GLY D 21 -8.54 25.29 -43.79
C GLY D 21 -7.82 24.93 -42.50
N TRP D 22 -7.62 25.91 -41.61
CA TRP D 22 -6.94 25.62 -40.35
C TRP D 22 -7.92 25.28 -39.25
N VAL D 23 -9.23 25.18 -39.52
CA VAL D 23 -10.16 24.80 -38.43
C VAL D 23 -9.83 23.33 -38.14
N ASP D 24 -9.64 23.02 -36.86
CA ASP D 24 -9.25 21.68 -36.45
C ASP D 24 -10.45 20.74 -36.42
N VAL D 25 -10.96 20.47 -37.60
CA VAL D 25 -12.10 19.61 -37.75
C VAL D 25 -11.69 18.13 -37.66
N LYS D 26 -12.57 17.35 -37.04
CA LYS D 26 -12.38 15.92 -36.84
C LYS D 26 -12.58 15.16 -38.17
N LEU D 27 -11.88 14.06 -38.29
CA LEU D 27 -12.00 13.18 -39.45
C LEU D 27 -13.41 12.49 -39.39
N SER D 28 -14.02 12.22 -40.54
CA SER D 28 -15.34 11.55 -40.56
C SER D 28 -15.20 10.03 -40.43
N ALA D 29 -16.29 9.36 -40.08
CA ALA D 29 -16.29 7.91 -40.02
C ALA D 29 -15.58 7.32 -41.27
N LYS D 30 -15.91 7.80 -42.46
CA LYS D 30 -15.28 7.25 -43.65
C LYS D 30 -13.81 7.68 -43.80
N GLY D 31 -13.44 8.83 -43.25
CA GLY D 31 -12.04 9.26 -43.30
C GLY D 31 -11.18 8.27 -42.52
N GLN D 32 -11.73 7.80 -41.39
CA GLN D 32 -11.09 6.80 -40.53
C GLN D 32 -10.85 5.48 -41.25
N GLN D 33 -11.76 5.10 -42.13
CA GLN D 33 -11.64 3.83 -42.86
C GLN D 33 -10.61 3.97 -43.95
N GLU D 34 -10.52 5.16 -44.53
CA GLU D 34 -9.55 5.39 -45.57
C GLU D 34 -8.16 5.39 -44.93
N ALA D 35 -8.05 5.93 -43.70
CA ALA D 35 -6.78 5.97 -42.95
C ALA D 35 -6.30 4.52 -42.77
N ALA D 36 -7.23 3.65 -42.34
CA ALA D 36 -7.00 2.22 -42.14
C ALA D 36 -6.51 1.58 -43.40
N ARG D 37 -7.17 1.88 -44.50
CA ARG D 37 -6.77 1.33 -45.78
C ARG D 37 -5.36 1.83 -46.17
N ALA D 38 -5.05 3.08 -45.80
CA ALA D 38 -3.72 3.65 -46.09
C ALA D 38 -2.67 2.78 -45.34
N GLY D 39 -2.98 2.41 -44.09
CA GLY D 39 -2.08 1.59 -43.32
C GLY D 39 -1.89 0.21 -43.93
N GLU D 40 -3.00 -0.47 -44.28
CA GLU D 40 -2.98 -1.83 -44.89
C GLU D 40 -2.13 -1.83 -46.13
N LEU D 41 -2.21 -0.75 -46.90
CA LEU D 41 -1.41 -0.55 -48.13
C LEU D 41 0.08 -0.36 -47.80
N LEU D 42 0.39 0.30 -46.70
CA LEU D 42 1.80 0.48 -46.31
C LEU D 42 2.40 -0.92 -46.04
N LYS D 43 1.75 -1.66 -45.15
CA LYS D 43 2.15 -3.03 -44.75
C LYS D 43 2.25 -3.99 -45.94
N GLU D 44 1.20 -3.97 -46.73
CA GLU D 44 1.05 -4.81 -47.90
C GLU D 44 2.10 -4.57 -48.94
N LYS D 45 2.43 -3.31 -49.17
CA LYS D 45 3.40 -2.97 -50.20
C LYS D 45 4.82 -2.89 -49.71
N LYS D 46 4.98 -3.26 -48.45
CA LYS D 46 6.27 -3.28 -47.81
C LYS D 46 7.01 -1.92 -47.81
N VAL D 47 6.27 -0.88 -47.41
CA VAL D 47 6.77 0.49 -47.31
C VAL D 47 6.76 0.69 -45.81
N TYR D 48 7.95 0.70 -45.19
CA TYR D 48 8.06 0.81 -43.73
C TYR D 48 8.65 2.14 -43.26
N PRO D 49 7.79 3.09 -42.83
CA PRO D 49 8.32 4.39 -42.38
C PRO D 49 9.22 4.29 -41.16
N ASP D 50 10.29 5.09 -41.10
CA ASP D 50 11.23 5.13 -39.94
C ASP D 50 10.91 6.29 -39.01
N VAL D 51 10.19 7.28 -39.55
CA VAL D 51 9.85 8.48 -38.82
C VAL D 51 8.61 9.11 -39.44
N LEU D 52 7.80 9.73 -38.61
CA LEU D 52 6.57 10.34 -39.07
C LEU D 52 6.59 11.85 -38.86
N TYR D 53 5.96 12.56 -39.79
CA TYR D 53 5.78 14.00 -39.75
C TYR D 53 4.34 14.31 -40.04
N THR D 54 3.72 15.12 -39.18
CA THR D 54 2.35 15.53 -39.42
C THR D 54 2.25 17.06 -39.30
N SER D 55 1.06 17.56 -39.60
CA SER D 55 0.73 18.97 -39.47
C SER D 55 0.26 19.05 -38.04
N LYS D 56 -0.26 20.21 -37.63
CA LYS D 56 -0.80 20.30 -36.29
C LYS D 56 -2.31 20.10 -36.32
N LEU D 57 -2.79 19.58 -37.44
CA LEU D 57 -4.26 19.40 -37.58
C LEU D 57 -4.69 17.95 -37.28
N SER D 58 -5.59 17.80 -36.33
CA SER D 58 -6.10 16.49 -35.89
C SER D 58 -6.45 15.48 -36.99
N ARG D 59 -7.14 15.92 -38.03
CA ARG D 59 -7.54 15.02 -39.11
C ARG D 59 -6.35 14.32 -39.75
N ALA D 60 -5.23 15.02 -39.85
CA ALA D 60 -4.04 14.41 -40.44
C ALA D 60 -3.33 13.54 -39.38
N ILE D 61 -3.37 13.97 -38.13
CA ILE D 61 -2.72 13.26 -37.02
C ILE D 61 -3.44 11.92 -36.80
N GLN D 62 -4.76 11.97 -36.69
CA GLN D 62 -5.55 10.75 -36.54
C GLN D 62 -5.35 9.80 -37.76
N THR D 63 -5.19 10.34 -38.95
CA THR D 63 -4.93 9.49 -40.10
C THR D 63 -3.63 8.72 -39.92
N ALA D 64 -2.56 9.39 -39.51
CA ALA D 64 -1.24 8.75 -39.31
C ALA D 64 -1.34 7.69 -38.20
N ASN D 65 -2.07 8.02 -37.15
CA ASN D 65 -2.29 7.12 -36.03
C ASN D 65 -2.97 5.80 -36.39
N ILE D 66 -4.02 5.89 -37.22
CA ILE D 66 -4.78 4.74 -37.66
C ILE D 66 -3.98 4.00 -38.67
N ALA D 67 -3.43 4.72 -39.64
CA ALA D 67 -2.62 4.07 -40.65
C ALA D 67 -1.38 3.33 -40.05
N LEU D 68 -0.72 3.94 -39.05
CA LEU D 68 0.45 3.31 -38.42
C LEU D 68 0.08 2.09 -37.56
N GLU D 69 -1.13 2.12 -37.00
CA GLU D 69 -1.60 0.99 -36.23
C GLU D 69 -1.79 -0.21 -37.17
N LYS D 70 -2.47 -0.03 -38.31
CA LYS D 70 -2.69 -1.15 -39.24
C LYS D 70 -1.36 -1.59 -39.84
N ALA D 71 -0.44 -0.66 -39.94
CA ALA D 71 0.85 -1.00 -40.49
C ALA D 71 1.76 -1.63 -39.43
N ASP D 72 1.35 -1.55 -38.16
CA ASP D 72 2.11 -2.10 -37.03
C ASP D 72 3.43 -1.36 -36.78
N ARG D 73 3.42 -0.04 -36.97
CA ARG D 73 4.62 0.79 -36.78
C ARG D 73 4.33 2.00 -35.94
N LEU D 74 3.47 1.81 -34.98
CA LEU D 74 3.05 2.86 -34.09
C LEU D 74 4.16 3.42 -33.25
N TRP D 75 5.23 2.65 -33.14
CA TRP D 75 6.35 3.01 -32.29
C TRP D 75 7.31 4.09 -32.80
N ILE D 76 7.22 4.42 -34.08
CA ILE D 76 8.12 5.38 -34.69
C ILE D 76 8.04 6.81 -34.16
N PRO D 77 9.16 7.54 -34.22
CA PRO D 77 9.26 8.94 -33.75
C PRO D 77 8.29 9.84 -34.54
N VAL D 78 7.70 10.83 -33.89
CA VAL D 78 6.80 11.72 -34.58
C VAL D 78 7.10 13.17 -34.26
N ASN D 79 7.06 13.96 -35.33
CA ASN D 79 7.28 15.40 -35.31
C ASN D 79 6.09 16.05 -35.98
N ARG D 80 5.70 17.20 -35.44
CA ARG D 80 4.58 17.96 -35.94
C ARG D 80 5.00 19.41 -36.23
N SER D 81 4.47 19.96 -37.33
CA SER D 81 4.73 21.34 -37.71
C SER D 81 3.52 22.02 -38.36
N TRP D 82 3.31 23.30 -38.02
CA TRP D 82 2.24 24.12 -38.61
C TRP D 82 2.57 24.34 -40.10
N ARG D 83 3.84 24.22 -40.47
CA ARG D 83 4.23 24.44 -41.84
C ARG D 83 3.75 23.35 -42.77
N LEU D 84 3.14 22.31 -42.19
CA LEU D 84 2.58 21.20 -42.96
C LEU D 84 1.04 21.30 -42.94
N ASN D 85 0.52 22.33 -42.27
CA ASN D 85 -0.91 22.55 -42.20
C ASN D 85 -1.54 22.71 -43.60
N GLU D 86 -2.85 22.53 -43.65
CA GLU D 86 -3.59 22.72 -44.88
C GLU D 86 -3.50 24.22 -45.15
N ARG D 87 -3.82 24.61 -46.38
CA ARG D 87 -3.89 26.02 -46.75
C ARG D 87 -4.92 26.69 -45.87
N HIS D 88 -4.58 27.81 -45.22
CA HIS D 88 -5.54 28.56 -44.41
C HIS D 88 -6.58 29.13 -45.39
N TYR D 89 -7.89 29.00 -45.09
CA TYR D 89 -8.96 29.45 -46.01
C TYR D 89 -9.47 30.86 -45.83
N GLY D 90 -8.88 31.60 -44.92
CA GLY D 90 -9.30 32.96 -44.74
C GLY D 90 -10.70 33.10 -44.20
N ASP D 91 -11.41 34.11 -44.71
CA ASP D 91 -12.78 34.39 -44.28
C ASP D 91 -13.76 33.29 -44.76
N LEU D 92 -13.29 32.44 -45.65
CA LEU D 92 -14.04 31.33 -46.16
C LEU D 92 -14.10 30.17 -45.15
N GLN D 93 -13.27 30.20 -44.09
CA GLN D 93 -13.26 29.11 -43.10
C GLN D 93 -14.61 28.98 -42.42
N GLY D 94 -15.18 27.78 -42.49
CA GLY D 94 -16.50 27.56 -41.91
C GLY D 94 -17.69 28.08 -42.69
N LYS D 95 -17.50 28.45 -43.96
CA LYS D 95 -18.61 28.96 -44.78
C LYS D 95 -19.08 27.79 -45.61
N ASP D 96 -20.35 27.79 -46.01
CA ASP D 96 -20.89 26.71 -46.85
C ASP D 96 -20.32 26.91 -48.26
N LYS D 97 -19.87 25.84 -48.89
CA LYS D 97 -19.27 25.93 -50.21
C LYS D 97 -20.27 26.29 -51.32
N ALA D 98 -21.48 25.71 -51.26
CA ALA D 98 -22.50 26.00 -52.27
C ALA D 98 -22.97 27.44 -52.14
N GLU D 99 -23.08 27.94 -50.90
CA GLU D 99 -23.49 29.32 -50.64
C GLU D 99 -22.39 30.27 -51.13
N THR D 100 -21.14 29.84 -51.00
CA THR D 100 -20.00 30.65 -51.42
C THR D 100 -20.02 30.79 -52.94
N LEU D 101 -20.32 29.71 -53.66
CA LEU D 101 -20.40 29.75 -55.12
C LEU D 101 -21.55 30.65 -55.64
N LYS D 102 -22.65 30.75 -54.89
CA LYS D 102 -23.77 31.60 -55.30
C LYS D 102 -23.46 33.08 -55.06
N LYS D 103 -22.62 33.34 -54.06
CA LYS D 103 -22.23 34.70 -53.70
C LYS D 103 -21.07 35.31 -54.53
N PHE D 104 -20.25 34.47 -55.16
CA PHE D 104 -19.11 34.95 -55.95
C PHE D 104 -19.16 34.59 -57.44
N GLY D 105 -19.92 33.56 -57.78
CA GLY D 105 -20.00 33.14 -59.17
C GLY D 105 -18.93 32.10 -59.47
N GLU D 106 -19.16 31.30 -60.52
CA GLU D 106 -18.25 30.24 -60.93
C GLU D 106 -16.77 30.64 -61.20
N GLU D 107 -16.54 31.94 -61.40
CA GLU D 107 -15.22 32.50 -61.68
C GLU D 107 -14.40 32.80 -60.46
N LYS D 108 -14.89 33.73 -59.63
CA LYS D 108 -14.21 34.12 -58.39
C LYS D 108 -14.07 32.89 -57.45
N PHE D 109 -15.08 32.03 -57.44
CA PHE D 109 -15.10 30.82 -56.63
C PHE D 109 -13.97 29.88 -57.02
N ASN D 110 -13.92 29.53 -58.30
CA ASN D 110 -12.91 28.61 -58.84
C ASN D 110 -11.49 29.18 -58.65
N THR D 111 -11.39 30.50 -58.57
CA THR D 111 -10.11 31.19 -58.40
C THR D 111 -9.66 31.03 -56.93
N TYR D 112 -10.58 31.25 -56.01
CA TYR D 112 -10.27 31.11 -54.60
C TYR D 112 -9.87 29.66 -54.26
N ARG D 113 -10.57 28.70 -54.85
CA ARG D 113 -10.32 27.29 -54.63
C ARG D 113 -9.10 26.68 -55.32
N ARG D 114 -8.90 26.99 -56.59
CA ARG D 114 -7.84 26.33 -57.35
C ARG D 114 -6.83 27.15 -58.15
N SER D 115 -6.69 28.43 -57.80
CA SER D 115 -5.67 29.29 -58.42
C SER D 115 -4.37 29.03 -57.64
N PHE D 116 -3.24 29.34 -58.26
CA PHE D 116 -1.96 29.17 -57.61
C PHE D 116 -1.69 30.19 -56.49
N ASP D 117 -2.01 31.46 -56.79
CA ASP D 117 -1.70 32.57 -55.89
C ASP D 117 -2.73 33.61 -55.46
N VAL D 118 -4.01 33.33 -55.65
CA VAL D 118 -5.02 34.31 -55.24
C VAL D 118 -5.65 33.85 -53.94
N PRO D 119 -5.26 34.48 -52.84
CA PRO D 119 -5.80 34.09 -51.56
C PRO D 119 -7.17 34.65 -51.27
N PRO D 120 -7.94 33.96 -50.41
CA PRO D 120 -9.29 34.39 -50.01
C PRO D 120 -9.12 35.64 -49.14
N PRO D 121 -10.20 36.39 -48.90
CA PRO D 121 -10.05 37.57 -48.06
C PRO D 121 -9.54 37.07 -46.70
N PRO D 122 -8.75 37.88 -45.96
CA PRO D 122 -8.25 37.44 -44.64
C PRO D 122 -9.42 37.32 -43.67
N ILE D 123 -9.29 36.43 -42.69
CA ILE D 123 -10.32 36.23 -41.69
C ILE D 123 -10.02 37.16 -40.52
N ASP D 124 -11.04 37.73 -39.92
CA ASP D 124 -10.85 38.62 -38.79
C ASP D 124 -10.41 37.79 -37.57
N ALA D 125 -9.49 38.36 -36.77
CA ALA D 125 -8.95 37.75 -35.57
C ALA D 125 -9.99 37.35 -34.53
N SER D 126 -11.15 37.98 -34.58
CA SER D 126 -12.26 37.71 -33.64
C SER D 126 -13.32 36.69 -34.13
N SER D 127 -13.15 36.13 -35.33
CA SER D 127 -14.09 35.14 -35.86
C SER D 127 -14.02 33.81 -35.12
N PRO D 128 -15.17 33.10 -34.99
CA PRO D 128 -15.14 31.81 -34.30
C PRO D 128 -14.27 30.83 -35.10
N PHE D 129 -14.06 31.12 -36.40
CA PHE D 129 -13.27 30.27 -37.33
C PHE D 129 -11.83 30.74 -37.57
N SER D 130 -11.41 31.63 -36.68
CA SER D 130 -10.04 32.15 -36.69
C SER D 130 -9.17 31.40 -35.67
N GLN D 131 -7.94 31.07 -36.08
CA GLN D 131 -6.99 30.36 -35.23
C GLN D 131 -6.01 31.32 -34.53
N LYS D 132 -6.22 32.63 -34.66
CA LYS D 132 -5.34 33.60 -34.02
C LYS D 132 -5.31 33.37 -32.52
N GLY D 133 -4.11 33.11 -31.99
CA GLY D 133 -3.96 32.92 -30.55
C GLY D 133 -4.20 31.51 -30.06
N ASP D 134 -4.25 30.57 -30.99
CA ASP D 134 -4.46 29.16 -30.65
C ASP D 134 -3.24 28.54 -29.92
N GLU D 135 -3.54 27.87 -28.83
CA GLU D 135 -2.55 27.22 -28.02
C GLU D 135 -1.50 26.41 -28.78
N ARG D 136 -1.90 25.75 -29.84
CA ARG D 136 -0.93 24.90 -30.52
C ARG D 136 0.10 25.63 -31.34
N TYR D 137 -0.08 26.95 -31.51
CA TYR D 137 0.85 27.79 -32.30
C TYR D 137 1.57 28.82 -31.42
N LYS D 138 1.39 28.71 -30.11
CA LYS D 138 1.97 29.68 -29.15
C LYS D 138 3.47 29.90 -29.05
N TYR D 139 4.27 29.00 -29.61
CA TYR D 139 5.72 29.09 -29.56
C TYR D 139 6.26 29.45 -30.92
N VAL D 140 5.34 29.83 -31.83
CA VAL D 140 5.68 30.26 -33.19
C VAL D 140 5.55 31.80 -33.17
N ASP D 141 6.46 32.47 -33.87
CA ASP D 141 6.48 33.94 -34.00
C ASP D 141 5.07 34.34 -34.48
N PRO D 142 4.33 35.14 -33.68
CA PRO D 142 2.98 35.58 -34.06
C PRO D 142 2.84 36.18 -35.45
N ASN D 143 3.86 36.92 -35.86
CA ASN D 143 3.90 37.63 -37.15
C ASN D 143 3.85 36.77 -38.42
N VAL D 144 4.35 35.54 -38.33
CA VAL D 144 4.34 34.65 -39.48
C VAL D 144 3.04 33.84 -39.70
N LEU D 145 2.23 33.69 -38.65
CA LEU D 145 1.02 32.90 -38.75
C LEU D 145 0.00 33.53 -39.73
N PRO D 146 -0.38 32.81 -40.81
CA PRO D 146 -1.34 33.37 -41.79
C PRO D 146 -2.76 33.60 -41.34
N GLU D 147 -3.42 34.58 -41.96
CA GLU D 147 -4.82 34.88 -41.68
C GLU D 147 -5.59 34.56 -42.95
N THR D 148 -4.83 34.07 -43.93
CA THR D 148 -5.34 33.63 -45.21
C THR D 148 -4.18 33.18 -46.06
N GLU D 149 -4.40 32.24 -46.95
CA GLU D 149 -3.30 31.78 -47.81
C GLU D 149 -3.73 31.33 -49.18
N SER D 150 -2.76 31.25 -50.09
CA SER D 150 -2.94 30.73 -51.42
C SER D 150 -1.97 29.52 -51.45
N LEU D 151 -2.02 28.70 -52.50
CA LEU D 151 -1.10 27.57 -52.57
C LEU D 151 0.35 28.14 -52.57
N ALA D 152 0.55 29.21 -53.34
CA ALA D 152 1.88 29.83 -53.45
C ALA D 152 2.46 30.13 -52.07
N LEU D 153 1.61 30.68 -51.21
CA LEU D 153 2.00 31.04 -49.85
C LEU D 153 2.22 29.81 -48.97
N VAL D 154 1.46 28.75 -49.22
CA VAL D 154 1.62 27.50 -48.47
C VAL D 154 3.01 27.00 -48.77
N ILE D 155 3.37 26.95 -50.04
CA ILE D 155 4.70 26.54 -50.46
C ILE D 155 5.82 27.35 -49.80
N ASP D 156 5.72 28.69 -49.78
CA ASP D 156 6.76 29.57 -49.17
C ASP D 156 7.02 29.22 -47.70
N ARG D 157 5.98 28.93 -46.92
CA ARG D 157 6.16 28.57 -45.51
C ARG D 157 6.50 27.10 -45.26
N LEU D 158 6.19 26.26 -46.20
CA LEU D 158 6.46 24.85 -46.05
C LEU D 158 7.89 24.49 -46.32
N LEU D 159 8.41 24.94 -47.45
CA LEU D 159 9.79 24.59 -47.89
C LEU D 159 10.94 24.61 -46.86
N PRO D 160 10.99 25.61 -45.95
CA PRO D 160 12.04 25.71 -44.92
C PRO D 160 12.04 24.47 -43.97
N TYR D 161 10.85 23.97 -43.63
CA TYR D 161 10.74 22.82 -42.77
C TYR D 161 11.18 21.59 -43.55
N TRP D 162 10.86 21.57 -44.83
CA TRP D 162 11.29 20.47 -45.68
C TRP D 162 12.84 20.52 -45.85
N GLN D 163 13.37 21.74 -46.07
CA GLN D 163 14.80 21.95 -46.33
C GLN D 163 15.72 21.58 -45.19
N ASP D 164 15.28 21.86 -43.97
CA ASP D 164 16.11 21.61 -42.82
C ASP D 164 15.73 20.38 -42.01
N VAL D 165 14.46 20.26 -41.67
CA VAL D 165 14.01 19.17 -40.82
C VAL D 165 13.72 17.85 -41.53
N ILE D 166 12.83 17.85 -42.52
CA ILE D 166 12.53 16.62 -43.20
C ILE D 166 13.74 16.14 -43.99
N ALA D 167 14.45 17.06 -44.62
CA ALA D 167 15.63 16.68 -45.38
C ALA D 167 16.71 16.01 -44.54
N LYS D 168 16.91 16.43 -43.29
CA LYS D 168 17.95 15.78 -42.49
C LYS D 168 17.64 14.29 -42.36
N ASP D 169 16.39 13.98 -42.05
CA ASP D 169 16.02 12.55 -41.94
C ASP D 169 16.23 11.78 -43.23
N LEU D 170 15.77 12.34 -44.34
CA LEU D 170 15.91 11.68 -45.64
C LEU D 170 17.39 11.46 -45.98
N LEU D 171 18.19 12.49 -45.77
CA LEU D 171 19.62 12.44 -46.04
C LEU D 171 20.38 11.56 -45.02
N SER D 172 19.72 11.21 -43.92
CA SER D 172 20.28 10.30 -42.94
C SER D 172 19.86 8.84 -43.28
N GLY D 173 19.22 8.63 -44.43
CA GLY D 173 18.81 7.28 -44.79
C GLY D 173 17.52 6.71 -44.18
N LYS D 174 16.73 7.56 -43.53
CA LYS D 174 15.47 7.17 -42.92
C LYS D 174 14.27 7.37 -43.87
N THR D 175 13.35 6.40 -43.92
CA THR D 175 12.14 6.46 -44.79
C THR D 175 11.17 7.35 -44.05
N VAL D 176 10.86 8.49 -44.65
CA VAL D 176 9.99 9.45 -44.01
C VAL D 176 8.54 9.36 -44.45
N MET D 177 7.62 9.40 -43.51
CA MET D 177 6.22 9.42 -43.83
C MET D 177 5.69 10.81 -43.46
N ILE D 178 4.92 11.42 -44.35
CA ILE D 178 4.32 12.72 -44.04
C ILE D 178 2.81 12.53 -44.16
N ALA D 179 2.09 12.79 -43.07
CA ALA D 179 0.65 12.72 -43.11
C ALA D 179 0.23 14.19 -43.10
N ALA D 180 -0.23 14.70 -44.23
CA ALA D 180 -0.63 16.09 -44.29
C ALA D 180 -1.94 16.34 -45.03
N HIS D 181 -1.99 17.43 -45.78
CA HIS D 181 -3.18 17.92 -46.44
C HIS D 181 -3.07 18.22 -47.91
N GLY D 182 -4.24 18.45 -48.54
CA GLY D 182 -4.32 18.73 -49.97
C GLY D 182 -3.35 19.76 -50.51
N ASN D 183 -3.42 20.98 -49.98
CA ASN D 183 -2.51 22.02 -50.46
C ASN D 183 -1.04 21.83 -50.09
N SER D 184 -0.77 21.44 -48.84
CA SER D 184 0.63 21.24 -48.45
C SER D 184 1.30 20.12 -49.18
N LEU D 185 0.55 19.05 -49.47
CA LEU D 185 1.12 17.92 -50.17
C LEU D 185 1.26 18.19 -51.67
N ARG D 186 0.30 18.94 -52.24
CA ARG D 186 0.40 19.28 -53.67
C ARG D 186 1.57 20.26 -53.81
N GLY D 187 1.68 21.17 -52.83
CA GLY D 187 2.77 22.12 -52.76
C GLY D 187 4.09 21.37 -52.75
N LEU D 188 4.23 20.38 -51.86
CA LEU D 188 5.46 19.59 -51.85
C LEU D 188 5.69 18.83 -53.18
N VAL D 189 4.62 18.28 -53.77
CA VAL D 189 4.81 17.55 -55.04
C VAL D 189 5.20 18.51 -56.16
N LYS D 190 4.64 19.71 -56.14
CA LYS D 190 4.95 20.73 -57.15
C LYS D 190 6.47 20.99 -57.14
N HIS D 191 7.00 21.16 -55.93
CA HIS D 191 8.42 21.41 -55.72
C HIS D 191 9.27 20.21 -56.16
N LEU D 192 8.90 19.02 -55.70
CA LEU D 192 9.65 17.83 -56.05
C LEU D 192 9.71 17.48 -57.54
N GLU D 193 8.59 17.69 -58.23
CA GLU D 193 8.49 17.37 -59.66
C GLU D 193 8.77 18.55 -60.61
N GLY D 194 8.84 19.76 -60.08
CA GLY D 194 9.11 20.92 -60.91
C GLY D 194 7.93 21.29 -61.79
N ILE D 195 6.74 21.13 -61.23
CA ILE D 195 5.50 21.46 -61.92
C ILE D 195 5.37 23.00 -61.94
N SER D 196 4.92 23.57 -63.06
CA SER D 196 4.82 25.04 -63.19
C SER D 196 3.68 25.64 -62.39
N ASP D 197 3.68 26.97 -62.24
CA ASP D 197 2.62 27.65 -61.48
C ASP D 197 1.27 27.38 -62.15
N ALA D 198 1.28 27.24 -63.48
CA ALA D 198 0.06 26.98 -64.24
C ALA D 198 -0.48 25.54 -64.20
N ASP D 199 0.43 24.57 -64.26
CA ASP D 199 0.07 23.16 -64.29
C ASP D 199 -0.37 22.55 -62.93
N ILE D 200 0.04 23.16 -61.82
CA ILE D 200 -0.29 22.63 -60.52
C ILE D 200 -1.78 22.51 -60.18
N ALA D 201 -2.61 23.39 -60.73
CA ALA D 201 -4.06 23.34 -60.47
C ALA D 201 -4.69 22.03 -60.93
N LYS D 202 -4.06 21.41 -61.91
CA LYS D 202 -4.50 20.14 -62.47
C LYS D 202 -4.30 18.96 -61.51
N LEU D 203 -3.12 18.92 -60.87
CA LEU D 203 -2.76 17.87 -59.92
C LEU D 203 -3.74 17.66 -58.82
N ASN D 204 -4.22 16.43 -58.77
CA ASN D 204 -5.10 16.00 -57.73
C ASN D 204 -4.30 14.89 -57.02
N ILE D 205 -4.33 14.94 -55.71
CA ILE D 205 -3.69 13.92 -54.90
C ILE D 205 -4.88 13.22 -54.23
N PRO D 206 -5.11 11.93 -54.56
CA PRO D 206 -6.25 11.21 -53.95
C PRO D 206 -6.03 10.94 -52.50
N THR D 207 -7.13 10.90 -51.75
CA THR D 207 -7.07 10.65 -50.31
C THR D 207 -6.96 9.15 -49.92
N GLY D 208 -6.36 8.92 -48.73
CA GLY D 208 -6.17 7.59 -48.19
C GLY D 208 -5.34 6.62 -49.00
N ILE D 209 -4.53 7.14 -49.93
CA ILE D 209 -3.63 6.32 -50.76
C ILE D 209 -2.16 6.84 -50.63
N PRO D 210 -1.26 6.04 -50.04
CA PRO D 210 0.13 6.53 -49.90
C PRO D 210 0.75 6.77 -51.27
N LEU D 211 1.49 7.87 -51.38
CA LEU D 211 2.14 8.23 -52.62
C LEU D 211 3.64 8.14 -52.26
N VAL D 212 4.37 7.29 -52.98
CA VAL D 212 5.77 7.09 -52.69
C VAL D 212 6.72 7.71 -53.68
N PHE D 213 7.69 8.43 -53.11
CA PHE D 213 8.77 9.08 -53.84
C PHE D 213 10.11 8.48 -53.44
N GLU D 214 10.84 7.93 -54.42
CA GLU D 214 12.19 7.42 -54.20
C GLU D 214 12.97 8.61 -54.76
N LEU D 215 13.89 9.13 -53.94
CA LEU D 215 14.64 10.33 -54.28
C LEU D 215 16.14 10.02 -54.32
N ASP D 216 16.90 10.85 -55.02
CA ASP D 216 18.34 10.68 -55.10
C ASP D 216 18.98 11.54 -54.01
N GLU D 217 20.31 11.68 -54.03
CA GLU D 217 21.05 12.47 -53.03
C GLU D 217 20.76 13.98 -53.05
N ASN D 218 20.10 14.45 -54.10
CA ASN D 218 19.72 15.86 -54.21
C ASN D 218 18.23 15.99 -53.93
N LEU D 219 17.65 14.94 -53.37
CA LEU D 219 16.24 14.96 -53.03
C LEU D 219 15.29 15.18 -54.22
N LYS D 220 15.75 14.79 -55.42
CA LYS D 220 14.97 14.88 -56.65
C LYS D 220 14.60 13.41 -57.03
N PRO D 221 13.37 13.16 -57.50
CA PRO D 221 12.90 11.80 -57.89
C PRO D 221 13.89 10.94 -58.68
N SER D 222 14.21 9.74 -58.18
CA SER D 222 15.15 8.80 -58.86
C SER D 222 14.47 8.04 -59.98
N LYS D 223 13.14 7.93 -59.85
CA LYS D 223 12.26 7.27 -60.82
C LYS D 223 10.91 7.98 -60.57
N PRO D 224 9.86 7.73 -61.38
CA PRO D 224 8.61 8.45 -61.10
C PRO D 224 7.86 8.05 -59.84
N SER D 225 7.10 9.00 -59.29
CA SER D 225 6.34 8.72 -58.09
C SER D 225 5.29 7.63 -58.37
N TYR D 226 4.84 6.96 -57.32
CA TYR D 226 3.84 5.94 -57.50
C TYR D 226 2.95 5.77 -56.31
N TYR D 227 1.66 5.64 -56.59
CA TYR D 227 0.68 5.38 -55.55
C TYR D 227 0.84 3.88 -55.19
N LEU D 228 0.42 3.49 -53.98
CA LEU D 228 0.52 2.10 -53.56
C LEU D 228 -0.65 1.23 -54.10
N ASP D 229 -1.64 1.91 -54.66
CA ASP D 229 -2.79 1.28 -55.30
C ASP D 229 -2.94 2.19 -56.53
N PRO D 230 -2.13 1.93 -57.57
CA PRO D 230 -2.18 2.75 -58.80
C PRO D 230 -3.56 2.85 -59.47
N GLU D 231 -4.32 1.75 -59.44
CA GLU D 231 -5.65 1.66 -60.05
C GLU D 231 -6.66 2.58 -59.37
N ALA D 232 -6.80 2.43 -58.06
CA ALA D 232 -7.72 3.24 -57.26
C ALA D 232 -7.42 4.75 -57.24
N ALA D 233 -6.15 5.09 -57.42
CA ALA D 233 -5.68 6.49 -57.45
C ALA D 233 -5.92 7.13 -58.82
N ALA D 234 -5.94 6.30 -59.87
CA ALA D 234 -6.14 6.71 -61.26
C ALA D 234 -7.61 6.87 -61.71
N ALA D 235 -8.55 6.41 -60.87
CA ALA D 235 -9.98 6.54 -61.17
C ALA D 235 -10.62 7.65 -60.33
N PRO E 1 -10.28 -39.00 23.72
CA PRO E 1 -10.25 -38.11 24.90
C PRO E 1 -9.63 -38.86 26.08
N LYS E 2 -9.01 -38.13 27.01
CA LYS E 2 -8.37 -38.73 28.18
C LYS E 2 -8.81 -37.96 29.39
N LEU E 3 -9.19 -38.72 30.40
CA LEU E 3 -9.70 -38.16 31.63
C LEU E 3 -8.95 -38.79 32.83
N VAL E 4 -8.60 -37.96 33.81
CA VAL E 4 -7.90 -38.39 35.00
C VAL E 4 -8.71 -38.01 36.21
N LEU E 5 -8.99 -39.01 37.05
CA LEU E 5 -9.75 -38.80 38.26
C LEU E 5 -8.88 -38.91 39.51
N VAL E 6 -8.98 -37.94 40.40
CA VAL E 6 -8.19 -38.01 41.61
C VAL E 6 -9.07 -37.82 42.82
N ARG E 7 -9.10 -38.83 43.69
CA ARG E 7 -9.89 -38.72 44.91
C ARG E 7 -8.96 -38.21 46.02
N HIS E 8 -9.44 -37.24 46.78
CA HIS E 8 -8.64 -36.69 47.81
C HIS E 8 -8.49 -37.66 48.99
N GLY E 9 -7.33 -37.59 49.67
CA GLY E 9 -7.08 -38.43 50.83
C GLY E 9 -7.88 -37.89 51.99
N GLN E 10 -7.73 -38.50 53.16
CA GLN E 10 -8.52 -38.08 54.31
C GLN E 10 -8.50 -36.64 54.76
N SER E 11 -9.66 -36.22 55.23
CA SER E 11 -9.87 -34.91 55.82
C SER E 11 -9.57 -35.12 57.33
N GLU E 12 -9.64 -34.04 58.10
CA GLU E 12 -9.42 -34.06 59.52
C GLU E 12 -10.55 -34.74 60.27
N TRP E 13 -11.75 -34.73 59.70
CA TRP E 13 -12.92 -35.38 60.31
C TRP E 13 -12.97 -36.92 60.20
N ASN E 14 -12.27 -37.50 59.25
CA ASN E 14 -12.26 -38.94 59.06
C ASN E 14 -11.67 -39.58 60.33
N GLU E 15 -10.53 -39.06 60.76
CA GLU E 15 -9.89 -39.54 61.96
C GLU E 15 -10.86 -39.36 63.15
N LYS E 16 -11.55 -38.20 63.21
CA LYS E 16 -12.49 -37.90 64.29
C LYS E 16 -13.83 -38.68 64.27
N ASN E 17 -14.01 -39.49 63.22
CA ASN E 17 -15.22 -40.31 63.02
C ASN E 17 -16.50 -39.43 62.90
N LEU E 18 -16.51 -38.46 62.00
CA LEU E 18 -17.69 -37.62 61.83
C LEU E 18 -18.04 -37.58 60.35
N PHE E 19 -19.35 -37.52 60.05
CA PHE E 19 -19.77 -37.45 58.65
C PHE E 19 -19.51 -36.02 58.20
N THR E 20 -18.83 -35.90 57.06
CA THR E 20 -18.44 -34.64 56.41
C THR E 20 -19.43 -34.08 55.37
N GLY E 21 -19.58 -34.81 54.27
CA GLY E 21 -20.49 -34.39 53.22
C GLY E 21 -20.03 -33.06 52.65
N TRP E 22 -20.91 -32.06 52.65
CA TRP E 22 -20.58 -30.74 52.13
C TRP E 22 -19.82 -29.86 53.11
N VAL E 23 -19.68 -30.25 54.38
CA VAL E 23 -18.92 -29.41 55.35
C VAL E 23 -17.52 -29.27 54.79
N ASP E 24 -17.01 -28.04 54.78
CA ASP E 24 -15.69 -27.79 54.21
C ASP E 24 -14.52 -28.05 55.14
N VAL E 25 -14.29 -29.32 55.41
CA VAL E 25 -13.27 -29.76 56.32
C VAL E 25 -11.90 -29.83 55.63
N LYS E 26 -10.83 -29.39 56.32
CA LYS E 26 -9.48 -29.43 55.69
C LYS E 26 -8.88 -30.80 55.52
N LEU E 27 -8.07 -30.93 54.47
CA LEU E 27 -7.38 -32.17 54.15
C LEU E 27 -6.42 -32.41 55.34
N SER E 28 -6.24 -33.67 55.72
CA SER E 28 -5.36 -33.99 56.83
C SER E 28 -3.92 -34.03 56.35
N ALA E 29 -2.98 -34.05 57.29
CA ALA E 29 -1.58 -34.14 56.93
C ALA E 29 -1.35 -35.33 56.00
N LYS E 30 -2.02 -36.45 56.28
CA LYS E 30 -1.90 -37.64 55.45
C LYS E 30 -2.59 -37.40 54.09
N GLY E 31 -3.61 -36.55 54.08
CA GLY E 31 -4.28 -36.25 52.83
C GLY E 31 -3.28 -35.49 51.97
N GLN E 32 -2.54 -34.53 52.58
CA GLN E 32 -1.55 -33.75 51.86
C GLN E 32 -0.45 -34.58 51.20
N GLN E 33 -0.05 -35.67 51.86
CA GLN E 33 1.01 -36.54 51.36
C GLN E 33 0.50 -37.41 50.21
N GLU E 34 -0.74 -37.87 50.33
CA GLU E 34 -1.33 -38.67 49.24
C GLU E 34 -1.49 -37.78 47.99
N ALA E 35 -1.79 -36.50 48.21
CA ALA E 35 -1.92 -35.47 47.13
C ALA E 35 -0.56 -35.35 46.40
N ALA E 36 0.51 -35.22 47.17
CA ALA E 36 1.86 -35.11 46.63
C ALA E 36 2.20 -36.37 45.86
N ARG E 37 1.80 -37.52 46.39
CA ARG E 37 2.05 -38.80 45.74
C ARG E 37 1.22 -38.91 44.43
N ALA E 38 -0.02 -38.39 44.43
CA ALA E 38 -0.93 -38.37 43.25
C ALA E 38 -0.29 -37.56 42.10
N GLY E 39 0.28 -36.41 42.45
CA GLY E 39 0.95 -35.60 41.45
C GLY E 39 2.25 -36.20 40.96
N GLU E 40 2.98 -36.87 41.86
CA GLU E 40 4.24 -37.52 41.51
C GLU E 40 3.93 -38.65 40.51
N LEU E 41 2.81 -39.35 40.69
CA LEU E 41 2.39 -40.42 39.75
C LEU E 41 2.06 -39.89 38.34
N LEU E 42 1.37 -38.75 38.26
CA LEU E 42 1.00 -38.11 36.98
C LEU E 42 2.26 -37.87 36.14
N LYS E 43 3.32 -37.34 36.78
CA LYS E 43 4.59 -37.05 36.09
C LYS E 43 5.31 -38.33 35.70
N GLU E 44 5.46 -39.21 36.68
CA GLU E 44 6.14 -40.50 36.53
C GLU E 44 5.52 -41.23 35.35
N LYS E 45 4.19 -41.33 35.38
CA LYS E 45 3.42 -42.01 34.35
C LYS E 45 3.05 -41.23 33.07
N LYS E 46 3.56 -39.99 32.95
CA LYS E 46 3.32 -39.16 31.77
C LYS E 46 1.86 -38.84 31.41
N VAL E 47 1.10 -38.42 32.42
CA VAL E 47 -0.28 -38.04 32.24
C VAL E 47 -0.25 -36.56 32.56
N TYR E 48 -0.37 -35.75 31.50
CA TYR E 48 -0.31 -34.29 31.58
C TYR E 48 -1.65 -33.59 31.37
N PRO E 49 -2.34 -33.23 32.46
CA PRO E 49 -3.63 -32.55 32.35
C PRO E 49 -3.52 -31.17 31.68
N ASP E 50 -4.53 -30.85 30.85
CA ASP E 50 -4.57 -29.58 30.12
C ASP E 50 -5.47 -28.61 30.83
N VAL E 51 -6.31 -29.12 31.70
CA VAL E 51 -7.27 -28.27 32.38
C VAL E 51 -7.75 -29.07 33.60
N LEU E 52 -8.12 -28.34 34.64
CA LEU E 52 -8.55 -28.95 35.87
C LEU E 52 -9.94 -28.52 36.25
N TYR E 53 -10.67 -29.47 36.85
CA TYR E 53 -12.00 -29.28 37.35
C TYR E 53 -11.95 -29.74 38.79
N THR E 54 -12.52 -28.95 39.68
CA THR E 54 -12.55 -29.33 41.07
C THR E 54 -13.93 -29.02 41.58
N SER E 55 -14.25 -29.53 42.76
CA SER E 55 -15.50 -29.24 43.40
C SER E 55 -15.27 -27.92 44.12
N LYS E 56 -16.26 -27.46 44.88
CA LYS E 56 -16.09 -26.28 45.65
C LYS E 56 -15.63 -26.55 47.12
N LEU E 57 -15.14 -27.77 47.39
CA LEU E 57 -14.68 -28.12 48.75
C LEU E 57 -13.16 -28.09 48.85
N SER E 58 -12.68 -27.42 49.89
CA SER E 58 -11.23 -27.25 50.11
C SER E 58 -10.34 -28.50 49.99
N ARG E 59 -10.74 -29.62 50.58
CA ARG E 59 -9.93 -30.85 50.52
C ARG E 59 -9.60 -31.33 49.10
N ALA E 60 -10.57 -31.22 48.18
CA ALA E 60 -10.33 -31.62 46.79
C ALA E 60 -9.45 -30.59 46.11
N ILE E 61 -9.74 -29.32 46.38
CA ILE E 61 -8.97 -28.23 45.81
C ILE E 61 -7.52 -28.31 46.23
N GLN E 62 -7.27 -28.39 47.54
CA GLN E 62 -5.90 -28.49 48.02
C GLN E 62 -5.21 -29.72 47.48
N THR E 63 -5.95 -30.79 47.29
CA THR E 63 -5.35 -32.01 46.78
C THR E 63 -4.86 -31.70 45.37
N ALA E 64 -5.70 -30.99 44.60
CA ALA E 64 -5.34 -30.64 43.23
C ALA E 64 -4.10 -29.73 43.16
N ASN E 65 -4.12 -28.68 43.97
CA ASN E 65 -3.01 -27.74 44.04
C ASN E 65 -1.70 -28.48 44.39
N ILE E 66 -1.73 -29.32 45.43
CA ILE E 66 -0.57 -30.08 45.81
C ILE E 66 -0.11 -31.00 44.68
N ALA E 67 -1.08 -31.69 44.07
CA ALA E 67 -0.76 -32.62 42.99
C ALA E 67 -0.13 -31.94 41.78
N LEU E 68 -0.64 -30.77 41.44
CA LEU E 68 -0.13 -30.08 40.23
C LEU E 68 1.23 -29.45 40.49
N GLU E 69 1.46 -29.05 41.75
CA GLU E 69 2.75 -28.52 42.11
C GLU E 69 3.75 -29.65 41.85
N LYS E 70 3.45 -30.89 42.26
CA LYS E 70 4.38 -31.99 42.01
C LYS E 70 4.50 -32.40 40.57
N ALA E 71 3.42 -32.19 39.79
CA ALA E 71 3.43 -32.57 38.39
C ALA E 71 4.03 -31.48 37.49
N ASP E 72 4.24 -30.29 38.06
CA ASP E 72 4.81 -29.14 37.33
C ASP E 72 3.84 -28.63 36.25
N ARG E 73 2.56 -28.58 36.63
CA ARG E 73 1.50 -28.14 35.74
C ARG E 73 0.52 -27.29 36.53
N LEU E 74 1.07 -26.46 37.39
CA LEU E 74 0.32 -25.58 38.26
C LEU E 74 -0.37 -24.47 37.45
N TRP E 75 0.16 -24.25 36.26
CA TRP E 75 -0.31 -23.21 35.40
C TRP E 75 -1.61 -23.43 34.62
N ILE E 76 -2.08 -24.68 34.52
CA ILE E 76 -3.28 -25.01 33.76
C ILE E 76 -4.55 -24.31 34.23
N PRO E 77 -5.53 -24.12 33.31
CA PRO E 77 -6.76 -23.45 33.75
C PRO E 77 -7.57 -24.30 34.74
N VAL E 78 -8.22 -23.64 35.69
CA VAL E 78 -9.02 -24.35 36.67
C VAL E 78 -10.47 -23.86 36.74
N ASN E 79 -11.41 -24.82 36.76
CA ASN E 79 -12.85 -24.54 36.87
C ASN E 79 -13.38 -25.32 38.07
N ARG E 80 -14.25 -24.70 38.87
CA ARG E 80 -14.83 -25.33 40.05
C ARG E 80 -16.39 -25.33 39.92
N SER E 81 -17.04 -26.36 40.45
CA SER E 81 -18.50 -26.46 40.44
C SER E 81 -19.02 -27.22 41.63
N TRP E 82 -20.11 -26.74 42.21
CA TRP E 82 -20.74 -27.41 43.33
C TRP E 82 -21.23 -28.78 42.89
N ARG E 83 -21.35 -28.99 41.58
CA ARG E 83 -21.84 -30.24 41.02
C ARG E 83 -20.86 -31.39 41.08
N LEU E 84 -19.60 -31.06 41.42
CA LEU E 84 -18.57 -32.08 41.58
C LEU E 84 -18.42 -32.34 43.11
N ASN E 85 -19.19 -31.60 43.93
CA ASN E 85 -19.16 -31.79 45.36
C ASN E 85 -19.46 -33.24 45.82
N GLU E 86 -19.01 -33.53 47.04
CA GLU E 86 -19.24 -34.80 47.69
C GLU E 86 -20.75 -34.87 47.91
N ARG E 87 -21.24 -36.09 48.13
CA ARG E 87 -22.65 -36.28 48.44
C ARG E 87 -22.96 -35.55 49.75
N HIS E 88 -24.00 -34.72 49.73
CA HIS E 88 -24.45 -34.00 50.90
C HIS E 88 -24.96 -35.09 51.85
N TYR E 89 -24.62 -34.97 53.12
CA TYR E 89 -24.98 -36.01 54.10
C TYR E 89 -26.22 -35.76 54.92
N GLY E 90 -26.87 -34.64 54.68
CA GLY E 90 -28.06 -34.32 55.42
C GLY E 90 -27.83 -34.02 56.87
N ASP E 91 -28.75 -34.46 57.73
CA ASP E 91 -28.64 -34.21 59.17
C ASP E 91 -27.44 -34.95 59.77
N LEU E 92 -26.93 -35.92 59.02
CA LEU E 92 -25.77 -36.69 59.45
C LEU E 92 -24.46 -35.88 59.36
N GLN E 93 -24.48 -34.69 58.73
CA GLN E 93 -23.27 -33.88 58.60
C GLN E 93 -22.79 -33.39 59.94
N GLY E 94 -21.57 -33.77 60.33
CA GLY E 94 -21.04 -33.30 61.60
C GLY E 94 -21.48 -34.13 62.80
N LYS E 95 -21.95 -35.34 62.51
CA LYS E 95 -22.43 -36.23 63.54
C LYS E 95 -21.50 -37.39 63.59
N ASP E 96 -21.39 -37.97 64.78
CA ASP E 96 -20.51 -39.11 65.07
C ASP E 96 -21.03 -40.39 64.45
N LYS E 97 -20.16 -41.06 63.69
CA LYS E 97 -20.54 -42.28 63.01
C LYS E 97 -20.92 -43.42 63.94
N ALA E 98 -20.28 -43.48 65.12
CA ALA E 98 -20.61 -44.53 66.09
C ALA E 98 -22.01 -44.27 66.68
N GLU E 99 -22.26 -43.05 67.13
CA GLU E 99 -23.56 -42.66 67.70
C GLU E 99 -24.72 -42.73 66.74
N THR E 100 -24.41 -42.58 65.46
CA THR E 100 -25.39 -42.65 64.39
C THR E 100 -25.84 -44.10 64.22
N LEU E 101 -24.91 -45.04 64.34
CA LEU E 101 -25.23 -46.47 64.24
C LEU E 101 -26.13 -46.92 65.42
N LYS E 102 -25.84 -46.41 66.60
CA LYS E 102 -26.61 -46.71 67.79
C LYS E 102 -28.01 -46.11 67.63
N LYS E 103 -28.08 -44.94 67.02
CA LYS E 103 -29.37 -44.25 66.86
C LYS E 103 -30.32 -44.83 65.83
N PHE E 104 -29.77 -45.26 64.71
CA PHE E 104 -30.57 -45.77 63.61
C PHE E 104 -30.58 -47.29 63.47
N GLY E 105 -29.51 -47.93 63.94
CA GLY E 105 -29.36 -49.36 63.85
C GLY E 105 -28.65 -49.75 62.60
N GLU E 106 -28.07 -50.94 62.63
CA GLU E 106 -27.32 -51.51 61.53
C GLU E 106 -27.96 -51.30 60.14
N GLU E 107 -29.18 -51.82 59.95
CA GLU E 107 -29.88 -51.72 58.67
C GLU E 107 -30.05 -50.29 58.11
N LYS E 108 -30.67 -49.41 58.90
CA LYS E 108 -30.90 -48.04 58.51
C LYS E 108 -29.58 -47.28 58.31
N PHE E 109 -28.57 -47.56 59.15
CA PHE E 109 -27.26 -46.92 59.04
C PHE E 109 -26.60 -47.33 57.72
N ASN E 110 -26.68 -48.63 57.37
CA ASN E 110 -26.09 -49.09 56.11
C ASN E 110 -26.85 -48.46 54.98
N THR E 111 -28.16 -48.26 55.19
CA THR E 111 -29.04 -47.65 54.19
C THR E 111 -28.58 -46.23 53.84
N TYR E 112 -28.53 -45.37 54.85
CA TYR E 112 -28.08 -44.00 54.69
C TYR E 112 -26.67 -43.88 54.13
N ARG E 113 -25.82 -44.85 54.47
CA ARG E 113 -24.44 -44.86 54.00
C ARG E 113 -24.22 -45.38 52.59
N ARG E 114 -24.80 -46.54 52.28
CA ARG E 114 -24.57 -47.17 50.98
C ARG E 114 -25.73 -47.58 50.03
N SER E 115 -26.95 -47.16 50.29
CA SER E 115 -28.03 -47.47 49.34
C SER E 115 -27.95 -46.45 48.18
N PHE E 116 -28.35 -46.85 46.99
CA PHE E 116 -28.35 -45.96 45.85
C PHE E 116 -29.32 -44.79 45.89
N ASP E 117 -30.54 -44.99 46.41
CA ASP E 117 -31.55 -43.93 46.38
C ASP E 117 -32.28 -43.48 47.63
N VAL E 118 -31.83 -43.91 48.80
CA VAL E 118 -32.46 -43.47 50.04
C VAL E 118 -31.45 -42.52 50.67
N PRO E 119 -31.79 -41.23 50.71
CA PRO E 119 -30.89 -40.24 51.29
C PRO E 119 -31.04 -40.16 52.80
N PRO E 120 -30.08 -39.52 53.46
CA PRO E 120 -30.11 -39.35 54.91
C PRO E 120 -31.27 -38.42 55.17
N PRO E 121 -31.67 -38.21 56.44
CA PRO E 121 -32.77 -37.28 56.67
C PRO E 121 -32.19 -35.91 56.30
N PRO E 122 -33.02 -34.96 55.88
CA PRO E 122 -32.49 -33.63 55.51
C PRO E 122 -32.01 -32.82 56.69
N ILE E 123 -31.04 -31.96 56.45
CA ILE E 123 -30.51 -31.14 57.52
C ILE E 123 -31.30 -29.84 57.51
N ASP E 124 -31.44 -29.26 58.69
CA ASP E 124 -32.16 -28.00 58.88
C ASP E 124 -31.24 -26.82 58.57
N ALA E 125 -31.80 -25.78 57.96
CA ALA E 125 -31.07 -24.58 57.58
C ALA E 125 -30.33 -23.82 58.69
N SER E 126 -30.73 -24.05 59.95
CA SER E 126 -30.14 -23.40 61.14
C SER E 126 -28.89 -24.07 61.69
N SER E 127 -28.75 -25.36 61.42
CA SER E 127 -27.64 -26.18 61.88
C SER E 127 -26.30 -25.56 61.51
N PRO E 128 -25.34 -25.57 62.45
CA PRO E 128 -24.07 -24.97 62.06
C PRO E 128 -23.35 -25.86 61.03
N PHE E 129 -23.99 -26.99 60.65
CA PHE E 129 -23.47 -27.94 59.66
C PHE E 129 -24.23 -27.94 58.33
N SER E 130 -25.07 -26.91 58.16
CA SER E 130 -25.83 -26.65 56.95
C SER E 130 -25.05 -25.66 56.08
N GLN E 131 -24.93 -25.91 54.77
CA GLN E 131 -24.23 -24.98 53.86
C GLN E 131 -25.15 -23.95 53.21
N LYS E 132 -26.43 -23.93 53.60
CA LYS E 132 -27.37 -23.00 53.00
C LYS E 132 -26.98 -21.55 53.27
N GLY E 133 -26.85 -20.78 52.19
CA GLY E 133 -26.49 -19.38 52.35
C GLY E 133 -24.98 -19.14 52.35
N ASP E 134 -24.21 -20.21 52.20
CA ASP E 134 -22.75 -20.11 52.18
C ASP E 134 -22.35 -19.34 50.90
N GLU E 135 -21.36 -18.47 51.04
CA GLU E 135 -20.91 -17.63 49.96
C GLU E 135 -20.49 -18.30 48.66
N ARG E 136 -19.86 -19.48 48.76
CA ARG E 136 -19.41 -20.14 47.54
C ARG E 136 -20.52 -20.66 46.64
N TYR E 137 -21.75 -20.52 47.11
CA TYR E 137 -22.93 -21.01 46.36
C TYR E 137 -23.94 -19.90 46.07
N LYS E 138 -23.58 -18.68 46.43
CA LYS E 138 -24.48 -17.55 46.29
C LYS E 138 -24.98 -17.22 44.87
N TYR E 139 -24.29 -17.72 43.86
CA TYR E 139 -24.70 -17.46 42.49
C TYR E 139 -25.46 -18.63 41.85
N VAL E 140 -25.74 -19.67 42.65
CA VAL E 140 -26.49 -20.81 42.15
C VAL E 140 -27.93 -20.65 42.60
N ASP E 141 -28.86 -21.12 41.76
CA ASP E 141 -30.30 -21.12 42.08
C ASP E 141 -30.48 -21.76 43.47
N PRO E 142 -30.93 -20.99 44.47
CA PRO E 142 -31.13 -21.51 45.83
C PRO E 142 -32.00 -22.76 45.92
N ASN E 143 -32.96 -22.85 45.00
CA ASN E 143 -33.90 -23.96 44.97
C ASN E 143 -33.28 -25.29 44.66
N VAL E 144 -32.17 -25.31 43.92
CA VAL E 144 -31.54 -26.57 43.55
C VAL E 144 -30.53 -27.16 44.56
N LEU E 145 -29.96 -26.33 45.42
CA LEU E 145 -28.97 -26.79 46.42
C LEU E 145 -29.62 -27.75 47.44
N PRO E 146 -29.08 -28.97 47.52
CA PRO E 146 -29.55 -30.06 48.42
C PRO E 146 -29.42 -29.89 49.93
N GLU E 147 -30.35 -30.50 50.67
CA GLU E 147 -30.27 -30.47 52.12
C GLU E 147 -30.01 -31.89 52.65
N THR E 148 -29.74 -32.78 51.68
CA THR E 148 -29.38 -34.19 51.87
C THR E 148 -29.31 -34.84 50.50
N GLU E 149 -28.50 -35.88 50.33
CA GLU E 149 -28.49 -36.53 49.03
C GLU E 149 -28.23 -38.00 49.17
N SER E 150 -28.52 -38.72 48.10
CA SER E 150 -28.24 -40.12 47.98
C SER E 150 -27.33 -40.11 46.75
N LEU E 151 -26.64 -41.21 46.49
CA LEU E 151 -25.78 -41.27 45.34
C LEU E 151 -26.55 -41.06 44.03
N ALA E 152 -27.82 -41.48 44.00
CA ALA E 152 -28.65 -41.33 42.78
C ALA E 152 -28.74 -39.85 42.47
N LEU E 153 -29.08 -39.07 43.49
CA LEU E 153 -29.19 -37.63 43.41
C LEU E 153 -27.88 -36.94 43.00
N VAL E 154 -26.77 -37.41 43.55
CA VAL E 154 -25.47 -36.84 43.22
C VAL E 154 -25.27 -37.00 41.73
N ILE E 155 -25.49 -38.21 41.23
CA ILE E 155 -25.33 -38.44 39.82
C ILE E 155 -26.28 -37.54 39.00
N ASP E 156 -27.48 -37.26 39.54
CA ASP E 156 -28.47 -36.42 38.83
C ASP E 156 -27.94 -34.98 38.59
N ARG E 157 -27.38 -34.36 39.64
CA ARG E 157 -26.84 -33.00 39.52
C ARG E 157 -25.46 -32.90 38.97
N LEU E 158 -24.78 -34.02 38.82
CA LEU E 158 -23.43 -34.01 38.29
C LEU E 158 -23.42 -34.09 36.78
N LEU E 159 -24.23 -34.97 36.23
CA LEU E 159 -24.26 -35.18 34.80
C LEU E 159 -24.39 -33.94 33.88
N PRO E 160 -25.27 -32.97 34.21
CA PRO E 160 -25.39 -31.78 33.34
C PRO E 160 -24.07 -31.02 33.18
N TYR E 161 -23.26 -31.02 34.25
CA TYR E 161 -21.96 -30.37 34.26
C TYR E 161 -20.97 -31.14 33.39
N TRP E 162 -21.01 -32.47 33.49
CA TRP E 162 -20.19 -33.35 32.66
C TRP E 162 -20.57 -33.19 31.16
N GLN E 163 -21.88 -33.26 30.90
CA GLN E 163 -22.46 -33.16 29.54
C GLN E 163 -22.13 -31.91 28.69
N ASP E 164 -22.17 -30.74 29.34
CA ASP E 164 -21.93 -29.45 28.68
C ASP E 164 -20.54 -28.85 28.92
N VAL E 165 -20.11 -28.86 30.18
CA VAL E 165 -18.82 -28.23 30.49
C VAL E 165 -17.57 -29.13 30.32
N ILE E 166 -17.44 -30.19 31.12
CA ILE E 166 -16.29 -31.07 31.02
C ILE E 166 -16.24 -31.73 29.64
N ALA E 167 -17.40 -32.12 29.11
CA ALA E 167 -17.46 -32.75 27.80
C ALA E 167 -16.91 -31.86 26.66
N LYS E 168 -17.08 -30.54 26.79
CA LYS E 168 -16.59 -29.59 25.79
C LYS E 168 -15.09 -29.75 25.65
N ASP E 169 -14.40 -29.70 26.80
CA ASP E 169 -12.93 -29.88 26.87
C ASP E 169 -12.43 -31.22 26.37
N LEU E 170 -13.12 -32.30 26.76
CA LEU E 170 -12.71 -33.63 26.28
C LEU E 170 -12.89 -33.75 24.78
N LEU E 171 -14.02 -33.26 24.27
CA LEU E 171 -14.33 -33.29 22.83
C LEU E 171 -13.49 -32.29 21.99
N SER E 172 -12.78 -31.41 22.69
CA SER E 172 -11.87 -30.46 22.07
C SER E 172 -10.47 -31.05 22.09
N GLY E 173 -10.34 -32.25 22.62
CA GLY E 173 -9.05 -32.91 22.69
C GLY E 173 -8.17 -32.60 23.89
N LYS E 174 -8.74 -31.99 24.93
CA LYS E 174 -8.05 -31.61 26.16
C LYS E 174 -8.06 -32.78 27.20
N THR E 175 -6.91 -33.01 27.86
CA THR E 175 -6.81 -34.05 28.89
C THR E 175 -7.35 -33.39 30.12
N VAL E 176 -8.45 -33.93 30.64
CA VAL E 176 -9.12 -33.33 31.78
C VAL E 176 -8.80 -34.09 33.06
N MET E 177 -8.50 -33.35 34.13
CA MET E 177 -8.26 -33.91 35.43
C MET E 177 -9.37 -33.39 36.29
N ILE E 178 -10.01 -34.29 37.04
CA ILE E 178 -11.06 -33.89 37.96
C ILE E 178 -10.59 -34.24 39.37
N ALA E 179 -10.72 -33.32 40.29
CA ALA E 179 -10.31 -33.57 41.64
C ALA E 179 -11.58 -33.44 42.39
N ALA E 180 -12.11 -34.58 42.79
CA ALA E 180 -13.36 -34.54 43.50
C ALA E 180 -13.39 -35.49 44.71
N HIS E 181 -14.56 -36.09 44.94
CA HIS E 181 -14.79 -36.92 46.11
C HIS E 181 -15.30 -38.31 45.83
N GLY E 182 -15.43 -39.12 46.89
CA GLY E 182 -15.86 -40.49 46.74
C GLY E 182 -17.17 -40.69 46.01
N ASN E 183 -18.21 -40.02 46.51
CA ASN E 183 -19.51 -40.17 45.87
C ASN E 183 -19.57 -39.61 44.45
N SER E 184 -19.05 -38.40 44.26
CA SER E 184 -19.08 -37.75 42.98
C SER E 184 -18.30 -38.49 41.89
N LEU E 185 -17.16 -39.09 42.24
CA LEU E 185 -16.34 -39.82 41.27
C LEU E 185 -16.92 -41.21 40.98
N ARG E 186 -17.51 -41.81 42.02
CA ARG E 186 -18.11 -43.12 41.90
C ARG E 186 -19.36 -42.95 41.05
N GLY E 187 -20.09 -41.87 41.29
CA GLY E 187 -21.25 -41.56 40.46
C GLY E 187 -20.81 -41.39 39.00
N LEU E 188 -19.71 -40.70 38.75
CA LEU E 188 -19.25 -40.55 37.39
C LEU E 188 -18.80 -41.88 36.78
N VAL E 189 -18.07 -42.72 37.54
CA VAL E 189 -17.59 -44.02 37.04
C VAL E 189 -18.79 -44.93 36.72
N LYS E 190 -19.83 -44.86 37.57
CA LYS E 190 -21.02 -45.66 37.39
C LYS E 190 -21.61 -45.36 36.02
N HIS E 191 -21.67 -44.05 35.74
CA HIS E 191 -22.18 -43.55 34.47
C HIS E 191 -21.30 -43.94 33.28
N LEU E 192 -19.98 -43.84 33.45
CA LEU E 192 -19.08 -44.15 32.35
C LEU E 192 -19.03 -45.63 31.98
N GLU E 193 -19.12 -46.48 33.00
CA GLU E 193 -19.03 -47.92 32.79
C GLU E 193 -20.34 -48.70 32.69
N GLY E 194 -21.43 -48.07 33.11
CA GLY E 194 -22.73 -48.71 33.06
C GLY E 194 -22.93 -49.72 34.18
N ILE E 195 -22.51 -49.31 35.37
CA ILE E 195 -22.60 -50.15 36.56
C ILE E 195 -24.04 -50.03 37.10
N SER E 196 -24.60 -51.16 37.50
CA SER E 196 -25.98 -51.24 37.97
C SER E 196 -26.28 -50.52 39.27
N ASP E 197 -27.51 -50.01 39.42
CA ASP E 197 -27.95 -49.30 40.64
C ASP E 197 -27.59 -50.21 41.84
N ALA E 198 -27.39 -51.50 41.54
CA ALA E 198 -27.09 -52.54 42.53
C ALA E 198 -25.61 -52.88 42.83
N ASP E 199 -24.70 -52.71 41.87
CA ASP E 199 -23.26 -53.02 42.08
C ASP E 199 -22.33 -51.83 42.43
N ILE E 200 -22.83 -50.61 42.28
CA ILE E 200 -22.00 -49.44 42.55
C ILE E 200 -21.64 -49.30 44.01
N ALA E 201 -22.50 -49.79 44.91
CA ALA E 201 -22.20 -49.69 46.35
C ALA E 201 -20.86 -50.41 46.69
N LYS E 202 -20.48 -51.34 45.82
CA LYS E 202 -19.28 -52.14 45.93
C LYS E 202 -18.02 -51.45 45.40
N LEU E 203 -18.14 -50.50 44.47
CA LEU E 203 -16.96 -49.81 43.91
C LEU E 203 -16.29 -48.89 44.91
N ASN E 204 -15.00 -49.09 45.13
CA ASN E 204 -14.25 -48.23 46.04
C ASN E 204 -13.21 -47.58 45.17
N ILE E 205 -13.14 -46.25 45.29
CA ILE E 205 -12.13 -45.53 44.55
C ILE E 205 -11.06 -45.12 45.57
N PRO E 206 -9.85 -45.68 45.41
CA PRO E 206 -8.68 -45.46 46.27
C PRO E 206 -8.35 -43.99 46.34
N THR E 207 -8.05 -43.53 47.53
CA THR E 207 -7.66 -42.13 47.70
C THR E 207 -6.21 -41.95 47.22
N GLY E 208 -5.90 -40.76 46.70
CA GLY E 208 -4.55 -40.41 46.28
C GLY E 208 -3.92 -41.14 45.12
N ILE E 209 -4.72 -41.84 44.33
CA ILE E 209 -4.19 -42.52 43.16
C ILE E 209 -5.02 -42.12 41.92
N PRO E 210 -4.36 -41.54 40.90
CA PRO E 210 -5.07 -41.13 39.69
C PRO E 210 -5.70 -42.34 38.95
N LEU E 211 -6.95 -42.22 38.50
CA LEU E 211 -7.68 -43.29 37.73
C LEU E 211 -7.80 -42.67 36.35
N VAL E 212 -7.19 -43.29 35.35
CA VAL E 212 -7.20 -42.76 34.01
C VAL E 212 -8.20 -43.42 33.07
N PHE E 213 -9.01 -42.60 32.42
CA PHE E 213 -9.96 -43.15 31.47
C PHE E 213 -9.66 -42.70 30.07
N GLU E 214 -9.36 -43.62 29.18
CA GLU E 214 -9.21 -43.28 27.80
C GLU E 214 -10.65 -43.46 27.23
N LEU E 215 -11.23 -42.38 26.70
CA LEU E 215 -12.58 -42.38 26.16
C LEU E 215 -12.65 -42.26 24.62
N ASP E 216 -13.70 -42.79 24.00
CA ASP E 216 -13.88 -42.67 22.53
C ASP E 216 -14.69 -41.39 22.20
N GLU E 217 -14.94 -41.14 20.92
CA GLU E 217 -15.75 -39.96 20.53
C GLU E 217 -17.15 -39.86 21.22
N ASN E 218 -17.60 -40.91 21.93
CA ASN E 218 -18.89 -40.86 22.64
C ASN E 218 -18.67 -40.73 24.13
N LEU E 219 -17.41 -40.52 24.52
CA LEU E 219 -17.03 -40.38 25.92
C LEU E 219 -17.35 -41.67 26.71
N LYS E 220 -17.23 -42.80 26.01
CA LYS E 220 -17.44 -44.10 26.61
C LYS E 220 -16.05 -44.72 26.51
N PRO E 221 -15.63 -45.49 27.53
CA PRO E 221 -14.33 -46.15 27.59
C PRO E 221 -13.95 -46.94 26.35
N SER E 222 -12.76 -46.69 25.83
CA SER E 222 -12.23 -47.38 24.67
C SER E 222 -11.33 -48.57 25.09
N LYS E 223 -11.00 -48.62 26.39
CA LYS E 223 -10.20 -49.68 27.02
C LYS E 223 -10.49 -49.50 28.51
N PRO E 224 -10.38 -50.58 29.32
CA PRO E 224 -10.66 -50.36 30.74
C PRO E 224 -9.81 -49.29 31.44
N SER E 225 -10.42 -48.60 32.38
CA SER E 225 -9.73 -47.61 33.15
C SER E 225 -8.50 -48.27 33.80
N TYR E 226 -7.61 -47.45 34.36
CA TYR E 226 -6.42 -47.98 35.00
C TYR E 226 -5.91 -46.95 35.94
N TYR E 227 -5.58 -47.39 37.14
CA TYR E 227 -5.04 -46.52 38.16
C TYR E 227 -3.55 -46.32 37.83
N LEU E 228 -2.94 -45.22 38.26
CA LEU E 228 -1.53 -45.02 37.93
C LEU E 228 -0.54 -45.86 38.79
N ASP E 229 -1.06 -46.40 39.89
CA ASP E 229 -0.34 -47.32 40.78
C ASP E 229 -1.33 -48.50 40.92
N PRO E 230 -1.30 -49.41 39.93
CA PRO E 230 -2.21 -50.57 39.93
C PRO E 230 -2.18 -51.41 41.23
N GLU E 231 -0.98 -51.61 41.83
CA GLU E 231 -0.85 -52.39 43.08
C GLU E 231 -1.37 -51.67 44.31
N ALA E 232 -0.99 -50.40 44.47
CA ALA E 232 -1.46 -49.61 45.62
C ALA E 232 -2.99 -49.48 45.58
N ALA E 233 -3.55 -49.56 44.38
CA ALA E 233 -4.99 -49.44 44.17
C ALA E 233 -5.77 -50.74 44.37
N ALA E 234 -5.16 -51.87 43.98
CA ALA E 234 -5.77 -53.19 44.11
C ALA E 234 -5.35 -53.98 45.37
N PRO F 1 -14.27 -0.25 45.18
CA PRO F 1 -13.54 -1.48 44.82
C PRO F 1 -12.23 -1.65 45.61
N LYS F 2 -11.95 -2.90 46.00
CA LYS F 2 -10.78 -3.25 46.82
C LYS F 2 -9.86 -4.23 46.14
N LEU F 3 -8.58 -3.87 46.05
CA LEU F 3 -7.57 -4.71 45.42
C LEU F 3 -6.47 -5.17 46.39
N VAL F 4 -6.06 -6.44 46.30
CA VAL F 4 -4.99 -6.94 47.17
C VAL F 4 -3.91 -7.54 46.32
N LEU F 5 -2.69 -7.00 46.46
CA LEU F 5 -1.52 -7.50 45.75
C LEU F 5 -0.66 -8.33 46.72
N VAL F 6 -0.11 -9.43 46.22
CA VAL F 6 0.72 -10.30 47.01
C VAL F 6 1.91 -10.72 46.20
N ARG F 7 3.07 -10.25 46.65
CA ARG F 7 4.32 -10.56 46.01
C ARG F 7 4.85 -11.84 46.60
N HIS F 8 5.21 -12.78 45.74
CA HIS F 8 5.67 -14.05 46.28
C HIS F 8 6.98 -13.91 47.02
N GLY F 9 7.23 -14.82 47.96
CA GLY F 9 8.47 -14.85 48.70
C GLY F 9 9.55 -15.37 47.77
N GLN F 10 10.75 -15.60 48.28
CA GLN F 10 11.81 -16.03 47.36
C GLN F 10 11.70 -17.42 46.76
N SER F 11 12.30 -17.56 45.60
CA SER F 11 12.36 -18.80 44.87
C SER F 11 13.70 -19.50 45.14
N GLU F 12 13.84 -20.69 44.59
CA GLU F 12 15.03 -21.48 44.72
C GLU F 12 16.20 -20.82 44.04
N TRP F 13 15.90 -19.99 43.05
CA TRP F 13 16.91 -19.26 42.30
C TRP F 13 17.28 -17.97 43.04
N ASN F 14 16.33 -17.32 43.71
CA ASN F 14 16.70 -16.13 44.43
C ASN F 14 17.72 -16.56 45.51
N GLU F 15 17.47 -17.72 46.15
CA GLU F 15 18.33 -18.30 47.20
C GLU F 15 19.77 -18.53 46.75
N LYS F 16 19.91 -18.99 45.52
CA LYS F 16 21.19 -19.28 44.92
C LYS F 16 21.78 -18.09 44.13
N ASN F 17 21.22 -16.88 44.25
CA ASN F 17 21.71 -15.70 43.49
C ASN F 17 21.68 -15.82 41.94
N LEU F 18 20.56 -16.31 41.36
CA LEU F 18 20.40 -16.43 39.90
C LEU F 18 19.25 -15.58 39.40
N PHE F 19 19.42 -14.90 38.26
CA PHE F 19 18.36 -14.06 37.68
C PHE F 19 17.27 -15.01 37.16
N THR F 20 16.03 -14.80 37.59
CA THR F 20 14.93 -15.70 37.21
C THR F 20 14.14 -15.30 35.96
N GLY F 21 13.46 -14.15 36.05
CA GLY F 21 12.65 -13.73 34.93
C GLY F 21 11.47 -14.67 34.71
N TRP F 22 11.40 -15.18 33.49
CA TRP F 22 10.32 -16.06 33.10
C TRP F 22 10.63 -17.50 33.37
N VAL F 23 11.83 -17.81 33.84
CA VAL F 23 12.14 -19.22 34.16
C VAL F 23 11.18 -19.65 35.26
N ASP F 24 10.52 -20.79 35.04
CA ASP F 24 9.49 -21.21 35.98
C ASP F 24 10.10 -21.92 37.19
N VAL F 25 10.79 -21.14 38.01
CA VAL F 25 11.47 -21.65 39.19
C VAL F 25 10.53 -21.83 40.39
N LYS F 26 10.74 -22.94 41.09
CA LYS F 26 9.94 -23.30 42.23
C LYS F 26 10.21 -22.36 43.43
N LEU F 27 9.16 -22.04 44.13
CA LEU F 27 9.26 -21.25 45.33
C LEU F 27 10.17 -22.03 46.37
N SER F 28 10.92 -21.29 47.20
CA SER F 28 11.79 -21.93 48.19
C SER F 28 10.97 -22.24 49.42
N ALA F 29 11.56 -23.03 50.31
CA ALA F 29 10.90 -23.40 51.57
C ALA F 29 10.61 -22.16 52.39
N LYS F 30 11.51 -21.17 52.36
CA LYS F 30 11.21 -19.94 53.11
C LYS F 30 10.10 -19.21 52.36
N GLY F 31 10.09 -19.37 51.03
CA GLY F 31 9.07 -18.74 50.19
C GLY F 31 7.68 -19.30 50.51
N GLN F 32 7.60 -20.62 50.75
CA GLN F 32 6.33 -21.25 51.13
C GLN F 32 5.82 -20.75 52.47
N GLN F 33 6.72 -20.45 53.41
CA GLN F 33 6.35 -19.93 54.74
C GLN F 33 5.80 -18.52 54.62
N GLU F 34 6.40 -17.73 53.72
CA GLU F 34 5.97 -16.35 53.53
C GLU F 34 4.53 -16.35 52.98
N ALA F 35 4.26 -17.27 52.05
CA ALA F 35 2.93 -17.54 51.43
C ALA F 35 1.90 -17.80 52.53
N ALA F 36 2.24 -18.73 53.43
CA ALA F 36 1.37 -19.07 54.56
C ALA F 36 1.12 -17.86 55.39
N ARG F 37 2.18 -17.13 55.69
CA ARG F 37 2.09 -15.90 56.47
C ARG F 37 1.21 -14.86 55.73
N ALA F 38 1.34 -14.77 54.40
CA ALA F 38 0.49 -13.84 53.62
C ALA F 38 -0.98 -14.21 53.85
N GLY F 39 -1.28 -15.51 53.81
CA GLY F 39 -2.64 -16.00 54.03
C GLY F 39 -3.22 -15.73 55.43
N GLU F 40 -2.41 -15.95 56.46
CA GLU F 40 -2.84 -15.70 57.84
C GLU F 40 -3.18 -14.21 58.03
N LEU F 41 -2.46 -13.35 57.31
CA LEU F 41 -2.65 -11.90 57.36
C LEU F 41 -3.99 -11.50 56.72
N LEU F 42 -4.31 -12.13 55.59
CA LEU F 42 -5.59 -11.87 54.89
C LEU F 42 -6.75 -12.20 55.85
N LYS F 43 -6.66 -13.40 56.43
CA LYS F 43 -7.67 -13.88 57.37
C LYS F 43 -7.80 -12.99 58.58
N GLU F 44 -6.66 -12.80 59.24
CA GLU F 44 -6.55 -12.00 60.43
C GLU F 44 -7.07 -10.58 60.21
N LYS F 45 -6.74 -9.98 59.07
CA LYS F 45 -7.17 -8.61 58.81
C LYS F 45 -8.54 -8.44 58.11
N LYS F 46 -9.21 -9.55 57.86
CA LYS F 46 -10.55 -9.56 57.25
C LYS F 46 -10.59 -8.97 55.84
N VAL F 47 -9.73 -9.51 54.99
CA VAL F 47 -9.64 -9.11 53.61
C VAL F 47 -9.96 -10.39 52.89
N TYR F 48 -11.17 -10.42 52.35
CA TYR F 48 -11.73 -11.58 51.68
C TYR F 48 -11.79 -11.50 50.17
N PRO F 49 -10.75 -11.99 49.49
CA PRO F 49 -10.77 -11.93 48.02
C PRO F 49 -11.94 -12.76 47.46
N ASP F 50 -12.59 -12.23 46.42
CA ASP F 50 -13.72 -12.92 45.76
C ASP F 50 -13.26 -13.64 44.51
N VAL F 51 -12.11 -13.21 43.99
CA VAL F 51 -11.53 -13.79 42.78
C VAL F 51 -10.02 -13.60 42.83
N LEU F 52 -9.30 -14.52 42.22
CA LEU F 52 -7.86 -14.48 42.19
C LEU F 52 -7.36 -14.42 40.76
N TYR F 53 -6.32 -13.60 40.58
CA TYR F 53 -5.60 -13.46 39.32
C TYR F 53 -4.15 -13.77 39.59
N THR F 54 -3.54 -14.56 38.72
CA THR F 54 -2.11 -14.85 38.86
C THR F 54 -1.40 -14.82 37.49
N SER F 55 -0.07 -14.90 37.53
CA SER F 55 0.74 -14.99 36.31
C SER F 55 0.67 -16.48 35.91
N LYS F 56 1.50 -16.90 34.95
CA LYS F 56 1.60 -18.30 34.53
C LYS F 56 2.87 -18.93 35.18
N LEU F 57 3.35 -18.34 36.28
CA LEU F 57 4.58 -18.83 36.93
C LEU F 57 4.25 -19.43 38.28
N SER F 58 4.71 -20.68 38.42
CA SER F 58 4.48 -21.51 39.62
C SER F 58 4.72 -20.86 40.94
N ARG F 59 5.81 -20.08 41.05
CA ARG F 59 6.17 -19.42 42.31
C ARG F 59 5.04 -18.52 42.78
N ALA F 60 4.42 -17.80 41.83
CA ALA F 60 3.28 -16.93 42.16
C ALA F 60 1.99 -17.80 42.34
N ILE F 61 1.86 -18.86 41.54
CA ILE F 61 0.66 -19.68 41.67
C ILE F 61 0.69 -20.45 43.01
N GLN F 62 1.83 -21.04 43.39
CA GLN F 62 1.89 -21.75 44.65
C GLN F 62 1.65 -20.78 45.79
N THR F 63 2.13 -19.54 45.67
CA THR F 63 1.90 -18.54 46.71
C THR F 63 0.41 -18.30 46.98
N ALA F 64 -0.35 -18.14 45.88
CA ALA F 64 -1.80 -17.91 46.00
C ALA F 64 -2.51 -19.13 46.66
N ASN F 65 -2.16 -20.34 46.20
CA ASN F 65 -2.72 -21.59 46.73
C ASN F 65 -2.46 -21.73 48.25
N ILE F 66 -1.21 -21.54 48.69
CA ILE F 66 -0.90 -21.64 50.11
C ILE F 66 -1.58 -20.52 50.89
N ALA F 67 -1.56 -19.30 50.36
CA ALA F 67 -2.19 -18.19 51.05
C ALA F 67 -3.69 -18.35 51.20
N LEU F 68 -4.36 -18.76 50.12
CA LEU F 68 -5.81 -18.94 50.13
C LEU F 68 -6.24 -20.12 51.00
N GLU F 69 -5.36 -21.12 51.17
CA GLU F 69 -5.68 -22.27 52.02
C GLU F 69 -5.77 -21.75 53.47
N LYS F 70 -4.78 -20.90 53.83
CA LYS F 70 -4.72 -20.27 55.15
C LYS F 70 -5.85 -19.29 55.34
N ALA F 71 -6.31 -18.70 54.25
CA ALA F 71 -7.41 -17.76 54.32
C ALA F 71 -8.80 -18.43 54.27
N ASP F 72 -8.86 -19.74 54.00
CA ASP F 72 -10.12 -20.52 53.90
C ASP F 72 -10.99 -20.04 52.73
N ARG F 73 -10.31 -19.72 51.64
CA ARG F 73 -10.97 -19.22 50.45
C ARG F 73 -10.43 -19.88 49.22
N LEU F 74 -10.19 -21.18 49.32
CA LEU F 74 -9.64 -21.90 48.20
C LEU F 74 -10.61 -21.99 47.07
N TRP F 75 -11.90 -21.92 47.38
CA TRP F 75 -12.94 -22.06 46.38
C TRP F 75 -13.14 -20.97 45.31
N ILE F 76 -12.54 -19.79 45.48
CA ILE F 76 -12.70 -18.66 44.57
C ILE F 76 -12.19 -18.88 43.19
N PRO F 77 -12.89 -18.29 42.19
CA PRO F 77 -12.54 -18.40 40.77
C PRO F 77 -11.07 -18.00 40.59
N VAL F 78 -10.39 -18.58 39.63
CA VAL F 78 -9.02 -18.17 39.41
C VAL F 78 -8.74 -18.03 37.94
N ASN F 79 -8.03 -16.94 37.58
CA ASN F 79 -7.64 -16.68 36.17
C ASN F 79 -6.17 -16.37 36.16
N ARG F 80 -5.47 -16.83 35.15
CA ARG F 80 -4.03 -16.65 34.97
C ARG F 80 -3.76 -15.96 33.65
N SER F 81 -2.69 -15.17 33.61
CA SER F 81 -2.30 -14.45 32.40
C SER F 81 -0.82 -14.24 32.33
N TRP F 82 -0.26 -14.44 31.16
CA TRP F 82 1.15 -14.18 30.94
C TRP F 82 1.44 -12.67 31.20
N ARG F 83 0.41 -11.82 31.11
CA ARG F 83 0.58 -10.38 31.28
C ARG F 83 0.88 -9.97 32.68
N LEU F 84 0.71 -10.88 33.64
CA LEU F 84 1.03 -10.56 35.03
C LEU F 84 2.38 -11.18 35.41
N ASN F 85 3.04 -11.79 34.44
CA ASN F 85 4.32 -12.42 34.63
C ASN F 85 5.42 -11.42 35.09
N GLU F 86 6.45 -11.96 35.71
CA GLU F 86 7.59 -11.14 36.10
C GLU F 86 8.21 -10.66 34.78
N ARG F 87 8.99 -9.61 34.88
CA ARG F 87 9.74 -9.09 33.76
C ARG F 87 10.70 -10.14 33.23
N HIS F 88 10.69 -10.35 31.91
CA HIS F 88 11.56 -11.31 31.26
C HIS F 88 12.98 -10.72 31.37
N TYR F 89 13.94 -11.52 31.84
CA TYR F 89 15.28 -11.01 32.03
C TYR F 89 16.23 -11.19 30.87
N GLY F 90 15.70 -11.64 29.76
CA GLY F 90 16.54 -11.84 28.59
C GLY F 90 17.73 -12.72 28.81
N ASP F 91 18.91 -12.28 28.39
CA ASP F 91 20.16 -13.05 28.53
C ASP F 91 20.63 -13.19 29.97
N LEU F 92 20.08 -12.37 30.85
CA LEU F 92 20.41 -12.41 32.25
C LEU F 92 19.76 -13.60 32.97
N GLN F 93 18.70 -14.16 32.38
CA GLN F 93 17.99 -15.33 32.94
C GLN F 93 18.91 -16.53 33.12
N GLY F 94 19.01 -16.97 34.38
CA GLY F 94 19.83 -18.11 34.77
C GLY F 94 21.30 -17.83 35.01
N LYS F 95 21.64 -16.53 35.10
CA LYS F 95 23.02 -16.09 35.29
C LYS F 95 23.17 -15.68 36.75
N ASP F 96 24.39 -15.79 37.27
CA ASP F 96 24.69 -15.43 38.66
C ASP F 96 24.65 -13.92 38.77
N LYS F 97 23.91 -13.38 39.75
CA LYS F 97 23.85 -11.93 39.89
C LYS F 97 25.20 -11.27 40.24
N ALA F 98 25.95 -11.83 41.18
CA ALA F 98 27.24 -11.24 41.53
C ALA F 98 28.22 -11.33 40.34
N GLU F 99 28.20 -12.45 39.61
CA GLU F 99 29.08 -12.63 38.43
C GLU F 99 28.76 -11.59 37.33
N THR F 100 27.51 -11.11 37.37
CA THR F 100 26.97 -10.13 36.42
C THR F 100 27.41 -8.72 36.89
N LEU F 101 27.50 -8.48 38.21
CA LEU F 101 27.95 -7.19 38.72
C LEU F 101 29.39 -6.95 38.25
N LYS F 102 30.15 -8.03 38.05
CA LYS F 102 31.53 -7.94 37.58
C LYS F 102 31.59 -7.79 36.06
N LYS F 103 31.00 -8.73 35.33
CA LYS F 103 30.99 -8.73 33.87
C LYS F 103 30.41 -7.46 33.21
N PHE F 104 29.85 -6.54 34.01
CA PHE F 104 29.26 -5.29 33.49
C PHE F 104 29.67 -4.02 34.25
N GLY F 105 29.96 -4.14 35.54
CA GLY F 105 30.33 -2.98 36.34
C GLY F 105 29.12 -2.37 37.02
N GLU F 106 29.33 -1.77 38.19
CA GLU F 106 28.23 -1.18 38.95
C GLU F 106 27.17 -0.34 38.22
N GLU F 107 27.56 0.32 37.12
CA GLU F 107 26.62 1.15 36.40
C GLU F 107 25.91 0.53 35.19
N LYS F 108 26.48 -0.48 34.54
CA LYS F 108 25.76 -1.09 33.42
C LYS F 108 24.78 -2.13 33.95
N PHE F 109 25.18 -2.75 35.07
CA PHE F 109 24.44 -3.80 35.80
C PHE F 109 23.21 -3.12 36.39
N ASN F 110 23.43 -1.96 37.01
CA ASN F 110 22.32 -1.23 37.57
C ASN F 110 21.28 -0.84 36.46
N THR F 111 21.76 -0.54 35.25
CA THR F 111 20.85 -0.22 34.16
C THR F 111 19.92 -1.42 33.90
N TYR F 112 20.49 -2.58 33.55
CA TYR F 112 19.68 -3.76 33.27
C TYR F 112 18.74 -4.12 34.43
N ARG F 113 19.15 -3.85 35.66
CA ARG F 113 18.33 -4.16 36.83
C ARG F 113 17.27 -3.13 37.22
N ARG F 114 17.65 -1.85 37.27
CA ARG F 114 16.73 -0.80 37.68
C ARG F 114 16.42 0.42 36.76
N SER F 115 16.72 0.32 35.48
CA SER F 115 16.40 1.42 34.56
C SER F 115 14.97 1.22 34.09
N PHE F 116 14.30 2.31 33.73
CA PHE F 116 12.92 2.20 33.29
C PHE F 116 12.68 1.60 31.92
N ASP F 117 13.41 2.08 30.90
CA ASP F 117 13.20 1.65 29.51
C ASP F 117 14.27 0.94 28.72
N VAL F 118 15.39 0.63 29.35
CA VAL F 118 16.44 -0.07 28.62
C VAL F 118 16.41 -1.52 29.07
N PRO F 119 16.04 -2.42 28.16
CA PRO F 119 15.96 -3.85 28.46
C PRO F 119 17.29 -4.56 28.36
N PRO F 120 17.40 -5.75 28.98
CA PRO F 120 18.61 -6.57 28.97
C PRO F 120 18.75 -7.11 27.52
N PRO F 121 19.92 -7.65 27.14
CA PRO F 121 19.99 -8.17 25.76
C PRO F 121 19.01 -9.36 25.68
N PRO F 122 18.46 -9.67 24.50
CA PRO F 122 17.52 -10.81 24.41
C PRO F 122 18.19 -12.15 24.60
N ILE F 123 17.39 -13.16 24.98
CA ILE F 123 17.94 -14.48 25.19
C ILE F 123 17.77 -15.24 23.88
N ASP F 124 18.75 -16.06 23.50
CA ASP F 124 18.65 -16.82 22.26
C ASP F 124 17.62 -17.94 22.44
N ALA F 125 16.84 -18.18 21.39
CA ALA F 125 15.78 -19.18 21.38
C ALA F 125 16.20 -20.55 21.94
N SER F 126 17.37 -21.01 21.53
CA SER F 126 17.90 -22.31 21.93
C SER F 126 18.66 -22.32 23.27
N SER F 127 18.58 -21.24 24.03
CA SER F 127 19.20 -21.21 25.34
C SER F 127 18.31 -22.03 26.27
N PRO F 128 18.92 -22.76 27.23
CA PRO F 128 18.15 -23.56 28.17
C PRO F 128 17.17 -22.71 28.95
N PHE F 129 17.46 -21.41 29.05
CA PHE F 129 16.64 -20.48 29.83
C PHE F 129 15.66 -19.58 29.04
N SER F 130 15.40 -19.99 27.81
CA SER F 130 14.44 -19.31 26.95
C SER F 130 13.06 -19.93 27.16
N GLN F 131 12.01 -19.12 27.19
CA GLN F 131 10.65 -19.68 27.30
C GLN F 131 9.98 -19.76 25.92
N LYS F 132 10.76 -19.68 24.85
CA LYS F 132 10.19 -19.72 23.51
C LYS F 132 9.58 -21.08 23.13
N GLY F 133 8.28 -21.11 22.85
CA GLY F 133 7.70 -22.39 22.47
C GLY F 133 7.13 -23.19 23.64
N ASP F 134 7.13 -22.60 24.83
CA ASP F 134 6.60 -23.26 26.02
C ASP F 134 5.07 -23.43 25.94
N GLU F 135 4.63 -24.59 26.37
CA GLU F 135 3.24 -25.01 26.34
C GLU F 135 2.28 -24.08 27.02
N ARG F 136 2.71 -23.43 28.08
CA ARG F 136 1.75 -22.57 28.75
C ARG F 136 1.44 -21.27 28.01
N TYR F 137 2.15 -21.04 26.90
CA TYR F 137 1.94 -19.82 26.13
C TYR F 137 1.56 -20.17 24.67
N LYS F 138 1.21 -21.43 24.40
CA LYS F 138 0.86 -21.90 23.05
C LYS F 138 -0.41 -21.29 22.41
N TYR F 139 -1.25 -20.64 23.22
CA TYR F 139 -2.49 -20.03 22.70
C TYR F 139 -2.39 -18.49 22.63
N VAL F 140 -1.18 -17.97 22.90
CA VAL F 140 -0.91 -16.53 22.84
C VAL F 140 -0.26 -16.29 21.47
N ASP F 141 -0.48 -15.11 20.89
CA ASP F 141 0.12 -14.80 19.60
C ASP F 141 1.63 -14.94 19.83
N PRO F 142 2.28 -15.83 19.08
CA PRO F 142 3.72 -15.99 19.27
C PRO F 142 4.52 -14.70 19.14
N ASN F 143 4.03 -13.75 18.34
CA ASN F 143 4.76 -12.51 18.06
C ASN F 143 4.91 -11.52 19.19
N VAL F 144 3.96 -11.54 20.13
CA VAL F 144 3.98 -10.61 21.25
C VAL F 144 4.82 -11.06 22.42
N LEU F 145 5.07 -12.36 22.49
CA LEU F 145 5.83 -12.94 23.59
C LEU F 145 7.27 -12.41 23.56
N PRO F 146 7.70 -11.77 24.65
CA PRO F 146 9.02 -11.17 24.80
C PRO F 146 10.22 -12.07 24.98
N GLU F 147 11.38 -11.64 24.46
CA GLU F 147 12.64 -12.38 24.60
C GLU F 147 13.60 -11.61 25.50
N THR F 148 13.05 -10.55 26.07
CA THR F 148 13.66 -9.67 27.03
C THR F 148 12.68 -8.53 27.33
N GLU F 149 12.78 -7.91 28.49
CA GLU F 149 11.88 -6.80 28.79
C GLU F 149 12.46 -5.79 29.76
N SER F 150 11.88 -4.60 29.71
CA SER F 150 12.21 -3.51 30.62
C SER F 150 10.92 -3.34 31.41
N LEU F 151 10.95 -2.55 32.47
CA LEU F 151 9.75 -2.35 33.27
C LEU F 151 8.70 -1.61 32.41
N ALA F 152 9.20 -0.71 31.56
CA ALA F 152 8.35 0.09 30.68
C ALA F 152 7.50 -0.84 29.81
N LEU F 153 8.17 -1.84 29.25
CA LEU F 153 7.58 -2.85 28.41
C LEU F 153 6.62 -3.79 29.20
N VAL F 154 6.96 -4.13 30.45
CA VAL F 154 6.11 -4.98 31.31
C VAL F 154 4.78 -4.28 31.47
N ILE F 155 4.84 -3.02 31.83
CA ILE F 155 3.66 -2.21 32.04
C ILE F 155 2.81 -2.15 30.76
N ASP F 156 3.47 -2.07 29.60
CA ASP F 156 2.77 -2.00 28.33
C ASP F 156 1.95 -3.29 28.04
N ARG F 157 2.47 -4.47 28.40
CA ARG F 157 1.74 -5.70 28.14
C ARG F 157 0.79 -6.08 29.27
N LEU F 158 1.00 -5.47 30.44
CA LEU F 158 0.16 -5.70 31.60
C LEU F 158 -1.10 -4.88 31.55
N LEU F 159 -0.97 -3.59 31.27
CA LEU F 159 -2.15 -2.71 31.28
C LEU F 159 -3.45 -3.18 30.58
N PRO F 160 -3.37 -3.75 29.37
CA PRO F 160 -4.59 -4.22 28.67
C PRO F 160 -5.40 -5.24 29.50
N TYR F 161 -4.70 -6.15 30.19
CA TYR F 161 -5.35 -7.17 31.00
C TYR F 161 -6.03 -6.53 32.19
N TRP F 162 -5.37 -5.54 32.75
CA TRP F 162 -5.90 -4.81 33.89
C TRP F 162 -7.14 -4.03 33.42
N GLN F 163 -7.01 -3.39 32.27
CA GLN F 163 -8.07 -2.53 31.75
C GLN F 163 -9.37 -3.21 31.42
N ASP F 164 -9.27 -4.38 30.82
CA ASP F 164 -10.46 -5.14 30.41
C ASP F 164 -10.87 -6.26 31.35
N VAL F 165 -9.91 -7.10 31.73
CA VAL F 165 -10.22 -8.23 32.55
C VAL F 165 -10.35 -7.98 34.03
N ILE F 166 -9.29 -7.50 34.67
CA ILE F 166 -9.33 -7.25 36.08
C ILE F 166 -10.29 -6.15 36.46
N ALA F 167 -10.31 -5.09 35.65
CA ALA F 167 -11.23 -3.95 35.88
C ALA F 167 -12.71 -4.39 35.97
N LYS F 168 -13.08 -5.34 35.13
CA LYS F 168 -14.47 -5.82 35.12
C LYS F 168 -14.89 -6.33 36.45
N ASP F 169 -14.05 -7.18 37.09
CA ASP F 169 -14.35 -7.74 38.43
C ASP F 169 -14.40 -6.65 39.50
N LEU F 170 -13.42 -5.74 39.52
CA LEU F 170 -13.39 -4.62 40.45
C LEU F 170 -14.65 -3.78 40.29
N LEU F 171 -14.90 -3.39 39.05
CA LEU F 171 -16.07 -2.58 38.70
C LEU F 171 -17.41 -3.28 38.95
N SER F 172 -17.40 -4.60 39.15
CA SER F 172 -18.63 -5.34 39.47
C SER F 172 -18.71 -5.47 40.99
N GLY F 173 -17.87 -4.74 41.72
CA GLY F 173 -17.88 -4.83 43.19
C GLY F 173 -17.18 -6.03 43.85
N LYS F 174 -16.38 -6.78 43.09
CA LYS F 174 -15.67 -7.91 43.67
C LYS F 174 -14.25 -7.57 44.17
N THR F 175 -13.90 -8.03 45.37
CA THR F 175 -12.54 -7.80 45.91
C THR F 175 -11.54 -8.69 45.12
N VAL F 176 -10.54 -8.06 44.51
CA VAL F 176 -9.59 -8.81 43.68
C VAL F 176 -8.23 -9.01 44.33
N MET F 177 -7.73 -10.24 44.24
CA MET F 177 -6.42 -10.54 44.72
C MET F 177 -5.52 -10.88 43.52
N ILE F 178 -4.37 -10.22 43.44
CA ILE F 178 -3.43 -10.55 42.39
C ILE F 178 -2.18 -11.13 43.06
N ALA F 179 -1.74 -12.31 42.65
CA ALA F 179 -0.53 -12.85 43.21
C ALA F 179 0.38 -12.80 42.02
N ALA F 180 1.37 -11.90 42.06
CA ALA F 180 2.28 -11.77 40.93
C ALA F 180 3.74 -11.62 41.28
N HIS F 181 4.43 -10.67 40.65
CA HIS F 181 5.87 -10.52 40.86
C HIS F 181 6.37 -9.12 41.08
N GLY F 182 7.67 -9.03 41.33
CA GLY F 182 8.29 -7.73 41.57
C GLY F 182 8.00 -6.64 40.56
N ASN F 183 8.44 -6.85 39.33
CA ASN F 183 8.21 -5.86 38.25
C ASN F 183 6.74 -5.66 37.84
N SER F 184 5.98 -6.75 37.70
CA SER F 184 4.58 -6.62 37.32
C SER F 184 3.78 -5.91 38.41
N LEU F 185 4.07 -6.16 39.67
CA LEU F 185 3.28 -5.43 40.69
C LEU F 185 3.77 -3.99 40.86
N ARG F 186 5.09 -3.76 40.72
CA ARG F 186 5.58 -2.40 40.82
C ARG F 186 4.96 -1.63 39.64
N GLY F 187 4.94 -2.28 38.48
CA GLY F 187 4.33 -1.71 37.29
C GLY F 187 2.87 -1.32 37.56
N LEU F 188 2.08 -2.22 38.17
CA LEU F 188 0.70 -1.87 38.45
C LEU F 188 0.65 -0.72 39.45
N VAL F 189 1.53 -0.74 40.46
CA VAL F 189 1.53 0.34 41.44
C VAL F 189 1.97 1.69 40.83
N LYS F 190 2.92 1.64 39.89
CA LYS F 190 3.35 2.86 39.16
C LYS F 190 2.11 3.47 38.48
N HIS F 191 1.32 2.61 37.84
CA HIS F 191 0.08 3.05 37.20
C HIS F 191 -0.97 3.55 38.21
N LEU F 192 -1.27 2.76 39.24
CA LEU F 192 -2.27 3.18 40.21
C LEU F 192 -2.03 4.54 40.90
N GLU F 193 -0.78 4.80 41.26
CA GLU F 193 -0.40 6.01 41.99
C GLU F 193 0.14 7.18 41.18
N GLY F 194 0.40 6.94 39.89
CA GLY F 194 0.90 7.99 39.03
C GLY F 194 2.33 8.37 39.33
N ILE F 195 3.12 7.38 39.75
CA ILE F 195 4.53 7.56 40.05
C ILE F 195 5.21 7.82 38.69
N SER F 196 6.15 8.76 38.65
CA SER F 196 6.82 9.09 37.40
C SER F 196 7.86 8.04 37.02
N ASP F 197 8.20 8.02 35.73
CA ASP F 197 9.18 7.05 35.22
C ASP F 197 10.47 7.12 35.99
N ALA F 198 10.79 8.33 36.47
CA ALA F 198 12.02 8.63 37.19
C ALA F 198 12.09 8.09 38.64
N ASP F 199 10.95 8.19 39.33
CA ASP F 199 10.82 7.74 40.72
C ASP F 199 10.42 6.28 40.91
N ILE F 200 10.15 5.54 39.83
CA ILE F 200 9.72 4.15 39.95
C ILE F 200 10.77 3.18 40.45
N ALA F 201 12.02 3.40 40.11
CA ALA F 201 13.10 2.51 40.56
C ALA F 201 13.20 2.48 42.09
N LYS F 202 12.79 3.58 42.71
CA LYS F 202 12.84 3.72 44.17
C LYS F 202 11.81 2.89 44.94
N LEU F 203 10.75 2.47 44.26
CA LEU F 203 9.72 1.68 44.93
C LEU F 203 10.05 0.23 45.12
N ASN F 204 9.74 -0.24 46.32
CA ASN F 204 9.92 -1.64 46.65
C ASN F 204 8.65 -2.22 47.23
N ILE F 205 8.37 -3.45 46.83
CA ILE F 205 7.20 -4.14 47.34
C ILE F 205 7.76 -5.36 48.03
N PRO F 206 7.62 -5.38 49.37
CA PRO F 206 8.10 -6.49 50.19
C PRO F 206 7.34 -7.79 49.90
N THR F 207 8.07 -8.90 49.93
CA THR F 207 7.50 -10.20 49.68
C THR F 207 6.61 -10.66 50.83
N GLY F 208 5.62 -11.50 50.49
CA GLY F 208 4.71 -12.10 51.46
C GLY F 208 3.90 -11.25 52.37
N ILE F 209 3.59 -10.03 51.99
CA ILE F 209 2.75 -9.13 52.80
C ILE F 209 1.74 -8.45 51.87
N PRO F 210 0.46 -8.83 51.99
CA PRO F 210 -0.60 -8.26 51.16
C PRO F 210 -0.65 -6.76 51.25
N LEU F 211 -0.75 -6.14 50.08
CA LEU F 211 -0.83 -4.70 49.93
C LEU F 211 -2.23 -4.42 49.41
N VAL F 212 -3.00 -3.68 50.19
CA VAL F 212 -4.38 -3.38 49.87
C VAL F 212 -4.64 -1.95 49.41
N PHE F 213 -5.28 -1.81 48.24
CA PHE F 213 -5.68 -0.51 47.69
C PHE F 213 -7.18 -0.47 47.71
N GLU F 214 -7.72 0.63 48.22
CA GLU F 214 -9.14 0.85 48.23
C GLU F 214 -9.23 1.85 47.08
N LEU F 215 -9.97 1.47 46.04
CA LEU F 215 -10.13 2.28 44.84
C LEU F 215 -11.49 2.93 44.72
N ASP F 216 -11.59 3.96 43.89
CA ASP F 216 -12.88 4.62 43.67
C ASP F 216 -13.46 4.03 42.38
N GLU F 217 -14.54 4.63 41.89
CA GLU F 217 -15.21 4.19 40.67
C GLU F 217 -14.36 4.42 39.40
N ASN F 218 -13.31 5.23 39.56
CA ASN F 218 -12.36 5.51 38.46
C ASN F 218 -11.12 4.66 38.58
N LEU F 219 -11.13 3.73 39.55
CA LEU F 219 -10.02 2.80 39.78
C LEU F 219 -8.70 3.50 40.20
N LYS F 220 -8.85 4.59 40.95
CA LYS F 220 -7.75 5.37 41.47
C LYS F 220 -7.86 5.27 42.97
N PRO F 221 -6.73 5.21 43.69
CA PRO F 221 -6.74 5.10 45.15
C PRO F 221 -7.62 6.18 45.78
N SER F 222 -8.53 5.75 46.65
CA SER F 222 -9.44 6.67 47.33
C SER F 222 -8.84 7.05 48.68
N LYS F 223 -7.73 6.39 49.00
CA LYS F 223 -6.98 6.63 50.21
C LYS F 223 -5.66 5.87 50.02
N PRO F 224 -4.59 6.29 50.73
CA PRO F 224 -3.28 5.65 50.62
C PRO F 224 -3.31 4.11 50.75
N SER F 225 -2.57 3.43 49.88
CA SER F 225 -2.53 1.99 49.94
C SER F 225 -1.97 1.58 51.30
N TYR F 226 -2.15 0.32 51.67
CA TYR F 226 -1.65 -0.15 52.94
C TYR F 226 -1.36 -1.62 53.01
N TYR F 227 -0.27 -1.96 53.69
CA TYR F 227 0.11 -3.34 53.89
C TYR F 227 -0.68 -3.92 55.07
N LEU F 228 -0.81 -5.24 55.12
CA LEU F 228 -1.54 -5.83 56.23
C LEU F 228 -0.64 -6.02 57.46
N ASP F 229 0.64 -5.74 57.27
CA ASP F 229 1.64 -5.77 58.32
C ASP F 229 2.51 -4.53 58.09
N PRO F 230 1.98 -3.33 58.44
CA PRO F 230 2.68 -2.05 58.27
C PRO F 230 4.16 -2.03 58.72
N GLU F 231 4.41 -2.45 59.95
CA GLU F 231 5.75 -2.48 60.50
C GLU F 231 6.73 -3.33 59.67
N ALA F 232 6.35 -4.60 59.42
CA ALA F 232 7.20 -5.53 58.66
C ALA F 232 7.46 -5.15 57.21
N ALA F 233 6.48 -4.48 56.60
CA ALA F 233 6.61 -4.05 55.22
C ALA F 233 7.57 -2.88 55.11
N ALA F 234 7.51 -1.97 56.08
CA ALA F 234 8.36 -0.78 56.12
C ALA F 234 9.73 -1.04 56.75
N ALA F 235 9.87 -2.15 57.47
CA ALA F 235 11.14 -2.51 58.09
C ALA F 235 11.94 -3.41 57.15
N PRO G 1 -4.54 -21.44 10.22
CA PRO G 1 -5.77 -20.80 10.76
C PRO G 1 -6.36 -19.93 9.65
N LYS G 2 -7.65 -19.60 9.78
CA LYS G 2 -8.34 -18.82 8.76
C LYS G 2 -9.10 -17.68 9.42
N LEU G 3 -8.89 -16.46 8.91
CA LEU G 3 -9.52 -15.29 9.48
C LEU G 3 -10.35 -14.61 8.36
N VAL G 4 -11.58 -14.20 8.69
CA VAL G 4 -12.45 -13.50 7.73
C VAL G 4 -12.80 -12.14 8.31
N LEU G 5 -12.55 -11.10 7.51
CA LEU G 5 -12.85 -9.75 7.95
C LEU G 5 -14.03 -9.15 7.14
N VAL G 6 -14.91 -8.44 7.83
CA VAL G 6 -16.04 -7.84 7.14
C VAL G 6 -16.22 -6.44 7.65
N ARG G 7 -16.15 -5.50 6.71
CA ARG G 7 -16.37 -4.10 7.02
C ARG G 7 -17.84 -3.81 6.76
N HIS G 8 -18.53 -3.23 7.73
CA HIS G 8 -19.92 -2.93 7.52
C HIS G 8 -20.08 -1.87 6.42
N GLY G 9 -21.26 -1.85 5.81
CA GLY G 9 -21.57 -0.90 4.76
C GLY G 9 -22.02 0.37 5.44
N GLN G 10 -22.35 1.39 4.65
CA GLN G 10 -22.73 2.68 5.17
C GLN G 10 -23.73 2.78 6.29
N SER G 11 -23.44 3.70 7.19
CA SER G 11 -24.33 3.99 8.28
C SER G 11 -25.20 5.18 7.79
N GLU G 12 -26.16 5.55 8.59
CA GLU G 12 -27.04 6.64 8.26
C GLU G 12 -26.33 7.99 8.16
N TRP G 13 -25.19 8.13 8.87
CA TRP G 13 -24.35 9.34 8.89
C TRP G 13 -23.43 9.43 7.69
N ASN G 14 -23.02 8.32 7.12
CA ASN G 14 -22.18 8.36 5.95
C ASN G 14 -22.95 9.05 4.81
N GLU G 15 -24.27 8.91 4.78
CA GLU G 15 -25.13 9.57 3.76
C GLU G 15 -25.27 11.06 4.10
N LYS G 16 -25.43 11.34 5.39
CA LYS G 16 -25.56 12.68 5.90
C LYS G 16 -24.22 13.50 5.93
N ASN G 17 -23.12 12.87 5.52
CA ASN G 17 -21.78 13.48 5.50
C ASN G 17 -21.32 13.91 6.91
N LEU G 18 -21.55 13.08 7.93
CA LEU G 18 -21.12 13.38 9.30
C LEU G 18 -20.07 12.35 9.73
N PHE G 19 -19.01 12.78 10.44
CA PHE G 19 -17.97 11.85 10.90
C PHE G 19 -18.61 11.06 12.03
N THR G 20 -18.51 9.74 11.95
CA THR G 20 -19.13 8.88 12.95
C THR G 20 -18.28 8.53 14.17
N GLY G 21 -17.17 7.85 13.94
CA GLY G 21 -16.34 7.45 15.09
C GLY G 21 -17.00 6.43 15.99
N TRP G 22 -17.11 6.75 17.27
CA TRP G 22 -17.74 5.86 18.26
C TRP G 22 -19.23 6.13 18.48
N VAL G 23 -19.82 7.11 17.76
CA VAL G 23 -21.26 7.38 17.92
C VAL G 23 -21.94 6.15 17.35
N ASP G 24 -22.84 5.58 18.12
CA ASP G 24 -23.50 4.35 17.71
C ASP G 24 -24.59 4.51 16.66
N VAL G 25 -24.19 4.88 15.46
CA VAL G 25 -25.13 5.14 14.37
C VAL G 25 -25.63 3.86 13.69
N LYS G 26 -26.93 3.81 13.34
CA LYS G 26 -27.45 2.59 12.69
C LYS G 26 -27.14 2.43 11.23
N LEU G 27 -27.00 1.19 10.82
CA LEU G 27 -26.72 0.81 9.45
C LEU G 27 -27.89 1.33 8.61
N SER G 28 -27.61 1.78 7.39
CA SER G 28 -28.65 2.31 6.51
C SER G 28 -29.21 1.14 5.77
N ALA G 29 -30.30 1.36 5.05
CA ALA G 29 -30.94 0.33 4.26
C ALA G 29 -29.92 -0.29 3.31
N LYS G 30 -29.05 0.54 2.74
CA LYS G 30 -28.00 0.07 1.82
C LYS G 30 -26.91 -0.70 2.61
N GLY G 31 -26.66 -0.28 3.84
CA GLY G 31 -25.70 -0.99 4.67
C GLY G 31 -26.23 -2.39 4.94
N GLN G 32 -27.53 -2.48 5.25
CA GLN G 32 -28.19 -3.78 5.47
C GLN G 32 -28.08 -4.70 4.26
N GLN G 33 -28.21 -4.14 3.05
CA GLN G 33 -28.07 -4.92 1.83
C GLN G 33 -26.63 -5.45 1.61
N GLU G 34 -25.63 -4.63 1.90
CA GLU G 34 -24.24 -5.09 1.73
C GLU G 34 -23.97 -6.21 2.75
N ALA G 35 -24.54 -6.07 3.95
CA ALA G 35 -24.41 -7.06 5.02
C ALA G 35 -24.91 -8.38 4.49
N ALA G 36 -26.07 -8.34 3.84
CA ALA G 36 -26.68 -9.51 3.24
C ALA G 36 -25.85 -10.13 2.11
N ARG G 37 -25.20 -9.30 1.31
CA ARG G 37 -24.37 -9.83 0.22
C ARG G 37 -23.06 -10.43 0.76
N ALA G 38 -22.57 -9.83 1.85
CA ALA G 38 -21.35 -10.31 2.51
C ALA G 38 -21.61 -11.75 2.97
N GLY G 39 -22.76 -11.95 3.64
CA GLY G 39 -23.14 -13.27 4.09
C GLY G 39 -23.29 -14.30 2.97
N GLU G 40 -23.97 -13.92 1.89
CA GLU G 40 -24.18 -14.76 0.70
C GLU G 40 -22.83 -15.15 0.08
N LEU G 41 -21.86 -14.24 0.13
CA LEU G 41 -20.53 -14.53 -0.39
C LEU G 41 -19.84 -15.59 0.51
N LEU G 42 -20.02 -15.46 1.82
CA LEU G 42 -19.48 -16.42 2.80
C LEU G 42 -19.96 -17.82 2.48
N LYS G 43 -21.26 -17.94 2.19
CA LYS G 43 -21.87 -19.23 1.87
C LYS G 43 -21.42 -19.78 0.54
N GLU G 44 -21.56 -18.94 -0.45
CA GLU G 44 -21.24 -19.24 -1.85
C GLU G 44 -19.80 -19.71 -1.97
N LYS G 45 -18.89 -19.01 -1.29
CA LYS G 45 -17.48 -19.35 -1.32
C LYS G 45 -16.99 -20.40 -0.29
N LYS G 46 -17.94 -20.95 0.48
CA LYS G 46 -17.66 -21.99 1.47
C LYS G 46 -16.71 -21.58 2.60
N VAL G 47 -16.88 -20.36 3.10
CA VAL G 47 -16.07 -19.90 4.21
C VAL G 47 -17.00 -19.95 5.41
N TYR G 48 -16.74 -20.89 6.32
CA TYR G 48 -17.60 -21.09 7.50
C TYR G 48 -17.00 -20.72 8.82
N PRO G 49 -17.37 -19.55 9.36
CA PRO G 49 -16.87 -19.05 10.64
C PRO G 49 -17.36 -19.95 11.79
N ASP G 50 -16.43 -20.27 12.70
CA ASP G 50 -16.79 -21.08 13.87
C ASP G 50 -17.08 -20.15 15.02
N VAL G 51 -16.55 -18.93 14.94
CA VAL G 51 -16.73 -17.98 16.01
C VAL G 51 -16.74 -16.57 15.42
N LEU G 52 -17.41 -15.68 16.12
CA LEU G 52 -17.52 -14.31 15.66
C LEU G 52 -17.03 -13.32 16.70
N TYR G 53 -16.36 -12.26 16.22
CA TYR G 53 -15.93 -11.16 17.09
C TYR G 53 -16.47 -9.84 16.48
N THR G 54 -17.08 -8.98 17.28
CA THR G 54 -17.55 -7.72 16.74
C THR G 54 -17.03 -6.63 17.67
N SER G 55 -17.31 -5.40 17.30
CA SER G 55 -16.98 -4.24 18.11
C SER G 55 -18.19 -4.06 18.99
N LYS G 56 -18.23 -2.96 19.73
CA LYS G 56 -19.38 -2.68 20.58
C LYS G 56 -20.33 -1.75 19.82
N LEU G 57 -20.08 -1.57 18.53
CA LEU G 57 -20.92 -0.69 17.71
C LEU G 57 -22.00 -1.42 16.87
N SER G 58 -23.27 -1.02 17.05
CA SER G 58 -24.43 -1.61 16.36
C SER G 58 -24.29 -1.84 14.89
N ARG G 59 -23.72 -0.87 14.17
CA ARG G 59 -23.59 -1.03 12.73
C ARG G 59 -22.81 -2.27 12.31
N ALA G 60 -21.78 -2.62 13.07
CA ALA G 60 -20.97 -3.81 12.80
C ALA G 60 -21.71 -5.09 13.28
N ILE G 61 -22.32 -4.99 14.46
CA ILE G 61 -23.08 -6.08 15.08
C ILE G 61 -24.24 -6.48 14.20
N GLN G 62 -24.97 -5.48 13.69
CA GLN G 62 -26.10 -5.78 12.79
C GLN G 62 -25.58 -6.36 11.47
N THR G 63 -24.42 -5.91 11.02
CA THR G 63 -23.89 -6.46 9.79
C THR G 63 -23.59 -7.98 9.98
N ALA G 64 -23.10 -8.33 11.18
CA ALA G 64 -22.77 -9.71 11.51
C ALA G 64 -24.04 -10.54 11.55
N ASN G 65 -25.04 -10.06 12.29
CA ASN G 65 -26.35 -10.72 12.43
C ASN G 65 -27.00 -11.01 11.08
N ILE G 66 -26.95 -10.02 10.18
CA ILE G 66 -27.52 -10.15 8.83
C ILE G 66 -26.70 -11.08 7.98
N ALA G 67 -25.39 -10.92 8.01
CA ALA G 67 -24.50 -11.72 7.20
C ALA G 67 -24.54 -13.19 7.58
N LEU G 68 -24.58 -13.45 8.89
CA LEU G 68 -24.63 -14.83 9.44
C LEU G 68 -25.96 -15.51 9.16
N GLU G 69 -27.06 -14.74 9.11
CA GLU G 69 -28.37 -15.29 8.78
C GLU G 69 -28.34 -15.82 7.36
N LYS G 70 -27.75 -15.05 6.43
CA LYS G 70 -27.63 -15.52 5.03
C LYS G 70 -26.62 -16.67 4.88
N ALA G 71 -25.61 -16.73 5.75
CA ALA G 71 -24.62 -17.82 5.65
C ALA G 71 -25.07 -19.09 6.42
N ASP G 72 -26.20 -18.98 7.14
CA ASP G 72 -26.81 -20.08 7.96
C ASP G 72 -25.89 -20.55 9.09
N ARG G 73 -25.25 -19.58 9.76
CA ARG G 73 -24.32 -19.85 10.85
C ARG G 73 -24.61 -18.97 12.00
N LEU G 74 -25.87 -18.64 12.15
CA LEU G 74 -26.31 -17.76 13.20
C LEU G 74 -26.07 -18.28 14.61
N TRP G 75 -25.91 -19.59 14.74
CA TRP G 75 -25.71 -20.23 16.08
C TRP G 75 -24.32 -20.07 16.71
N ILE G 76 -23.30 -19.71 15.92
CA ILE G 76 -21.92 -19.55 16.41
C ILE G 76 -21.73 -18.62 17.59
N PRO G 77 -20.75 -18.95 18.46
CA PRO G 77 -20.52 -18.08 19.61
C PRO G 77 -20.08 -16.65 19.21
N VAL G 78 -20.43 -15.68 20.02
CA VAL G 78 -20.07 -14.34 19.70
C VAL G 78 -19.49 -13.62 20.87
N ASN G 79 -18.40 -12.89 20.58
CA ASN G 79 -17.67 -12.04 21.54
C ASN G 79 -17.54 -10.60 21.00
N ARG G 80 -17.76 -9.63 21.88
CA ARG G 80 -17.69 -8.24 21.52
C ARG G 80 -16.62 -7.53 22.35
N SER G 81 -15.95 -6.57 21.73
CA SER G 81 -14.89 -5.78 22.37
C SER G 81 -14.83 -4.34 21.86
N TRP G 82 -14.64 -3.41 22.78
CA TRP G 82 -14.46 -1.98 22.43
C TRP G 82 -13.15 -1.84 21.64
N ARG G 83 -12.24 -2.80 21.80
CA ARG G 83 -10.96 -2.76 21.12
C ARG G 83 -11.07 -2.98 19.65
N LEU G 84 -12.25 -3.44 19.19
CA LEU G 84 -12.49 -3.61 17.75
C LEU G 84 -13.28 -2.39 17.15
N ASN G 85 -13.68 -1.46 18.04
CA ASN G 85 -14.37 -0.22 17.65
C ASN G 85 -13.62 0.56 16.61
N GLU G 86 -14.39 1.37 15.90
CA GLU G 86 -13.90 2.29 14.89
C GLU G 86 -13.03 3.33 15.60
N ARG G 87 -12.09 3.93 14.87
CA ARG G 87 -11.27 5.02 15.41
C ARG G 87 -12.18 6.11 15.99
N HIS G 88 -11.94 6.49 17.24
CA HIS G 88 -12.72 7.54 17.85
C HIS G 88 -12.32 8.89 17.13
N TYR G 89 -13.30 9.64 16.59
CA TYR G 89 -13.02 10.85 15.83
C TYR G 89 -12.90 12.15 16.63
N GLY G 90 -12.87 12.04 17.94
CA GLY G 90 -12.75 13.21 18.78
C GLY G 90 -13.79 14.25 18.48
N ASP G 91 -13.40 15.53 18.50
CA ASP G 91 -14.31 16.66 18.24
C ASP G 91 -14.94 16.64 16.87
N LEU G 92 -14.39 15.86 15.95
CA LEU G 92 -14.98 15.74 14.65
C LEU G 92 -16.24 14.84 14.64
N GLN G 93 -16.58 14.20 15.77
CA GLN G 93 -17.73 13.31 15.85
C GLN G 93 -19.00 14.12 15.78
N GLY G 94 -19.85 13.83 14.81
CA GLY G 94 -21.09 14.59 14.67
C GLY G 94 -20.98 15.86 13.77
N LYS G 95 -19.80 16.08 13.21
CA LYS G 95 -19.53 17.23 12.36
C LYS G 95 -19.56 16.90 10.89
N ASP G 96 -20.05 17.85 10.10
CA ASP G 96 -20.14 17.72 8.67
C ASP G 96 -18.74 17.64 8.07
N LYS G 97 -18.54 16.69 7.16
CA LYS G 97 -17.23 16.55 6.55
C LYS G 97 -16.89 17.67 5.59
N ALA G 98 -17.88 18.24 4.91
CA ALA G 98 -17.60 19.34 3.99
C ALA G 98 -17.26 20.63 4.76
N GLU G 99 -17.92 20.88 5.86
CA GLU G 99 -17.65 22.05 6.66
C GLU G 99 -16.29 21.92 7.39
N THR G 100 -15.93 20.67 7.74
CA THR G 100 -14.69 20.43 8.42
C THR G 100 -13.61 20.70 7.42
N LEU G 101 -13.85 20.37 6.15
CA LEU G 101 -12.84 20.65 5.12
C LEU G 101 -12.68 22.18 4.85
N LYS G 102 -13.76 22.92 5.05
CA LYS G 102 -13.74 24.36 4.82
C LYS G 102 -13.14 25.09 5.98
N LYS G 103 -13.27 24.49 7.16
CA LYS G 103 -12.74 25.08 8.35
C LYS G 103 -11.22 24.87 8.57
N PHE G 104 -10.70 23.70 8.22
CA PHE G 104 -9.30 23.36 8.48
C PHE G 104 -8.43 23.35 7.26
N GLY G 105 -9.06 23.39 6.07
CA GLY G 105 -8.27 23.37 4.85
C GLY G 105 -7.93 21.93 4.54
N GLU G 106 -7.50 21.68 3.31
CA GLU G 106 -7.17 20.34 2.87
C GLU G 106 -6.05 19.55 3.58
N GLU G 107 -4.95 20.22 3.88
CA GLU G 107 -3.82 19.59 4.52
C GLU G 107 -4.15 19.04 5.92
N LYS G 108 -4.76 19.88 6.76
CA LYS G 108 -5.15 19.51 8.11
C LYS G 108 -6.27 18.47 8.08
N PHE G 109 -7.23 18.64 7.15
CA PHE G 109 -8.32 17.70 6.98
C PHE G 109 -7.75 16.31 6.61
N ASN G 110 -6.82 16.20 5.65
CA ASN G 110 -6.20 14.90 5.30
C ASN G 110 -5.42 14.34 6.54
N THR G 111 -4.78 15.22 7.28
CA THR G 111 -4.04 14.82 8.46
C THR G 111 -4.99 14.19 9.48
N TYR G 112 -6.11 14.85 9.75
CA TYR G 112 -7.07 14.31 10.71
C TYR G 112 -7.69 12.97 10.24
N ARG G 113 -8.01 12.90 8.96
CA ARG G 113 -8.60 11.68 8.43
C ARG G 113 -7.61 10.54 8.26
N ARG G 114 -6.45 10.86 7.73
CA ARG G 114 -5.49 9.85 7.36
C ARG G 114 -4.03 9.92 7.77
N SER G 115 -3.64 10.77 8.72
CA SER G 115 -2.23 10.72 9.10
C SER G 115 -2.14 9.44 9.93
N PHE G 116 -0.95 8.84 10.00
CA PHE G 116 -0.84 7.66 10.82
C PHE G 116 -0.92 7.95 12.31
N ASP G 117 -0.26 9.01 12.76
CA ASP G 117 -0.23 9.26 14.21
C ASP G 117 -0.73 10.54 14.80
N VAL G 118 -1.28 11.43 13.99
CA VAL G 118 -1.81 12.71 14.50
C VAL G 118 -3.32 12.56 14.63
N PRO G 119 -3.83 12.61 15.85
CA PRO G 119 -5.27 12.45 16.02
C PRO G 119 -6.06 13.72 15.96
N PRO G 120 -7.35 13.57 15.69
CA PRO G 120 -8.29 14.69 15.60
C PRO G 120 -8.25 15.39 16.94
N PRO G 121 -8.74 16.65 17.00
CA PRO G 121 -8.74 17.37 18.28
C PRO G 121 -9.59 16.53 19.26
N PRO G 122 -9.27 16.54 20.56
CA PRO G 122 -10.07 15.77 21.53
C PRO G 122 -11.46 16.34 21.74
N ILE G 123 -12.40 15.46 22.03
CA ILE G 123 -13.77 15.88 22.28
C ILE G 123 -13.96 16.25 23.77
N ASP G 124 -14.84 17.22 24.03
CA ASP G 124 -15.17 17.64 25.39
C ASP G 124 -16.03 16.52 26.04
N ALA G 125 -15.69 16.12 27.27
CA ALA G 125 -16.42 15.06 27.98
C ALA G 125 -17.95 15.26 28.17
N SER G 126 -18.46 16.46 27.85
CA SER G 126 -19.88 16.78 27.99
C SER G 126 -20.55 17.17 26.67
N SER G 127 -19.98 16.69 25.56
CA SER G 127 -20.50 16.98 24.21
C SER G 127 -21.68 16.06 23.91
N PRO G 128 -22.60 16.49 23.00
CA PRO G 128 -23.72 15.59 22.71
C PRO G 128 -23.21 14.30 22.04
N PHE G 129 -22.08 14.43 21.32
CA PHE G 129 -21.44 13.30 20.63
C PHE G 129 -20.28 12.56 21.37
N SER G 130 -20.27 12.64 22.69
CA SER G 130 -19.25 11.97 23.49
C SER G 130 -19.79 10.66 24.08
N GLN G 131 -19.02 9.58 23.94
CA GLN G 131 -19.42 8.29 24.51
C GLN G 131 -18.97 8.12 25.96
N LYS G 132 -18.53 9.18 26.62
CA LYS G 132 -18.08 9.04 28.02
C LYS G 132 -19.22 8.71 28.99
N GLY G 133 -19.02 7.62 29.74
CA GLY G 133 -20.04 7.16 30.69
C GLY G 133 -21.11 6.27 30.04
N ASP G 134 -20.90 5.90 28.78
CA ASP G 134 -21.87 5.09 28.09
C ASP G 134 -21.86 3.70 28.71
N GLU G 135 -23.07 3.22 28.95
CA GLU G 135 -23.36 1.93 29.55
C GLU G 135 -22.57 0.75 28.98
N ARG G 136 -22.41 0.70 27.68
CA ARG G 136 -21.70 -0.45 27.10
C ARG G 136 -20.18 -0.50 27.43
N TYR G 137 -19.67 0.49 28.14
CA TYR G 137 -18.25 0.52 28.46
C TYR G 137 -18.02 0.58 29.97
N LYS G 138 -19.09 0.44 30.74
CA LYS G 138 -19.06 0.55 32.18
C LYS G 138 -18.18 -0.40 32.96
N TYR G 139 -17.75 -1.49 32.34
CA TYR G 139 -16.88 -2.42 33.07
C TYR G 139 -15.44 -2.31 32.60
N VAL G 140 -15.14 -1.29 31.78
CA VAL G 140 -13.78 -1.07 31.27
C VAL G 140 -13.12 0.00 32.12
N ASP G 141 -11.82 -0.13 32.37
CA ASP G 141 -11.06 0.88 33.13
C ASP G 141 -11.42 2.24 32.50
N PRO G 142 -12.11 3.13 33.24
CA PRO G 142 -12.50 4.45 32.70
C PRO G 142 -11.35 5.22 32.01
N ASN G 143 -10.18 5.13 32.62
CA ASN G 143 -8.99 5.80 32.19
C ASN G 143 -8.46 5.45 30.78
N VAL G 144 -8.73 4.24 30.30
CA VAL G 144 -8.20 3.91 28.98
C VAL G 144 -9.08 4.41 27.82
N LEU G 145 -10.38 4.57 28.09
CA LEU G 145 -11.37 4.96 27.09
C LEU G 145 -10.95 6.27 26.38
N PRO G 146 -10.81 6.20 25.04
CA PRO G 146 -10.36 7.37 24.27
C PRO G 146 -11.30 8.55 24.08
N GLU G 147 -10.70 9.75 23.91
CA GLU G 147 -11.44 11.01 23.65
C GLU G 147 -11.10 11.48 22.22
N THR G 148 -10.25 10.69 21.56
CA THR G 148 -9.83 10.87 20.17
C THR G 148 -8.82 9.82 19.83
N GLU G 149 -8.64 9.48 18.57
CA GLU G 149 -7.63 8.50 18.24
C GLU G 149 -7.18 8.69 16.83
N SER G 150 -5.94 8.25 16.59
CA SER G 150 -5.30 8.21 15.27
C SER G 150 -5.27 6.69 14.99
N LEU G 151 -4.86 6.28 13.80
CA LEU G 151 -4.83 4.86 13.47
C LEU G 151 -3.78 4.19 14.38
N ALA G 152 -2.67 4.89 14.61
CA ALA G 152 -1.58 4.39 15.45
C ALA G 152 -2.15 3.99 16.82
N LEU G 153 -2.95 4.88 17.36
CA LEU G 153 -3.61 4.66 18.62
C LEU G 153 -4.60 3.46 18.57
N VAL G 154 -5.39 3.38 17.50
CA VAL G 154 -6.35 2.29 17.31
C VAL G 154 -5.61 0.95 17.43
N ILE G 155 -4.51 0.83 16.68
CA ILE G 155 -3.66 -0.36 16.68
C ILE G 155 -3.12 -0.67 18.09
N ASP G 156 -2.81 0.35 18.88
CA ASP G 156 -2.29 0.12 20.22
C ASP G 156 -3.32 -0.53 21.15
N ARG G 157 -4.56 -0.07 21.07
CA ARG G 157 -5.58 -0.67 21.93
C ARG G 157 -6.22 -1.94 21.36
N LEU G 158 -6.02 -2.20 20.07
CA LEU G 158 -6.61 -3.37 19.47
C LEU G 158 -5.75 -4.62 19.59
N LEU G 159 -4.44 -4.48 19.39
CA LEU G 159 -3.55 -5.59 19.42
C LEU G 159 -3.62 -6.51 20.63
N PRO G 160 -3.81 -5.97 21.84
CA PRO G 160 -3.88 -6.85 23.01
C PRO G 160 -5.01 -7.88 22.89
N TYR G 161 -6.16 -7.44 22.36
CA TYR G 161 -7.33 -8.31 22.16
C TYR G 161 -7.00 -9.34 21.10
N TRP G 162 -6.34 -8.90 20.05
CA TRP G 162 -5.98 -9.81 18.99
C TRP G 162 -5.03 -10.85 19.54
N GLN G 163 -4.09 -10.39 20.37
CA GLN G 163 -3.04 -11.21 20.92
C GLN G 163 -3.41 -12.35 21.82
N ASP G 164 -4.30 -12.04 22.76
CA ASP G 164 -4.80 -12.96 23.76
C ASP G 164 -6.11 -13.66 23.40
N VAL G 165 -7.10 -12.90 22.96
CA VAL G 165 -8.41 -13.46 22.68
C VAL G 165 -8.65 -14.01 21.28
N ILE G 166 -8.45 -13.19 20.26
CA ILE G 166 -8.70 -13.72 18.93
C ILE G 166 -7.70 -14.82 18.60
N ALA G 167 -6.45 -14.64 19.00
CA ALA G 167 -5.35 -15.60 18.73
C ALA G 167 -5.63 -17.02 19.28
N LYS G 168 -6.20 -17.10 20.47
CA LYS G 168 -6.50 -18.38 21.11
C LYS G 168 -7.37 -19.24 20.22
N ASP G 169 -8.41 -18.64 19.65
CA ASP G 169 -9.32 -19.33 18.73
C ASP G 169 -8.61 -19.71 17.46
N LEU G 170 -7.83 -18.79 16.89
CA LEU G 170 -7.12 -19.11 15.67
C LEU G 170 -6.17 -20.25 15.86
N LEU G 171 -5.42 -20.19 16.97
CA LEU G 171 -4.45 -21.22 17.33
C LEU G 171 -5.15 -22.54 17.79
N SER G 172 -6.44 -22.47 18.08
CA SER G 172 -7.24 -23.66 18.44
C SER G 172 -7.89 -24.27 17.19
N GLY G 173 -7.53 -23.78 16.01
CA GLY G 173 -8.11 -24.31 14.78
C GLY G 173 -9.50 -23.82 14.34
N LYS G 174 -10.04 -22.82 15.03
CA LYS G 174 -11.32 -22.20 14.74
C LYS G 174 -11.23 -21.11 13.62
N THR G 175 -12.16 -21.09 12.66
CA THR G 175 -12.13 -20.07 11.62
C THR G 175 -12.80 -18.87 12.25
N VAL G 176 -12.07 -17.77 12.38
CA VAL G 176 -12.64 -16.58 13.03
C VAL G 176 -13.15 -15.53 12.01
N MET G 177 -14.27 -14.90 12.34
CA MET G 177 -14.82 -13.84 11.52
C MET G 177 -14.83 -12.65 12.45
N ILE G 178 -14.41 -11.51 11.89
CA ILE G 178 -14.44 -10.29 12.65
C ILE G 178 -15.27 -9.31 11.85
N ALA G 179 -16.27 -8.74 12.51
CA ALA G 179 -17.14 -7.72 11.89
C ALA G 179 -16.78 -6.44 12.62
N ALA G 180 -16.06 -5.56 11.93
CA ALA G 180 -15.65 -4.32 12.58
C ALA G 180 -15.76 -3.15 11.64
N HIS G 181 -14.79 -2.25 11.73
CA HIS G 181 -14.84 -1.02 10.99
C HIS G 181 -13.65 -0.68 10.09
N GLY G 182 -13.80 0.41 9.34
CA GLY G 182 -12.74 0.80 8.39
C GLY G 182 -11.36 0.94 9.02
N ASN G 183 -11.27 1.74 10.09
CA ASN G 183 -9.98 1.99 10.79
C ASN G 183 -9.47 0.85 11.68
N SER G 184 -10.35 0.14 12.39
CA SER G 184 -9.89 -1.00 13.19
C SER G 184 -9.42 -2.15 12.30
N LEU G 185 -10.04 -2.33 11.13
CA LEU G 185 -9.63 -3.36 10.19
C LEU G 185 -8.39 -2.96 9.36
N ARG G 186 -8.29 -1.68 9.00
CA ARG G 186 -7.10 -1.21 8.29
C ARG G 186 -5.95 -1.39 9.32
N GLY G 187 -6.21 -1.11 10.58
CA GLY G 187 -5.20 -1.27 11.62
C GLY G 187 -4.71 -2.70 11.73
N LEU G 188 -5.63 -3.66 11.73
CA LEU G 188 -5.29 -5.08 11.86
C LEU G 188 -4.58 -5.56 10.62
N VAL G 189 -5.04 -5.08 9.47
CA VAL G 189 -4.38 -5.47 8.25
C VAL G 189 -2.96 -4.89 8.21
N LYS G 190 -2.78 -3.65 8.67
CA LYS G 190 -1.42 -3.04 8.69
C LYS G 190 -0.46 -4.00 9.48
N HIS G 191 -0.96 -4.47 10.63
CA HIS G 191 -0.24 -5.41 11.49
C HIS G 191 0.02 -6.75 10.80
N LEU G 192 -1.01 -7.38 10.24
CA LEU G 192 -0.78 -8.67 9.60
C LEU G 192 0.14 -8.59 8.40
N GLU G 193 0.10 -7.51 7.64
CA GLU G 193 0.95 -7.44 6.44
C GLU G 193 2.29 -6.67 6.53
N GLY G 194 2.53 -6.02 7.67
CA GLY G 194 3.77 -5.24 7.84
C GLY G 194 3.77 -4.02 6.94
N ILE G 195 2.59 -3.42 6.76
CA ILE G 195 2.48 -2.24 5.92
C ILE G 195 3.08 -1.06 6.69
N SER G 196 3.87 -0.23 6.00
CA SER G 196 4.52 0.90 6.64
C SER G 196 3.60 2.03 7.11
N ASP G 197 4.08 2.80 8.08
CA ASP G 197 3.34 3.91 8.62
C ASP G 197 2.94 4.90 7.51
N ALA G 198 3.81 5.07 6.52
CA ALA G 198 3.55 5.96 5.41
C ALA G 198 2.55 5.37 4.42
N ASP G 199 2.73 4.10 4.07
CA ASP G 199 1.86 3.43 3.12
C ASP G 199 0.41 3.17 3.50
N ILE G 200 0.16 2.89 4.78
CA ILE G 200 -1.16 2.55 5.27
C ILE G 200 -2.28 3.54 4.95
N ALA G 201 -1.92 4.83 4.85
CA ALA G 201 -2.86 5.93 4.50
C ALA G 201 -3.74 5.59 3.26
N LYS G 202 -3.13 4.91 2.28
CA LYS G 202 -3.77 4.55 1.03
C LYS G 202 -4.65 3.30 1.08
N LEU G 203 -4.59 2.53 2.16
CA LEU G 203 -5.40 1.31 2.20
C LEU G 203 -6.90 1.53 2.39
N ASN G 204 -7.70 0.94 1.51
CA ASN G 204 -9.16 1.02 1.71
C ASN G 204 -9.74 -0.39 1.68
N ILE G 205 -10.53 -0.69 2.69
CA ILE G 205 -11.17 -2.00 2.74
C ILE G 205 -12.63 -1.81 2.27
N PRO G 206 -12.97 -2.45 1.14
CA PRO G 206 -14.32 -2.36 0.57
C PRO G 206 -15.36 -2.86 1.58
N THR G 207 -16.42 -2.08 1.76
CA THR G 207 -17.48 -2.44 2.68
C THR G 207 -18.24 -3.63 2.12
N GLY G 208 -18.79 -4.46 3.01
CA GLY G 208 -19.58 -5.63 2.64
C GLY G 208 -18.98 -6.73 1.78
N ILE G 209 -17.65 -6.79 1.72
CA ILE G 209 -16.97 -7.84 0.95
C ILE G 209 -15.97 -8.50 1.92
N PRO G 210 -16.21 -9.78 2.23
CA PRO G 210 -15.35 -10.53 3.14
C PRO G 210 -13.92 -10.65 2.68
N LEU G 211 -12.99 -10.24 3.55
CA LEU G 211 -11.54 -10.35 3.26
C LEU G 211 -11.03 -11.60 4.02
N VAL G 212 -10.49 -12.57 3.30
CA VAL G 212 -10.02 -13.81 3.93
C VAL G 212 -8.51 -13.90 4.07
N PHE G 213 -8.06 -14.24 5.27
CA PHE G 213 -6.62 -14.45 5.52
C PHE G 213 -6.34 -15.89 5.94
N GLU G 214 -5.49 -16.56 5.18
CA GLU G 214 -5.01 -17.88 5.52
C GLU G 214 -3.64 -17.61 6.20
N LEU G 215 -3.61 -17.92 7.50
CA LEU G 215 -2.45 -17.69 8.36
C LEU G 215 -1.69 -18.96 8.74
N ASP G 216 -0.40 -18.82 9.08
CA ASP G 216 0.40 -19.95 9.52
C ASP G 216 0.39 -19.98 11.06
N GLU G 217 1.16 -20.87 11.68
CA GLU G 217 1.18 -20.98 13.14
C GLU G 217 1.64 -19.72 13.89
N ASN G 218 2.36 -18.83 13.19
CA ASN G 218 2.82 -17.57 13.79
C ASN G 218 1.86 -16.44 13.50
N LEU G 219 0.68 -16.82 12.98
CA LEU G 219 -0.40 -15.91 12.61
C LEU G 219 0.05 -14.96 11.52
N LYS G 220 0.85 -15.48 10.63
CA LYS G 220 1.35 -14.67 9.54
C LYS G 220 0.78 -15.15 8.20
N PRO G 221 0.40 -14.23 7.31
CA PRO G 221 -0.13 -14.68 6.03
C PRO G 221 0.67 -15.77 5.36
N SER G 222 0.04 -16.91 5.03
CA SER G 222 0.77 -17.99 4.35
C SER G 222 0.75 -17.78 2.84
N LYS G 223 -0.11 -16.83 2.44
CA LYS G 223 -0.34 -16.40 1.07
C LYS G 223 -1.18 -15.13 1.15
N PRO G 224 -1.22 -14.35 0.05
CA PRO G 224 -1.97 -13.09 -0.07
C PRO G 224 -3.40 -13.24 0.38
N SER G 225 -3.90 -12.21 1.07
CA SER G 225 -5.28 -12.17 1.53
C SER G 225 -6.11 -12.13 0.25
N TYR G 226 -7.38 -12.48 0.35
CA TYR G 226 -8.22 -12.48 -0.83
C TYR G 226 -9.66 -12.11 -0.48
N TYR G 227 -10.28 -11.29 -1.33
CA TYR G 227 -11.65 -10.88 -1.10
C TYR G 227 -12.51 -11.94 -1.74
N LEU G 228 -13.72 -12.12 -1.21
CA LEU G 228 -14.61 -13.13 -1.75
C LEU G 228 -15.24 -12.74 -3.12
N ASP G 229 -15.16 -11.45 -3.45
CA ASP G 229 -15.60 -10.96 -4.74
C ASP G 229 -14.37 -10.14 -5.14
N PRO G 230 -13.33 -10.80 -5.74
CA PRO G 230 -12.10 -10.12 -6.16
C PRO G 230 -12.37 -8.94 -7.12
N GLU G 231 -13.23 -9.19 -8.12
CA GLU G 231 -13.61 -8.18 -9.14
C GLU G 231 -14.32 -6.95 -8.53
N ALA G 232 -15.13 -7.16 -7.50
CA ALA G 232 -15.82 -6.05 -6.80
C ALA G 232 -14.93 -5.37 -5.75
N ALA G 233 -13.81 -6.02 -5.41
CA ALA G 233 -12.88 -5.48 -4.44
C ALA G 233 -11.94 -4.47 -5.12
N ALA G 234 -11.64 -4.69 -6.40
CA ALA G 234 -10.76 -3.79 -7.17
C ALA G 234 -11.55 -2.84 -8.08
N PRO H 1 -34.20 -9.56 41.09
CA PRO H 1 -33.84 -9.71 39.67
C PRO H 1 -35.02 -9.57 38.68
N LYS H 2 -34.70 -9.36 37.40
CA LYS H 2 -35.68 -9.20 36.33
C LYS H 2 -35.26 -10.05 35.14
N LEU H 3 -36.27 -10.75 34.60
CA LEU H 3 -36.11 -11.69 33.49
C LEU H 3 -37.21 -11.42 32.45
N VAL H 4 -36.83 -11.44 31.17
CA VAL H 4 -37.74 -11.19 30.05
C VAL H 4 -37.66 -12.39 29.13
N LEU H 5 -38.83 -12.95 28.81
CA LEU H 5 -38.93 -14.11 27.93
C LEU H 5 -39.52 -13.65 26.59
N VAL H 6 -38.91 -14.06 25.49
CA VAL H 6 -39.43 -13.69 24.20
C VAL H 6 -39.56 -14.90 23.34
N ARG H 7 -40.80 -15.22 22.97
CA ARG H 7 -41.05 -16.36 22.08
C ARG H 7 -41.08 -15.85 20.66
N HIS H 8 -40.36 -16.53 19.78
CA HIS H 8 -40.33 -16.12 18.40
C HIS H 8 -41.67 -16.34 17.71
N GLY H 9 -41.90 -15.58 16.63
CA GLY H 9 -43.13 -15.69 15.87
C GLY H 9 -42.99 -16.85 14.90
N GLN H 10 -43.93 -16.99 13.99
CA GLN H 10 -43.84 -18.14 13.11
C GLN H 10 -42.68 -18.28 12.19
N SER H 11 -42.31 -19.53 12.03
CA SER H 11 -41.23 -19.92 11.18
C SER H 11 -41.85 -20.24 9.85
N GLU H 12 -40.99 -20.40 8.87
CA GLU H 12 -41.42 -20.77 7.54
C GLU H 12 -42.18 -22.08 7.56
N TRP H 13 -41.82 -22.99 8.45
CA TRP H 13 -42.50 -24.28 8.52
C TRP H 13 -43.84 -24.19 9.17
N ASN H 14 -44.00 -23.28 10.12
CA ASN H 14 -45.29 -23.17 10.76
C ASN H 14 -46.32 -22.81 9.69
N GLU H 15 -45.93 -21.84 8.85
CA GLU H 15 -46.75 -21.33 7.76
C GLU H 15 -47.15 -22.46 6.82
N LYS H 16 -46.22 -23.38 6.58
CA LYS H 16 -46.45 -24.54 5.71
C LYS H 16 -47.02 -25.75 6.47
N ASN H 17 -47.41 -25.55 7.72
CA ASN H 17 -47.99 -26.62 8.58
C ASN H 17 -47.08 -27.86 8.76
N LEU H 18 -45.77 -27.68 8.95
CA LEU H 18 -44.85 -28.81 9.18
C LEU H 18 -44.31 -28.72 10.60
N PHE H 19 -44.22 -29.87 11.26
CA PHE H 19 -43.71 -29.95 12.63
C PHE H 19 -42.21 -29.64 12.53
N THR H 20 -41.74 -28.71 13.35
CA THR H 20 -40.34 -28.29 13.33
C THR H 20 -39.40 -28.97 14.33
N GLY H 21 -39.61 -28.67 15.61
CA GLY H 21 -38.78 -29.20 16.68
C GLY H 21 -37.35 -28.67 16.62
N TRP H 22 -36.37 -29.56 16.41
CA TRP H 22 -34.99 -29.10 16.34
C TRP H 22 -34.57 -28.80 14.91
N VAL H 23 -35.46 -28.88 13.92
CA VAL H 23 -35.03 -28.54 12.55
C VAL H 23 -34.80 -27.03 12.57
N ASP H 24 -33.64 -26.60 12.07
CA ASP H 24 -33.26 -25.20 12.10
C ASP H 24 -33.94 -24.42 11.00
N VAL H 25 -35.25 -24.30 11.13
CA VAL H 25 -36.03 -23.59 10.15
C VAL H 25 -35.93 -22.07 10.36
N LYS H 26 -35.95 -21.36 9.24
CA LYS H 26 -35.86 -19.92 9.19
C LYS H 26 -37.18 -19.28 9.64
N LEU H 27 -37.08 -18.10 10.24
CA LEU H 27 -38.23 -17.34 10.67
C LEU H 27 -38.97 -16.82 9.37
N SER H 28 -40.30 -16.71 9.40
CA SER H 28 -41.05 -16.21 8.23
C SER H 28 -41.05 -14.67 8.19
N ALA H 29 -41.38 -14.12 7.02
CA ALA H 29 -41.50 -12.68 6.89
C ALA H 29 -42.29 -12.10 8.08
N LYS H 30 -43.43 -12.69 8.44
CA LYS H 30 -44.19 -12.16 9.55
C LYS H 30 -43.54 -12.41 10.92
N GLY H 31 -42.74 -13.47 11.04
CA GLY H 31 -42.04 -13.73 12.29
C GLY H 31 -41.06 -12.59 12.57
N GLN H 32 -40.42 -12.11 11.49
CA GLN H 32 -39.49 -10.99 11.53
C GLN H 32 -40.15 -9.70 12.01
N GLN H 33 -41.40 -9.49 11.65
CA GLN H 33 -42.13 -8.28 12.04
C GLN H 33 -42.54 -8.36 13.48
N GLU H 34 -42.84 -9.57 13.93
CA GLU H 34 -43.24 -9.76 15.31
C GLU H 34 -41.98 -9.53 16.18
N ALA H 35 -40.82 -9.98 15.68
CA ALA H 35 -39.52 -9.80 16.40
C ALA H 35 -39.32 -8.29 16.63
N ALA H 36 -39.52 -7.52 15.55
CA ALA H 36 -39.39 -6.06 15.54
C ALA H 36 -40.32 -5.45 16.55
N ARG H 37 -41.55 -5.90 16.57
CA ARG H 37 -42.52 -5.42 17.53
C ARG H 37 -42.10 -5.76 18.97
N ALA H 38 -41.48 -6.92 19.14
CA ALA H 38 -41.00 -7.34 20.47
C ALA H 38 -39.93 -6.31 20.93
N GLY H 39 -39.06 -5.90 20.00
CA GLY H 39 -38.04 -4.91 20.33
C GLY H 39 -38.64 -3.57 20.70
N GLU H 40 -39.59 -3.05 19.87
CA GLU H 40 -40.26 -1.76 20.10
C GLU H 40 -40.91 -1.74 21.47
N LEU H 41 -41.47 -2.87 21.86
CA LEU H 41 -42.11 -3.06 23.18
C LEU H 41 -41.07 -3.04 24.32
N LEU H 42 -39.87 -3.58 24.07
CA LEU H 42 -38.83 -3.56 25.10
C LEU H 42 -38.47 -2.08 25.37
N LYS H 43 -38.11 -1.35 24.31
CA LYS H 43 -37.74 0.08 24.36
C LYS H 43 -38.83 0.96 24.97
N GLU H 44 -40.03 0.75 24.48
CA GLU H 44 -41.21 1.48 24.88
C GLU H 44 -41.55 1.30 26.33
N LYS H 45 -41.44 0.08 26.82
CA LYS H 45 -41.80 -0.22 28.20
C LYS H 45 -40.67 -0.09 29.18
N LYS H 46 -39.54 0.39 28.65
CA LYS H 46 -38.35 0.62 29.43
C LYS H 46 -37.82 -0.66 30.16
N VAL H 47 -37.72 -1.74 29.41
CA VAL H 47 -37.22 -3.03 29.88
C VAL H 47 -35.91 -3.12 29.12
N TYR H 48 -34.78 -2.95 29.84
CA TYR H 48 -33.47 -2.93 29.18
C TYR H 48 -32.60 -4.14 29.55
N PRO H 49 -32.54 -5.16 28.67
CA PRO H 49 -31.73 -6.35 28.98
C PRO H 49 -30.25 -6.06 29.13
N ASP H 50 -29.57 -6.71 30.07
CA ASP H 50 -28.11 -6.55 30.30
C ASP H 50 -27.32 -7.70 29.64
N VAL H 51 -28.03 -8.79 29.37
CA VAL H 51 -27.41 -9.97 28.78
C VAL H 51 -28.49 -10.79 28.08
N LEU H 52 -28.10 -11.45 27.00
CA LEU H 52 -29.03 -12.23 26.23
C LEU H 52 -28.66 -13.71 26.24
N TYR H 53 -29.69 -14.55 26.21
CA TYR H 53 -29.56 -16.00 26.15
C TYR H 53 -30.49 -16.51 25.08
N THR H 54 -29.96 -17.31 24.16
CA THR H 54 -30.80 -17.91 23.14
C THR H 54 -30.56 -19.43 23.10
N SER H 55 -31.34 -20.09 22.26
CA SER H 55 -31.23 -21.52 22.02
C SER H 55 -30.21 -21.56 20.89
N LYS H 56 -29.98 -22.73 20.32
CA LYS H 56 -29.09 -22.80 19.18
C LYS H 56 -29.88 -22.78 17.88
N LEU H 57 -31.15 -22.41 18.00
CA LEU H 57 -32.03 -22.42 16.80
C LEU H 57 -32.16 -21.01 16.18
N SER H 58 -31.81 -20.92 14.91
CA SER H 58 -31.84 -19.64 14.15
C SER H 58 -33.08 -18.76 14.34
N ARG H 59 -34.28 -19.36 14.31
CA ARG H 59 -35.51 -18.59 14.45
C ARG H 59 -35.55 -17.80 15.73
N ALA H 60 -34.99 -18.36 16.81
CA ALA H 60 -34.98 -17.65 18.08
C ALA H 60 -33.84 -16.62 18.10
N ILE H 61 -32.72 -16.98 17.46
CA ILE H 61 -31.54 -16.11 17.40
C ILE H 61 -31.85 -14.86 16.58
N GLN H 62 -32.41 -15.06 15.39
CA GLN H 62 -32.83 -13.94 14.56
C GLN H 62 -33.89 -13.05 15.27
N THR H 63 -34.77 -13.66 16.05
CA THR H 63 -35.73 -12.86 16.79
C THR H 63 -35.03 -11.92 17.77
N ALA H 64 -34.06 -12.44 18.53
CA ALA H 64 -33.31 -11.63 19.52
C ALA H 64 -32.54 -10.50 18.79
N ASN H 65 -31.95 -10.86 17.66
CA ASN H 65 -31.21 -9.92 16.84
C ASN H 65 -32.02 -8.71 16.34
N ILE H 66 -33.24 -8.99 15.87
CA ILE H 66 -34.14 -7.97 15.36
C ILE H 66 -34.72 -7.21 16.51
N ALA H 67 -35.17 -7.93 17.52
CA ALA H 67 -35.72 -7.26 18.69
C ALA H 67 -34.68 -6.32 19.38
N LEU H 68 -33.41 -6.77 19.50
CA LEU H 68 -32.37 -5.97 20.15
C LEU H 68 -31.97 -4.75 19.30
N GLU H 69 -32.07 -4.88 17.98
CA GLU H 69 -31.79 -3.76 17.11
C GLU H 69 -32.84 -2.68 17.32
N LYS H 70 -34.13 -3.02 17.34
CA LYS H 70 -35.17 -2.00 17.55
C LYS H 70 -35.09 -1.44 18.95
N ALA H 71 -34.60 -2.26 19.87
CA ALA H 71 -34.48 -1.80 21.23
C ALA H 71 -33.19 -0.99 21.43
N ASP H 72 -32.30 -1.04 20.44
CA ASP H 72 -31.01 -0.31 20.47
C ASP H 72 -30.06 -0.87 21.54
N ARG H 73 -30.06 -2.20 21.73
CA ARG H 73 -29.20 -2.86 22.71
C ARG H 73 -28.48 -4.02 22.13
N LEU H 74 -28.10 -3.87 20.89
CA LEU H 74 -27.42 -4.91 20.15
C LEU H 74 -26.06 -5.27 20.72
N TRP H 75 -25.53 -4.37 21.52
CA TRP H 75 -24.20 -4.53 22.09
C TRP H 75 -24.03 -5.52 23.24
N ILE H 76 -25.14 -5.93 23.83
CA ILE H 76 -25.10 -6.83 24.98
C ILE H 76 -24.53 -8.22 24.75
N PRO H 77 -23.91 -8.80 25.79
CA PRO H 77 -23.29 -10.14 25.73
C PRO H 77 -24.35 -11.20 25.36
N VAL H 78 -23.95 -12.22 24.61
CA VAL H 78 -24.90 -13.26 24.25
C VAL H 78 -24.30 -14.62 24.44
N ASN H 79 -25.14 -15.49 25.01
CA ASN H 79 -24.83 -16.89 25.28
C ASN H 79 -25.92 -17.72 24.64
N ARG H 80 -25.51 -18.87 24.11
CA ARG H 80 -26.40 -19.81 23.46
C ARG H 80 -26.27 -21.20 24.08
N SER H 81 -27.41 -21.89 24.21
CA SER H 81 -27.44 -23.25 24.72
C SER H 81 -28.51 -24.11 24.06
N TRP H 82 -28.17 -25.38 23.81
CA TRP H 82 -29.10 -26.37 23.25
C TRP H 82 -30.20 -26.66 24.30
N ARG H 83 -29.91 -26.41 25.56
CA ARG H 83 -30.86 -26.68 26.61
C ARG H 83 -32.03 -25.71 26.59
N LEU H 84 -31.96 -24.71 25.70
CA LEU H 84 -33.04 -23.73 25.52
C LEU H 84 -33.77 -24.03 24.20
N ASN H 85 -33.33 -25.06 23.48
CA ASN H 85 -33.95 -25.46 22.24
C ASN H 85 -35.45 -25.78 22.42
N GLU H 86 -36.16 -25.76 21.31
CA GLU H 86 -37.56 -26.12 21.30
C GLU H 86 -37.56 -27.62 21.63
N ARG H 87 -38.74 -28.13 22.00
CA ARG H 87 -38.91 -29.56 22.23
C ARG H 87 -38.59 -30.30 20.94
N HIS H 88 -37.73 -31.31 20.98
CA HIS H 88 -37.41 -32.11 19.80
C HIS H 88 -38.71 -32.88 19.44
N TYR H 89 -39.11 -32.89 18.16
CA TYR H 89 -40.38 -33.54 17.74
C TYR H 89 -40.31 -34.98 17.31
N GLY H 90 -39.14 -35.58 17.40
CA GLY H 90 -39.02 -36.96 17.05
C GLY H 90 -39.24 -37.23 15.59
N ASP H 91 -39.92 -38.35 15.30
CA ASP H 91 -40.19 -38.77 13.92
C ASP H 91 -41.23 -37.83 13.24
N LEU H 92 -41.87 -37.00 14.05
CA LEU H 92 -42.80 -36.02 13.58
C LEU H 92 -42.11 -34.81 12.94
N GLN H 93 -40.79 -34.66 13.12
CA GLN H 93 -40.06 -33.52 12.55
C GLN H 93 -40.16 -33.50 11.02
N GLY H 94 -40.66 -32.39 10.48
CA GLY H 94 -40.83 -32.29 9.05
C GLY H 94 -42.04 -33.02 8.45
N LYS H 95 -42.99 -33.44 9.29
CA LYS H 95 -44.18 -34.15 8.78
C LYS H 95 -45.27 -33.09 8.72
N ASP H 96 -46.25 -33.27 7.82
CA ASP H 96 -47.37 -32.34 7.71
C ASP H 96 -48.27 -32.57 8.94
N LYS H 97 -48.71 -31.48 9.56
CA LYS H 97 -49.53 -31.60 10.75
C LYS H 97 -50.94 -32.15 10.48
N ALA H 98 -51.56 -31.72 9.37
CA ALA H 98 -52.90 -32.20 9.03
C ALA H 98 -52.85 -33.68 8.65
N GLU H 99 -51.78 -34.11 7.98
CA GLU H 99 -51.59 -35.50 7.59
C GLU H 99 -51.35 -36.34 8.84
N THR H 100 -50.67 -35.75 9.82
CA THR H 100 -50.37 -36.45 11.07
C THR H 100 -51.66 -36.69 11.84
N LEU H 101 -52.56 -35.70 11.86
CA LEU H 101 -53.86 -35.86 12.53
C LEU H 101 -54.76 -36.93 11.88
N LYS H 102 -54.65 -37.11 10.56
CA LYS H 102 -55.45 -38.11 9.86
C LYS H 102 -54.91 -39.53 10.12
N LYS H 103 -53.61 -39.61 10.34
CA LYS H 103 -52.94 -40.89 10.60
C LYS H 103 -53.01 -41.41 12.06
N PHE H 104 -53.24 -40.52 13.03
CA PHE H 104 -53.28 -40.91 14.44
C PHE H 104 -54.63 -40.66 15.12
N GLY H 105 -55.44 -39.76 14.57
CA GLY H 105 -56.72 -39.45 15.17
C GLY H 105 -56.58 -38.32 16.17
N GLU H 106 -57.69 -37.63 16.46
CA GLU H 106 -57.72 -36.49 17.37
C GLU H 106 -57.17 -36.72 18.80
N GLU H 107 -57.06 -38.00 19.20
CA GLU H 107 -56.59 -38.40 20.52
C GLU H 107 -55.09 -38.52 20.62
N LYS H 108 -54.51 -39.43 19.84
CA LYS H 108 -53.07 -39.66 19.82
C LYS H 108 -52.33 -38.36 19.38
N PHE H 109 -52.93 -37.64 18.45
CA PHE H 109 -52.39 -36.38 17.93
C PHE H 109 -52.28 -35.34 19.04
N ASN H 110 -53.40 -35.07 19.71
CA ASN H 110 -53.47 -34.08 20.78
C ASN H 110 -52.54 -34.46 21.95
N THR H 111 -52.26 -35.75 22.09
CA THR H 111 -51.39 -36.26 23.15
C THR H 111 -49.92 -35.95 22.78
N TYR H 112 -49.55 -36.21 21.54
CA TYR H 112 -48.22 -35.93 21.08
C TYR H 112 -47.90 -34.43 21.14
N ARG H 113 -48.87 -33.60 20.78
CA ARG H 113 -48.73 -32.16 20.77
C ARG H 113 -48.79 -31.45 22.13
N ARG H 114 -49.74 -31.83 22.97
CA ARG H 114 -49.95 -31.10 24.22
C ARG H 114 -50.04 -31.84 25.56
N SER H 115 -49.50 -33.06 25.59
CA SER H 115 -49.42 -33.83 26.85
C SER H 115 -48.15 -33.36 27.53
N PHE H 116 -48.08 -33.58 28.84
CA PHE H 116 -46.91 -33.21 29.61
C PHE H 116 -45.69 -34.11 29.34
N ASP H 117 -45.95 -35.43 29.31
CA ASP H 117 -44.88 -36.42 29.21
C ASP H 117 -44.90 -37.54 28.16
N VAL H 118 -45.74 -37.44 27.14
CA VAL H 118 -45.76 -38.51 26.14
C VAL H 118 -45.02 -38.05 24.91
N PRO H 119 -43.80 -38.54 24.74
CA PRO H 119 -43.02 -38.14 23.58
C PRO H 119 -43.38 -38.83 22.30
N PRO H 120 -43.12 -38.18 21.16
CA PRO H 120 -43.38 -38.74 19.82
C PRO H 120 -42.40 -39.90 19.62
N PRO H 121 -42.63 -40.75 18.62
CA PRO H 121 -41.69 -41.84 18.40
C PRO H 121 -40.34 -41.19 18.13
N PRO H 122 -39.21 -41.85 18.49
CA PRO H 122 -37.89 -41.26 18.22
C PRO H 122 -37.63 -41.22 16.71
N ILE H 123 -36.83 -40.25 16.26
CA ILE H 123 -36.52 -40.11 14.85
C ILE H 123 -35.25 -40.91 14.59
N ASP H 124 -35.17 -41.56 13.44
CA ASP H 124 -34.00 -42.33 13.10
C ASP H 124 -32.84 -41.38 12.80
N ALA H 125 -31.63 -41.78 13.22
CA ALA H 125 -30.38 -41.01 13.04
C ALA H 125 -30.06 -40.67 11.59
N SER H 126 -30.60 -41.44 10.66
CA SER H 126 -30.38 -41.25 9.22
C SER H 126 -31.46 -40.41 8.48
N SER H 127 -32.47 -39.91 9.20
CA SER H 127 -33.52 -39.09 8.58
C SER H 127 -33.00 -37.70 8.17
N PRO H 128 -33.55 -37.14 7.07
CA PRO H 128 -33.09 -35.81 6.66
C PRO H 128 -33.47 -34.79 7.74
N PHE H 129 -34.46 -35.14 8.60
CA PHE H 129 -34.96 -34.27 9.69
C PHE H 129 -34.40 -34.57 11.08
N SER H 130 -33.32 -35.33 11.06
CA SER H 130 -32.58 -35.69 12.28
C SER H 130 -31.37 -34.76 12.46
N GLN H 131 -31.15 -34.32 13.70
CA GLN H 131 -30.03 -33.44 14.03
C GLN H 131 -28.83 -34.22 14.59
N LYS H 132 -28.89 -35.55 14.57
CA LYS H 132 -27.78 -36.36 15.07
C LYS H 132 -26.49 -36.03 14.31
N GLY H 133 -25.47 -35.59 15.05
CA GLY H 133 -24.19 -35.28 14.45
C GLY H 133 -24.06 -33.88 13.89
N ASP H 134 -25.00 -33.01 14.25
CA ASP H 134 -24.98 -31.63 13.80
C ASP H 134 -23.83 -30.80 14.44
N GLU H 135 -23.11 -30.11 13.58
CA GLU H 135 -22.02 -29.27 13.98
C GLU H 135 -22.24 -28.41 15.20
N ARG H 136 -23.43 -27.87 15.35
CA ARG H 136 -23.64 -26.97 16.47
C ARG H 136 -23.73 -27.62 17.83
N TYR H 137 -23.81 -28.96 17.85
CA TYR H 137 -23.93 -29.73 19.10
C TYR H 137 -22.69 -30.59 19.35
N LYS H 138 -21.66 -30.42 18.52
CA LYS H 138 -20.44 -31.24 18.60
C LYS H 138 -19.57 -31.27 19.87
N TYR H 139 -19.78 -30.32 20.76
CA TYR H 139 -19.00 -30.24 21.99
C TYR H 139 -19.87 -30.61 23.17
N VAL H 140 -21.05 -31.17 22.87
CA VAL H 140 -22.00 -31.65 23.88
C VAL H 140 -21.85 -33.18 23.86
N ASP H 141 -21.92 -33.80 25.05
CA ASP H 141 -21.85 -35.26 25.23
C ASP H 141 -22.91 -35.85 24.30
N PRO H 142 -22.49 -36.69 23.31
CA PRO H 142 -23.44 -37.30 22.36
C PRO H 142 -24.63 -38.01 22.99
N ASN H 143 -24.38 -38.66 24.13
CA ASN H 143 -25.38 -39.44 24.87
C ASN H 143 -26.60 -38.69 25.41
N VAL H 144 -26.43 -37.41 25.71
CA VAL H 144 -27.53 -36.60 26.24
C VAL H 144 -28.47 -35.97 25.15
N LEU H 145 -27.99 -35.85 23.92
CA LEU H 145 -28.76 -35.21 22.87
C LEU H 145 -30.05 -36.03 22.54
N PRO H 146 -31.24 -35.44 22.71
CA PRO H 146 -32.49 -36.18 22.43
C PRO H 146 -32.79 -36.56 20.99
N GLU H 147 -33.53 -37.65 20.81
CA GLU H 147 -33.94 -38.10 19.48
C GLU H 147 -35.45 -37.96 19.44
N THR H 148 -35.98 -37.45 20.55
CA THR H 148 -37.39 -37.18 20.73
C THR H 148 -37.58 -36.64 22.14
N GLU H 149 -38.59 -35.79 22.33
CA GLU H 149 -38.84 -35.27 23.68
C GLU H 149 -40.29 -34.97 23.97
N SER H 150 -40.58 -34.84 25.26
CA SER H 150 -41.88 -34.43 25.74
C SER H 150 -41.58 -33.13 26.50
N LEU H 151 -42.61 -32.39 26.94
CA LEU H 151 -42.34 -31.17 27.68
C LEU H 151 -41.56 -31.56 28.97
N ALA H 152 -41.99 -32.64 29.61
CA ALA H 152 -41.34 -33.11 30.85
C ALA H 152 -39.84 -33.23 30.67
N LEU H 153 -39.45 -33.82 29.54
CA LEU H 153 -38.05 -34.04 29.21
C LEU H 153 -37.33 -32.73 28.87
N VAL H 154 -38.05 -31.79 28.27
CA VAL H 154 -37.48 -30.48 27.94
C VAL H 154 -37.11 -29.84 29.25
N ILE H 155 -38.03 -29.83 30.20
CA ILE H 155 -37.78 -29.28 31.52
C ILE H 155 -36.55 -29.91 32.21
N ASP H 156 -36.43 -31.25 32.21
CA ASP H 156 -35.28 -31.94 32.85
C ASP H 156 -33.93 -31.46 32.31
N ARG H 157 -33.81 -31.25 31.01
CA ARG H 157 -32.55 -30.77 30.42
C ARG H 157 -32.33 -29.27 30.48
N LEU H 158 -33.42 -28.53 30.63
CA LEU H 158 -33.32 -27.09 30.68
C LEU H 158 -32.88 -26.58 32.03
N LEU H 159 -33.55 -27.04 33.08
CA LEU H 159 -33.28 -26.55 34.45
C LEU H 159 -31.82 -26.36 34.93
N PRO H 160 -30.88 -27.28 34.58
CA PRO H 160 -29.46 -27.18 34.96
C PRO H 160 -28.80 -25.90 34.40
N TYR H 161 -29.17 -25.52 33.18
CA TYR H 161 -28.63 -24.33 32.55
C TYR H 161 -29.23 -23.12 33.25
N TRP H 162 -30.48 -23.22 33.61
CA TRP H 162 -31.13 -22.14 34.33
C TRP H 162 -30.50 -22.01 35.75
N GLN H 163 -30.30 -23.16 36.42
CA GLN H 163 -29.78 -23.22 37.78
C GLN H 163 -28.38 -22.67 37.98
N ASP H 164 -27.51 -22.91 36.99
CA ASP H 164 -26.14 -22.48 37.10
C ASP H 164 -25.79 -21.25 36.30
N VAL H 165 -26.13 -21.27 35.01
CA VAL H 165 -25.77 -20.17 34.12
C VAL H 165 -26.69 -18.96 34.14
N ILE H 166 -27.97 -19.14 33.87
CA ILE H 166 -28.86 -18.00 33.88
C ILE H 166 -29.00 -17.43 35.29
N ALA H 167 -29.06 -18.31 36.27
CA ALA H 167 -29.18 -17.84 37.66
C ALA H 167 -28.01 -16.99 38.11
N LYS H 168 -26.78 -17.28 37.67
CA LYS H 168 -25.66 -16.46 38.12
C LYS H 168 -25.88 -15.02 37.68
N ASP H 169 -26.28 -14.84 36.42
CA ASP H 169 -26.54 -13.48 35.95
C ASP H 169 -27.63 -12.76 36.73
N LEU H 170 -28.75 -13.45 36.94
CA LEU H 170 -29.89 -12.87 37.67
C LEU H 170 -29.47 -12.51 39.10
N LEU H 171 -28.75 -13.40 39.76
CA LEU H 171 -28.29 -13.19 41.12
C LEU H 171 -27.15 -12.15 41.19
N SER H 172 -26.57 -11.82 40.04
CA SER H 172 -25.55 -10.78 39.96
C SER H 172 -26.23 -9.42 39.66
N GLY H 173 -27.56 -9.37 39.69
CA GLY H 173 -28.25 -8.09 39.42
C GLY H 173 -28.42 -7.66 37.96
N LYS H 174 -28.16 -8.55 37.02
CA LYS H 174 -28.31 -8.27 35.59
C LYS H 174 -29.70 -8.68 35.07
N THR H 175 -30.32 -7.84 34.23
CA THR H 175 -31.65 -8.10 33.63
C THR H 175 -31.39 -9.06 32.48
N VAL H 176 -31.92 -10.26 32.60
CA VAL H 176 -31.69 -11.27 31.59
C VAL H 176 -32.81 -11.39 30.56
N MET H 177 -32.44 -11.48 29.31
CA MET H 177 -33.42 -11.69 28.26
C MET H 177 -33.19 -13.11 27.72
N ILE H 178 -34.26 -13.87 27.56
CA ILE H 178 -34.14 -15.21 26.97
C ILE H 178 -35.01 -15.21 25.72
N ALA H 179 -34.40 -15.48 24.57
CA ALA H 179 -35.16 -15.59 23.35
C ALA H 179 -35.17 -17.09 23.08
N ALA H 180 -36.31 -17.74 23.30
CA ALA H 180 -36.40 -19.16 23.09
C ALA H 180 -37.64 -19.62 22.34
N HIS H 181 -38.18 -20.76 22.77
CA HIS H 181 -39.29 -21.43 22.11
C HIS H 181 -40.47 -21.82 22.97
N GLY H 182 -41.55 -22.24 22.31
CA GLY H 182 -42.79 -22.62 22.97
C GLY H 182 -42.64 -23.57 24.15
N ASN H 183 -42.08 -24.74 23.91
CA ASN H 183 -41.91 -25.69 25.01
C ASN H 183 -40.88 -25.30 26.07
N SER H 184 -39.72 -24.79 25.65
CA SER H 184 -38.71 -24.40 26.64
C SER H 184 -39.14 -23.25 27.51
N LEU H 185 -39.91 -22.32 26.93
CA LEU H 185 -40.35 -21.17 27.70
C LEU H 185 -41.55 -21.53 28.59
N ARG H 186 -42.42 -22.42 28.11
CA ARG H 186 -43.55 -22.86 28.94
C ARG H 186 -42.98 -23.69 30.09
N GLY H 187 -41.97 -24.50 29.75
CA GLY H 187 -41.25 -25.31 30.72
C GLY H 187 -40.67 -24.41 31.79
N LEU H 188 -39.95 -23.35 31.40
CA LEU H 188 -39.44 -22.42 32.38
C LEU H 188 -40.56 -21.73 33.21
N VAL H 189 -41.66 -21.35 32.56
CA VAL H 189 -42.74 -20.70 33.31
C VAL H 189 -43.40 -21.67 34.28
N LYS H 190 -43.52 -22.94 33.86
CA LYS H 190 -44.11 -23.97 34.73
C LYS H 190 -43.32 -24.05 36.04
N HIS H 191 -41.99 -24.07 35.89
CA HIS H 191 -41.07 -24.13 37.02
C HIS H 191 -41.17 -22.86 37.89
N LEU H 192 -41.11 -21.69 37.26
CA LEU H 192 -41.18 -20.45 38.00
C LEU H 192 -42.49 -20.20 38.78
N GLU H 193 -43.60 -20.59 38.18
CA GLU H 193 -44.92 -20.39 38.79
C GLU H 193 -45.46 -21.59 39.59
N GLY H 194 -44.81 -22.74 39.48
CA GLY H 194 -45.26 -23.91 40.22
C GLY H 194 -46.54 -24.49 39.67
N ILE H 195 -46.68 -24.44 38.35
CA ILE H 195 -47.86 -24.96 37.66
C ILE H 195 -47.74 -26.50 37.67
N SER H 196 -48.86 -27.21 37.88
CA SER H 196 -48.84 -28.68 37.96
C SER H 196 -48.65 -29.35 36.62
N ASP H 197 -48.35 -30.65 36.64
CA ASP H 197 -48.14 -31.43 35.40
C ASP H 197 -49.43 -31.35 34.56
N ALA H 198 -50.57 -31.30 35.22
CA ALA H 198 -51.87 -31.25 34.55
C ALA H 198 -52.27 -29.89 33.97
N ASP H 199 -52.00 -28.83 34.71
CA ASP H 199 -52.37 -27.47 34.31
C ASP H 199 -51.50 -26.83 33.20
N ILE H 200 -50.26 -27.30 33.05
CA ILE H 200 -49.37 -26.73 32.06
C ILE H 200 -49.84 -26.77 30.60
N ALA H 201 -50.61 -27.78 30.23
CA ALA H 201 -51.12 -27.89 28.85
C ALA H 201 -51.99 -26.72 28.44
N LYS H 202 -52.59 -26.07 29.44
CA LYS H 202 -53.45 -24.91 29.25
C LYS H 202 -52.66 -23.66 28.85
N LEU H 203 -51.53 -23.43 29.54
CA LEU H 203 -50.68 -22.28 29.31
C LEU H 203 -50.24 -22.11 27.87
N ASN H 204 -50.58 -20.95 27.37
CA ASN H 204 -50.17 -20.56 26.04
C ASN H 204 -49.31 -19.32 26.30
N ILE H 205 -48.19 -19.27 25.61
CA ILE H 205 -47.30 -18.12 25.67
C ILE H 205 -47.40 -17.53 24.26
N PRO H 206 -47.96 -16.31 24.15
CA PRO H 206 -48.08 -15.70 22.81
C PRO H 206 -46.75 -15.30 22.23
N THR H 207 -46.66 -15.34 20.92
CA THR H 207 -45.43 -14.99 20.22
C THR H 207 -45.22 -13.47 20.01
N GLY H 208 -43.93 -13.07 19.90
CA GLY H 208 -43.54 -11.69 19.70
C GLY H 208 -43.94 -10.69 20.76
N ILE H 209 -44.28 -11.18 21.96
CA ILE H 209 -44.64 -10.31 23.09
C ILE H 209 -43.73 -10.64 24.33
N PRO H 210 -42.86 -9.70 24.75
CA PRO H 210 -42.00 -9.99 25.91
C PRO H 210 -42.83 -10.26 27.15
N LEU H 211 -42.43 -11.26 27.91
CA LEU H 211 -43.13 -11.62 29.13
C LEU H 211 -42.09 -11.33 30.23
N VAL H 212 -42.44 -10.44 31.15
CA VAL H 212 -41.54 -10.05 32.21
C VAL H 212 -41.83 -10.62 33.57
N PHE H 213 -40.77 -11.18 34.16
CA PHE H 213 -40.80 -11.75 35.51
C PHE H 213 -39.85 -10.97 36.42
N GLU H 214 -40.38 -10.39 37.50
CA GLU H 214 -39.60 -9.70 38.51
C GLU H 214 -39.54 -10.83 39.55
N LEU H 215 -38.33 -11.17 39.96
CA LEU H 215 -38.10 -12.29 40.86
C LEU H 215 -37.43 -11.80 42.14
N ASP H 216 -37.55 -12.59 43.22
CA ASP H 216 -36.92 -12.25 44.49
C ASP H 216 -35.56 -12.94 44.55
N GLU H 217 -34.90 -12.91 45.70
CA GLU H 217 -33.58 -13.54 45.89
C GLU H 217 -33.56 -15.08 45.76
N ASN H 218 -34.74 -15.70 45.75
CA ASN H 218 -34.84 -17.14 45.59
C ASN H 218 -35.32 -17.44 44.17
N LEU H 219 -35.26 -16.42 43.30
CA LEU H 219 -35.67 -16.59 41.93
C LEU H 219 -37.14 -17.01 41.73
N LYS H 220 -37.97 -16.65 42.71
CA LYS H 220 -39.41 -16.92 42.67
C LYS H 220 -40.10 -15.53 42.43
N PRO H 221 -41.15 -15.46 41.59
CA PRO H 221 -41.89 -14.22 41.29
C PRO H 221 -42.18 -13.30 42.49
N SER H 222 -41.73 -12.04 42.43
CA SER H 222 -41.96 -11.04 43.51
C SER H 222 -43.37 -10.44 43.43
N LYS H 223 -43.93 -10.49 42.22
CA LYS H 223 -45.27 -10.01 41.90
C LYS H 223 -45.64 -10.87 40.68
N PRO H 224 -46.90 -10.79 40.17
CA PRO H 224 -47.18 -11.65 39.00
C PRO H 224 -46.52 -11.24 37.69
N SER H 225 -46.31 -12.24 36.83
CA SER H 225 -45.70 -11.98 35.54
C SER H 225 -46.59 -11.05 34.70
N TYR H 226 -45.99 -10.36 33.74
CA TYR H 226 -46.77 -9.49 32.90
C TYR H 226 -46.20 -9.35 31.52
N TYR H 227 -47.10 -9.39 30.55
CA TYR H 227 -46.73 -9.19 29.16
C TYR H 227 -46.53 -7.65 29.01
N LEU H 228 -45.74 -7.25 28.02
CA LEU H 228 -45.50 -5.82 27.78
C LEU H 228 -46.64 -5.14 26.99
N ASP H 229 -47.53 -5.98 26.47
CA ASP H 229 -48.73 -5.54 25.76
C ASP H 229 -49.76 -6.53 26.32
N PRO H 230 -50.28 -6.26 27.53
CA PRO H 230 -51.25 -7.15 28.16
C PRO H 230 -52.52 -7.47 27.33
N GLU H 231 -52.99 -6.47 26.58
CA GLU H 231 -54.20 -6.58 25.74
C GLU H 231 -54.00 -7.58 24.59
N ALA H 232 -52.96 -7.35 23.80
CA ALA H 232 -52.63 -8.21 22.66
C ALA H 232 -52.28 -9.67 23.01
N ALA H 233 -51.75 -9.87 24.22
CA ALA H 233 -51.38 -11.19 24.73
C ALA H 233 -52.59 -11.96 25.27
N ALA H 234 -53.62 -11.20 25.72
CA ALA H 234 -54.86 -11.74 26.28
C ALA H 234 -55.95 -12.10 25.25
N ALA H 235 -55.76 -11.72 23.99
CA ALA H 235 -56.71 -12.02 22.93
C ALA H 235 -56.17 -13.15 22.04
S SO4 I . 35.45 39.28 -41.95
O1 SO4 I . 34.71 38.11 -42.43
O2 SO4 I . 34.69 40.52 -42.27
O3 SO4 I . 35.61 39.24 -40.49
O4 SO4 I . 36.75 39.29 -42.61
S SO4 J . 31.48 43.09 -46.30
O1 SO4 J . 32.43 43.65 -47.30
O2 SO4 J . 30.12 42.91 -46.87
O3 SO4 J . 31.99 41.77 -45.86
O4 SO4 J . 31.40 43.99 -45.12
S SO4 K . 40.79 18.99 -11.45
O1 SO4 K . 41.08 17.68 -10.80
O2 SO4 K . 39.61 18.83 -12.25
O3 SO4 K . 40.44 20.05 -10.48
O4 SO4 K . 41.89 19.36 -12.38
S SO4 L . 41.62 13.13 -7.70
O1 SO4 L . 42.43 12.50 -8.77
O2 SO4 L . 40.76 12.09 -7.10
O3 SO4 L . 42.51 13.80 -6.70
O4 SO4 L . 40.74 14.16 -8.31
S SO4 M . -1.90 -7.12 -20.81
O1 SO4 M . -0.67 -6.49 -21.29
O2 SO4 M . -1.80 -7.34 -19.36
O3 SO4 M . -3.12 -6.32 -21.05
O4 SO4 M . -1.89 -8.37 -21.60
S SO4 N . 1.05 -9.07 -14.46
O1 SO4 N . 0.99 -10.53 -14.31
O2 SO4 N . 2.33 -8.56 -13.91
O3 SO4 N . 0.96 -8.85 -15.92
O4 SO4 N . -0.06 -8.41 -13.75
S SO4 O . -11.32 18.56 -45.55
O1 SO4 O . -10.88 19.10 -46.85
O2 SO4 O . -10.14 18.49 -44.69
O3 SO4 O . -12.33 19.37 -44.85
O4 SO4 O . -11.76 17.18 -45.75
S SO4 P . -11.77 22.51 -51.29
O1 SO4 P . -10.72 22.21 -52.29
O2 SO4 P . -12.01 23.95 -51.21
O3 SO4 P . -13.04 21.89 -51.73
O4 SO4 P . -11.38 22.00 -49.94
S SO4 Q . -13.65 -37.56 54.53
O1 SO4 Q . -14.56 -36.52 54.06
O2 SO4 Q . -14.15 -38.90 54.14
O3 SO4 Q . -12.32 -37.39 53.94
O4 SO4 Q . -13.56 -37.44 55.99
S SO4 R . -18.88 -42.12 53.60
O1 SO4 R . -19.21 -42.63 54.95
O2 SO4 R . -20.07 -42.15 52.70
O3 SO4 R . -18.41 -40.72 53.71
O4 SO4 R . -17.80 -42.93 53.00
N ALA S . -4.80 -53.28 46.36
CA ALA S . -4.35 -53.91 47.60
C ALA S . -5.45 -53.88 48.66
O ALA S . -5.92 -52.77 48.95
CB ALA S . -3.09 -53.22 48.13
S SO4 T . 12.75 -14.69 42.24
O1 SO4 T . 13.30 -13.31 42.07
O2 SO4 T . 11.45 -14.73 41.63
O3 SO4 T . 13.54 -15.70 41.54
O4 SO4 T . 12.54 -14.98 43.69
S SO4 U . 15.66 -8.52 40.65
O1 SO4 U . 15.08 -7.87 41.84
O2 SO4 U . 15.64 -7.55 39.53
O3 SO4 U . 17.05 -8.99 40.95
O4 SO4 U . 14.83 -9.68 40.26
S SO4 V . -19.68 5.30 8.46
O1 SO4 V . -19.40 4.79 9.80
O2 SO4 V . -18.41 5.63 7.81
O3 SO4 V . -20.38 4.34 7.60
O4 SO4 V . -20.50 6.48 8.79
S SO4 W . -12.99 8.04 7.64
O1 SO4 W . -13.07 9.48 7.41
O2 SO4 W . -11.82 7.72 8.50
O3 SO4 W . -14.26 7.70 8.33
O4 SO4 W . -12.85 7.29 6.38
S SO4 X . -42.48 -23.01 14.70
O1 SO4 X . -43.32 -23.58 15.78
O2 SO4 X . -41.17 -22.74 15.28
O3 SO4 X . -42.29 -23.88 13.54
O4 SO4 X . -43.05 -21.72 14.34
S SO4 Y . -47.16 -27.36 17.49
O1 SO4 Y . -47.53 -27.02 18.89
O2 SO4 Y . -47.03 -28.82 17.36
O3 SO4 Y . -48.24 -26.94 16.59
O4 SO4 Y . -45.87 -26.73 17.13
#